data_3EVY
# 
_entry.id   3EVY 
# 
_audit_conform.dict_name       mmcif_pdbx.dic 
_audit_conform.dict_version    5.383 
_audit_conform.dict_location   http://mmcif.pdb.org/dictionaries/ascii/mmcif_pdbx.dic 
# 
loop_
_database_2.database_id 
_database_2.database_code 
_database_2.pdbx_database_accession 
_database_2.pdbx_DOI 
PDB   3EVY         pdb_00003evy 10.2210/pdb3evy/pdb 
RCSB  RCSB049834   ?            ?                   
WWPDB D_1000049834 ?            ?                   
# 
loop_
_pdbx_audit_revision_history.ordinal 
_pdbx_audit_revision_history.data_content_type 
_pdbx_audit_revision_history.major_revision 
_pdbx_audit_revision_history.minor_revision 
_pdbx_audit_revision_history.revision_date 
1 'Structure model' 1 0 2008-10-21 
2 'Structure model' 1 1 2011-07-13 
3 'Structure model' 1 2 2017-10-25 
4 'Structure model' 1 3 2018-11-14 
5 'Structure model' 1 4 2021-02-10 
6 'Structure model' 1 5 2023-12-27 
# 
_pdbx_audit_revision_details.ordinal             1 
_pdbx_audit_revision_details.revision_ordinal    1 
_pdbx_audit_revision_details.data_content_type   'Structure model' 
_pdbx_audit_revision_details.provider            repository 
_pdbx_audit_revision_details.type                'Initial release' 
_pdbx_audit_revision_details.description         ? 
_pdbx_audit_revision_details.details             ? 
# 
loop_
_pdbx_audit_revision_group.ordinal 
_pdbx_audit_revision_group.revision_ordinal 
_pdbx_audit_revision_group.data_content_type 
_pdbx_audit_revision_group.group 
1 2 'Structure model' 'Version format compliance' 
2 3 'Structure model' 'Refinement description'    
3 4 'Structure model' 'Data collection'           
4 4 'Structure model' 'Structure summary'         
5 5 'Structure model' 'Database references'       
6 5 'Structure model' 'Structure summary'         
7 6 'Structure model' 'Data collection'           
8 6 'Structure model' 'Database references'       
# 
loop_
_pdbx_audit_revision_category.ordinal 
_pdbx_audit_revision_category.revision_ordinal 
_pdbx_audit_revision_category.data_content_type 
_pdbx_audit_revision_category.category 
1 3 'Structure model' software           
2 4 'Structure model' audit_author       
3 5 'Structure model' audit_author       
4 5 'Structure model' citation_author    
5 5 'Structure model' struct_ref_seq_dif 
6 6 'Structure model' chem_comp_atom     
7 6 'Structure model' chem_comp_bond     
8 6 'Structure model' database_2         
# 
loop_
_pdbx_audit_revision_item.ordinal 
_pdbx_audit_revision_item.revision_ordinal 
_pdbx_audit_revision_item.data_content_type 
_pdbx_audit_revision_item.item 
1 4 'Structure model' '_audit_author.identifier_ORCID'      
2 5 'Structure model' '_audit_author.identifier_ORCID'      
3 5 'Structure model' '_citation_author.identifier_ORCID'   
4 5 'Structure model' '_struct_ref_seq_dif.details'         
5 6 'Structure model' '_database_2.pdbx_DOI'                
6 6 'Structure model' '_database_2.pdbx_database_accession' 
# 
_pdbx_database_status.entry_id                        3EVY 
_pdbx_database_status.deposit_site                    RCSB 
_pdbx_database_status.process_site                    RCSB 
_pdbx_database_status.recvd_initial_deposition_date   2008-10-13 
_pdbx_database_status.status_code                     REL 
_pdbx_database_status.status_code_sf                  REL 
_pdbx_database_status.status_code_mr                  ? 
_pdbx_database_status.SG_entry                        Y 
_pdbx_database_status.pdb_format_compatible           Y 
_pdbx_database_status.status_code_cs                  ? 
_pdbx_database_status.methods_development_category    ? 
_pdbx_database_status.status_code_nmr_data            ? 
# 
_pdbx_database_related.db_name        TargetDB 
_pdbx_database_related.db_id          NYSGXRC-10357n 
_pdbx_database_related.details        . 
_pdbx_database_related.content_type   unspecified 
# 
loop_
_audit_author.name 
_audit_author.pdbx_ordinal 
_audit_author.identifier_ORCID 
'Bonanno, J.B.'                                                  1  ?                   
'Gilmore, M.'                                                    2  ?                   
'Bain, K.T.'                                                     3  ?                   
'Miller, S.'                                                     4  ?                   
'Sampathkumar, P.'                                               5  ?                   
'Wasserman, S.'                                                  6  ?                   
'Sauder, J.M.'                                                   7  0000-0002-0254-4955 
'Burley, S.K.'                                                   8  0000-0002-2487-9713 
'Almo, S.C.'                                                     9  ?                   
'New York SGX Research Center for Structural Genomics (NYSGXRC)' 10 ?                   
# 
_citation.id                        primary 
_citation.title                     
'Crystal structure of a fragment of a putative type I restriction enzyme R protein from Bacteroides fragilis' 
_citation.journal_abbrev            'To be Published' 
_citation.journal_volume            ? 
_citation.page_first                ? 
_citation.page_last                 ? 
_citation.year                      ? 
_citation.journal_id_ASTM           ? 
_citation.country                   ? 
_citation.journal_id_ISSN           ? 
_citation.journal_id_CSD            0353 
_citation.book_publisher            ? 
_citation.pdbx_database_id_PubMed   ? 
_citation.pdbx_database_id_DOI      ? 
# 
loop_
_citation_author.citation_id 
_citation_author.name 
_citation_author.ordinal 
_citation_author.identifier_ORCID 
primary 'Bonanno, J.B.'    1 ?                   
primary 'Gilmore, M.'      2 ?                   
primary 'Bain, K.T.'       3 ?                   
primary 'Miller, S.'       4 ?                   
primary 'Sampathkumar, P.' 5 ?                   
primary 'Wasserman, S.'    6 ?                   
primary 'Sauder, J.M.'     7 ?                   
primary 'Burley, S.K.'     8 0000-0002-2487-9713 
primary 'Almo, S.C.'       9 ?                   
# 
loop_
_entity.id 
_entity.type 
_entity.src_method 
_entity.pdbx_description 
_entity.formula_weight 
_entity.pdbx_number_of_molecules 
_entity.pdbx_ec 
_entity.pdbx_mutation 
_entity.pdbx_fragment 
_entity.details 
1 polymer man 'Putative type I restriction enzyme R protein' 27848.344 2   ? ? 'residues 656-884' ? 
2 water   nat water                                          18.015    109 ? ? ?                  ? 
# 
_entity_poly.entity_id                      1 
_entity_poly.type                           'polypeptide(L)' 
_entity_poly.nstd_linkage                   no 
_entity_poly.nstd_monomer                   no 
_entity_poly.pdbx_seq_one_letter_code       
;MSLSSEVVLMKPYEKLVERFNEMAAEFLSYFPTVKSVGNLESELDKRRFVILFRAMLRLRNEVKGYNEFDAEDLTIEEQR
FADYQSKYLDMSNEFAITSEKEDAESILQDIDFELELVHRDIINVMYILALLQDLKPESSSYPKDRKAVLDTMDSNPELR
SKIALIDNFIKLHIDGRQSNDLPADMESDLDKYIATQKAIAIEQVATEEGIDSTLLHEYISEYEYLGKPKNEGHHHHHH
;
_entity_poly.pdbx_seq_one_letter_code_can   
;MSLSSEVVLMKPYEKLVERFNEMAAEFLSYFPTVKSVGNLESELDKRRFVILFRAMLRLRNEVKGYNEFDAEDLTIEEQR
FADYQSKYLDMSNEFAITSEKEDAESILQDIDFELELVHRDIINVMYILALLQDLKPESSSYPKDRKAVLDTMDSNPELR
SKIALIDNFIKLHIDGRQSNDLPADMESDLDKYIATQKAIAIEQVATEEGIDSTLLHEYISEYEYLGKPKNEGHHHHHH
;
_entity_poly.pdbx_strand_id                 A,B 
_entity_poly.pdbx_target_identifier         NYSGXRC-10357n 
# 
_pdbx_entity_nonpoly.entity_id   2 
_pdbx_entity_nonpoly.name        water 
_pdbx_entity_nonpoly.comp_id     HOH 
# 
loop_
_entity_poly_seq.entity_id 
_entity_poly_seq.num 
_entity_poly_seq.mon_id 
_entity_poly_seq.hetero 
1 1   MET n 
1 2   SER n 
1 3   LEU n 
1 4   SER n 
1 5   SER n 
1 6   GLU n 
1 7   VAL n 
1 8   VAL n 
1 9   LEU n 
1 10  MET n 
1 11  LYS n 
1 12  PRO n 
1 13  TYR n 
1 14  GLU n 
1 15  LYS n 
1 16  LEU n 
1 17  VAL n 
1 18  GLU n 
1 19  ARG n 
1 20  PHE n 
1 21  ASN n 
1 22  GLU n 
1 23  MET n 
1 24  ALA n 
1 25  ALA n 
1 26  GLU n 
1 27  PHE n 
1 28  LEU n 
1 29  SER n 
1 30  TYR n 
1 31  PHE n 
1 32  PRO n 
1 33  THR n 
1 34  VAL n 
1 35  LYS n 
1 36  SER n 
1 37  VAL n 
1 38  GLY n 
1 39  ASN n 
1 40  LEU n 
1 41  GLU n 
1 42  SER n 
1 43  GLU n 
1 44  LEU n 
1 45  ASP n 
1 46  LYS n 
1 47  ARG n 
1 48  ARG n 
1 49  PHE n 
1 50  VAL n 
1 51  ILE n 
1 52  LEU n 
1 53  PHE n 
1 54  ARG n 
1 55  ALA n 
1 56  MET n 
1 57  LEU n 
1 58  ARG n 
1 59  LEU n 
1 60  ARG n 
1 61  ASN n 
1 62  GLU n 
1 63  VAL n 
1 64  LYS n 
1 65  GLY n 
1 66  TYR n 
1 67  ASN n 
1 68  GLU n 
1 69  PHE n 
1 70  ASP n 
1 71  ALA n 
1 72  GLU n 
1 73  ASP n 
1 74  LEU n 
1 75  THR n 
1 76  ILE n 
1 77  GLU n 
1 78  GLU n 
1 79  GLN n 
1 80  ARG n 
1 81  PHE n 
1 82  ALA n 
1 83  ASP n 
1 84  TYR n 
1 85  GLN n 
1 86  SER n 
1 87  LYS n 
1 88  TYR n 
1 89  LEU n 
1 90  ASP n 
1 91  MET n 
1 92  SER n 
1 93  ASN n 
1 94  GLU n 
1 95  PHE n 
1 96  ALA n 
1 97  ILE n 
1 98  THR n 
1 99  SER n 
1 100 GLU n 
1 101 LYS n 
1 102 GLU n 
1 103 ASP n 
1 104 ALA n 
1 105 GLU n 
1 106 SER n 
1 107 ILE n 
1 108 LEU n 
1 109 GLN n 
1 110 ASP n 
1 111 ILE n 
1 112 ASP n 
1 113 PHE n 
1 114 GLU n 
1 115 LEU n 
1 116 GLU n 
1 117 LEU n 
1 118 VAL n 
1 119 HIS n 
1 120 ARG n 
1 121 ASP n 
1 122 ILE n 
1 123 ILE n 
1 124 ASN n 
1 125 VAL n 
1 126 MET n 
1 127 TYR n 
1 128 ILE n 
1 129 LEU n 
1 130 ALA n 
1 131 LEU n 
1 132 LEU n 
1 133 GLN n 
1 134 ASP n 
1 135 LEU n 
1 136 LYS n 
1 137 PRO n 
1 138 GLU n 
1 139 SER n 
1 140 SER n 
1 141 SER n 
1 142 TYR n 
1 143 PRO n 
1 144 LYS n 
1 145 ASP n 
1 146 ARG n 
1 147 LYS n 
1 148 ALA n 
1 149 VAL n 
1 150 LEU n 
1 151 ASP n 
1 152 THR n 
1 153 MET n 
1 154 ASP n 
1 155 SER n 
1 156 ASN n 
1 157 PRO n 
1 158 GLU n 
1 159 LEU n 
1 160 ARG n 
1 161 SER n 
1 162 LYS n 
1 163 ILE n 
1 164 ALA n 
1 165 LEU n 
1 166 ILE n 
1 167 ASP n 
1 168 ASN n 
1 169 PHE n 
1 170 ILE n 
1 171 LYS n 
1 172 LEU n 
1 173 HIS n 
1 174 ILE n 
1 175 ASP n 
1 176 GLY n 
1 177 ARG n 
1 178 GLN n 
1 179 SER n 
1 180 ASN n 
1 181 ASP n 
1 182 LEU n 
1 183 PRO n 
1 184 ALA n 
1 185 ASP n 
1 186 MET n 
1 187 GLU n 
1 188 SER n 
1 189 ASP n 
1 190 LEU n 
1 191 ASP n 
1 192 LYS n 
1 193 TYR n 
1 194 ILE n 
1 195 ALA n 
1 196 THR n 
1 197 GLN n 
1 198 LYS n 
1 199 ALA n 
1 200 ILE n 
1 201 ALA n 
1 202 ILE n 
1 203 GLU n 
1 204 GLN n 
1 205 VAL n 
1 206 ALA n 
1 207 THR n 
1 208 GLU n 
1 209 GLU n 
1 210 GLY n 
1 211 ILE n 
1 212 ASP n 
1 213 SER n 
1 214 THR n 
1 215 LEU n 
1 216 LEU n 
1 217 HIS n 
1 218 GLU n 
1 219 TYR n 
1 220 ILE n 
1 221 SER n 
1 222 GLU n 
1 223 TYR n 
1 224 GLU n 
1 225 TYR n 
1 226 LEU n 
1 227 GLY n 
1 228 LYS n 
1 229 PRO n 
1 230 LYS n 
1 231 ASN n 
1 232 GLU n 
1 233 GLY n 
1 234 HIS n 
1 235 HIS n 
1 236 HIS n 
1 237 HIS n 
1 238 HIS n 
1 239 HIS n 
# 
_entity_src_gen.entity_id                          1 
_entity_src_gen.pdbx_src_id                        1 
_entity_src_gen.pdbx_alt_source_flag               sample 
_entity_src_gen.pdbx_seq_type                      ? 
_entity_src_gen.pdbx_beg_seq_num                   ? 
_entity_src_gen.pdbx_end_seq_num                   ? 
_entity_src_gen.gene_src_common_name               ? 
_entity_src_gen.gene_src_genus                     ? 
_entity_src_gen.pdbx_gene_src_gene                 'BF1836, hsdR' 
_entity_src_gen.gene_src_species                   ? 
_entity_src_gen.gene_src_strain                    'ATCC 25285' 
_entity_src_gen.gene_src_tissue                    ? 
_entity_src_gen.gene_src_tissue_fraction           ? 
_entity_src_gen.gene_src_details                   ? 
_entity_src_gen.pdbx_gene_src_fragment             ? 
_entity_src_gen.pdbx_gene_src_scientific_name      'Bacteroides fragilis NCTC 9343' 
_entity_src_gen.pdbx_gene_src_ncbi_taxonomy_id     272559 
_entity_src_gen.pdbx_gene_src_variant              ? 
_entity_src_gen.pdbx_gene_src_cell_line            ? 
_entity_src_gen.pdbx_gene_src_atcc                 ? 
_entity_src_gen.pdbx_gene_src_organ                ? 
_entity_src_gen.pdbx_gene_src_organelle            ? 
_entity_src_gen.pdbx_gene_src_cell                 ? 
_entity_src_gen.pdbx_gene_src_cellular_location    ? 
_entity_src_gen.host_org_common_name               ? 
_entity_src_gen.pdbx_host_org_scientific_name      'Escherichia coli' 
_entity_src_gen.pdbx_host_org_ncbi_taxonomy_id     562 
_entity_src_gen.host_org_genus                     ? 
_entity_src_gen.pdbx_host_org_gene                 ? 
_entity_src_gen.pdbx_host_org_organ                ? 
_entity_src_gen.host_org_species                   ? 
_entity_src_gen.pdbx_host_org_tissue               ? 
_entity_src_gen.pdbx_host_org_tissue_fraction      ? 
_entity_src_gen.pdbx_host_org_strain               'BL21(DE3)' 
_entity_src_gen.pdbx_host_org_variant              ? 
_entity_src_gen.pdbx_host_org_cell_line            ? 
_entity_src_gen.pdbx_host_org_atcc                 ? 
_entity_src_gen.pdbx_host_org_culture_collection   ? 
_entity_src_gen.pdbx_host_org_cell                 ? 
_entity_src_gen.pdbx_host_org_organelle            ? 
_entity_src_gen.pdbx_host_org_cellular_location    ? 
_entity_src_gen.pdbx_host_org_vector_type          plasmid 
_entity_src_gen.pdbx_host_org_vector               ? 
_entity_src_gen.host_org_details                   ? 
_entity_src_gen.expression_system_id               ? 
_entity_src_gen.plasmid_name                       'modified pET26' 
_entity_src_gen.plasmid_details                    ? 
_entity_src_gen.pdbx_description                   ? 
# 
loop_
_chem_comp.id 
_chem_comp.type 
_chem_comp.mon_nstd_flag 
_chem_comp.name 
_chem_comp.pdbx_synonyms 
_chem_comp.formula 
_chem_comp.formula_weight 
ALA 'L-peptide linking' y ALANINE         ? 'C3 H7 N O2'     89.093  
ARG 'L-peptide linking' y ARGININE        ? 'C6 H15 N4 O2 1' 175.209 
ASN 'L-peptide linking' y ASPARAGINE      ? 'C4 H8 N2 O3'    132.118 
ASP 'L-peptide linking' y 'ASPARTIC ACID' ? 'C4 H7 N O4'     133.103 
GLN 'L-peptide linking' y GLUTAMINE       ? 'C5 H10 N2 O3'   146.144 
GLU 'L-peptide linking' y 'GLUTAMIC ACID' ? 'C5 H9 N O4'     147.129 
GLY 'peptide linking'   y GLYCINE         ? 'C2 H5 N O2'     75.067  
HIS 'L-peptide linking' y HISTIDINE       ? 'C6 H10 N3 O2 1' 156.162 
HOH non-polymer         . WATER           ? 'H2 O'           18.015  
ILE 'L-peptide linking' y ISOLEUCINE      ? 'C6 H13 N O2'    131.173 
LEU 'L-peptide linking' y LEUCINE         ? 'C6 H13 N O2'    131.173 
LYS 'L-peptide linking' y LYSINE          ? 'C6 H15 N2 O2 1' 147.195 
MET 'L-peptide linking' y METHIONINE      ? 'C5 H11 N O2 S'  149.211 
PHE 'L-peptide linking' y PHENYLALANINE   ? 'C9 H11 N O2'    165.189 
PRO 'L-peptide linking' y PROLINE         ? 'C5 H9 N O2'     115.130 
SER 'L-peptide linking' y SERINE          ? 'C3 H7 N O3'     105.093 
THR 'L-peptide linking' y THREONINE       ? 'C4 H9 N O3'     119.119 
TYR 'L-peptide linking' y TYROSINE        ? 'C9 H11 N O3'    181.189 
VAL 'L-peptide linking' y VALINE          ? 'C5 H11 N O2'    117.146 
# 
loop_
_pdbx_poly_seq_scheme.asym_id 
_pdbx_poly_seq_scheme.entity_id 
_pdbx_poly_seq_scheme.seq_id 
_pdbx_poly_seq_scheme.mon_id 
_pdbx_poly_seq_scheme.ndb_seq_num 
_pdbx_poly_seq_scheme.pdb_seq_num 
_pdbx_poly_seq_scheme.auth_seq_num 
_pdbx_poly_seq_scheme.pdb_mon_id 
_pdbx_poly_seq_scheme.auth_mon_id 
_pdbx_poly_seq_scheme.pdb_strand_id 
_pdbx_poly_seq_scheme.pdb_ins_code 
_pdbx_poly_seq_scheme.hetero 
A 1 1   MET 1   653 ?   ?   ?   A . n 
A 1 2   SER 2   654 ?   ?   ?   A . n 
A 1 3   LEU 3   655 ?   ?   ?   A . n 
A 1 4   SER 4   656 ?   ?   ?   A . n 
A 1 5   SER 5   657 ?   ?   ?   A . n 
A 1 6   GLU 6   658 ?   ?   ?   A . n 
A 1 7   VAL 7   659 ?   ?   ?   A . n 
A 1 8   VAL 8   660 ?   ?   ?   A . n 
A 1 9   LEU 9   661 ?   ?   ?   A . n 
A 1 10  MET 10  662 662 MET MET A . n 
A 1 11  LYS 11  663 663 LYS LYS A . n 
A 1 12  PRO 12  664 664 PRO PRO A . n 
A 1 13  TYR 13  665 665 TYR TYR A . n 
A 1 14  GLU 14  666 666 GLU GLU A . n 
A 1 15  LYS 15  667 667 LYS LYS A . n 
A 1 16  LEU 16  668 668 LEU LEU A . n 
A 1 17  VAL 17  669 669 VAL VAL A . n 
A 1 18  GLU 18  670 670 GLU GLU A . n 
A 1 19  ARG 19  671 671 ARG ARG A . n 
A 1 20  PHE 20  672 672 PHE PHE A . n 
A 1 21  ASN 21  673 673 ASN ASN A . n 
A 1 22  GLU 22  674 674 GLU GLU A . n 
A 1 23  MET 23  675 675 MET MET A . n 
A 1 24  ALA 24  676 676 ALA ALA A . n 
A 1 25  ALA 25  677 677 ALA ALA A . n 
A 1 26  GLU 26  678 678 GLU GLU A . n 
A 1 27  PHE 27  679 679 PHE PHE A . n 
A 1 28  LEU 28  680 680 LEU LEU A . n 
A 1 29  SER 29  681 681 SER SER A . n 
A 1 30  TYR 30  682 682 TYR TYR A . n 
A 1 31  PHE 31  683 683 PHE PHE A . n 
A 1 32  PRO 32  684 684 PRO PRO A . n 
A 1 33  THR 33  685 685 THR THR A . n 
A 1 34  VAL 34  686 686 VAL VAL A . n 
A 1 35  LYS 35  687 687 LYS LYS A . n 
A 1 36  SER 36  688 688 SER SER A . n 
A 1 37  VAL 37  689 689 VAL VAL A . n 
A 1 38  GLY 38  690 690 GLY GLY A . n 
A 1 39  ASN 39  691 691 ASN ASN A . n 
A 1 40  LEU 40  692 692 LEU LEU A . n 
A 1 41  GLU 41  693 693 GLU GLU A . n 
A 1 42  SER 42  694 694 SER SER A . n 
A 1 43  GLU 43  695 695 GLU GLU A . n 
A 1 44  LEU 44  696 696 LEU LEU A . n 
A 1 45  ASP 45  697 697 ASP ASP A . n 
A 1 46  LYS 46  698 698 LYS LYS A . n 
A 1 47  ARG 47  699 699 ARG ARG A . n 
A 1 48  ARG 48  700 700 ARG ARG A . n 
A 1 49  PHE 49  701 701 PHE PHE A . n 
A 1 50  VAL 50  702 702 VAL VAL A . n 
A 1 51  ILE 51  703 703 ILE ILE A . n 
A 1 52  LEU 52  704 704 LEU LEU A . n 
A 1 53  PHE 53  705 705 PHE PHE A . n 
A 1 54  ARG 54  706 706 ARG ARG A . n 
A 1 55  ALA 55  707 707 ALA ALA A . n 
A 1 56  MET 56  708 708 MET MET A . n 
A 1 57  LEU 57  709 709 LEU LEU A . n 
A 1 58  ARG 58  710 710 ARG ARG A . n 
A 1 59  LEU 59  711 711 LEU LEU A . n 
A 1 60  ARG 60  712 712 ARG ARG A . n 
A 1 61  ASN 61  713 713 ASN ASN A . n 
A 1 62  GLU 62  714 714 GLU GLU A . n 
A 1 63  VAL 63  715 715 VAL VAL A . n 
A 1 64  LYS 64  716 716 LYS LYS A . n 
A 1 65  GLY 65  717 717 GLY GLY A . n 
A 1 66  TYR 66  718 718 TYR TYR A . n 
A 1 67  ASN 67  719 719 ASN ASN A . n 
A 1 68  GLU 68  720 720 GLU GLU A . n 
A 1 69  PHE 69  721 721 PHE PHE A . n 
A 1 70  ASP 70  722 722 ASP ASP A . n 
A 1 71  ALA 71  723 723 ALA ALA A . n 
A 1 72  GLU 72  724 724 GLU GLU A . n 
A 1 73  ASP 73  725 725 ASP ASP A . n 
A 1 74  LEU 74  726 726 LEU LEU A . n 
A 1 75  THR 75  727 727 THR THR A . n 
A 1 76  ILE 76  728 728 ILE ILE A . n 
A 1 77  GLU 77  729 729 GLU GLU A . n 
A 1 78  GLU 78  730 730 GLU GLU A . n 
A 1 79  GLN 79  731 731 GLN GLN A . n 
A 1 80  ARG 80  732 732 ARG ARG A . n 
A 1 81  PHE 81  733 733 PHE PHE A . n 
A 1 82  ALA 82  734 734 ALA ALA A . n 
A 1 83  ASP 83  735 735 ASP ASP A . n 
A 1 84  TYR 84  736 736 TYR TYR A . n 
A 1 85  GLN 85  737 737 GLN GLN A . n 
A 1 86  SER 86  738 738 SER SER A . n 
A 1 87  LYS 87  739 739 LYS LYS A . n 
A 1 88  TYR 88  740 740 TYR TYR A . n 
A 1 89  LEU 89  741 741 LEU LEU A . n 
A 1 90  ASP 90  742 742 ASP ASP A . n 
A 1 91  MET 91  743 743 MET MET A . n 
A 1 92  SER 92  744 744 SER SER A . n 
A 1 93  ASN 93  745 ?   ?   ?   A . n 
A 1 94  GLU 94  746 ?   ?   ?   A . n 
A 1 95  PHE 95  747 ?   ?   ?   A . n 
A 1 96  ALA 96  748 ?   ?   ?   A . n 
A 1 97  ILE 97  749 ?   ?   ?   A . n 
A 1 98  THR 98  750 ?   ?   ?   A . n 
A 1 99  SER 99  751 ?   ?   ?   A . n 
A 1 100 GLU 100 752 ?   ?   ?   A . n 
A 1 101 LYS 101 753 ?   ?   ?   A . n 
A 1 102 GLU 102 754 ?   ?   ?   A . n 
A 1 103 ASP 103 755 ?   ?   ?   A . n 
A 1 104 ALA 104 756 ?   ?   ?   A . n 
A 1 105 GLU 105 757 ?   ?   ?   A . n 
A 1 106 SER 106 758 ?   ?   ?   A . n 
A 1 107 ILE 107 759 ?   ?   ?   A . n 
A 1 108 LEU 108 760 ?   ?   ?   A . n 
A 1 109 GLN 109 761 ?   ?   ?   A . n 
A 1 110 ASP 110 762 ?   ?   ?   A . n 
A 1 111 ILE 111 763 ?   ?   ?   A . n 
A 1 112 ASP 112 764 ?   ?   ?   A . n 
A 1 113 PHE 113 765 ?   ?   ?   A . n 
A 1 114 GLU 114 766 ?   ?   ?   A . n 
A 1 115 LEU 115 767 ?   ?   ?   A . n 
A 1 116 GLU 116 768 ?   ?   ?   A . n 
A 1 117 LEU 117 769 ?   ?   ?   A . n 
A 1 118 VAL 118 770 ?   ?   ?   A . n 
A 1 119 HIS 119 771 ?   ?   ?   A . n 
A 1 120 ARG 120 772 ?   ?   ?   A . n 
A 1 121 ASP 121 773 ?   ?   ?   A . n 
A 1 122 ILE 122 774 ?   ?   ?   A . n 
A 1 123 ILE 123 775 ?   ?   ?   A . n 
A 1 124 ASN 124 776 ?   ?   ?   A . n 
A 1 125 VAL 125 777 ?   ?   ?   A . n 
A 1 126 MET 126 778 ?   ?   ?   A . n 
A 1 127 TYR 127 779 ?   ?   ?   A . n 
A 1 128 ILE 128 780 ?   ?   ?   A . n 
A 1 129 LEU 129 781 ?   ?   ?   A . n 
A 1 130 ALA 130 782 ?   ?   ?   A . n 
A 1 131 LEU 131 783 ?   ?   ?   A . n 
A 1 132 LEU 132 784 ?   ?   ?   A . n 
A 1 133 GLN 133 785 ?   ?   ?   A . n 
A 1 134 ASP 134 786 ?   ?   ?   A . n 
A 1 135 LEU 135 787 ?   ?   ?   A . n 
A 1 136 LYS 136 788 ?   ?   ?   A . n 
A 1 137 PRO 137 789 ?   ?   ?   A . n 
A 1 138 GLU 138 790 ?   ?   ?   A . n 
A 1 139 SER 139 791 ?   ?   ?   A . n 
A 1 140 SER 140 792 ?   ?   ?   A . n 
A 1 141 SER 141 793 ?   ?   ?   A . n 
A 1 142 TYR 142 794 ?   ?   ?   A . n 
A 1 143 PRO 143 795 ?   ?   ?   A . n 
A 1 144 LYS 144 796 ?   ?   ?   A . n 
A 1 145 ASP 145 797 ?   ?   ?   A . n 
A 1 146 ARG 146 798 ?   ?   ?   A . n 
A 1 147 LYS 147 799 ?   ?   ?   A . n 
A 1 148 ALA 148 800 ?   ?   ?   A . n 
A 1 149 VAL 149 801 ?   ?   ?   A . n 
A 1 150 LEU 150 802 ?   ?   ?   A . n 
A 1 151 ASP 151 803 ?   ?   ?   A . n 
A 1 152 THR 152 804 ?   ?   ?   A . n 
A 1 153 MET 153 805 ?   ?   ?   A . n 
A 1 154 ASP 154 806 ?   ?   ?   A . n 
A 1 155 SER 155 807 ?   ?   ?   A . n 
A 1 156 ASN 156 808 ?   ?   ?   A . n 
A 1 157 PRO 157 809 ?   ?   ?   A . n 
A 1 158 GLU 158 810 ?   ?   ?   A . n 
A 1 159 LEU 159 811 ?   ?   ?   A . n 
A 1 160 ARG 160 812 ?   ?   ?   A . n 
A 1 161 SER 161 813 ?   ?   ?   A . n 
A 1 162 LYS 162 814 ?   ?   ?   A . n 
A 1 163 ILE 163 815 ?   ?   ?   A . n 
A 1 164 ALA 164 816 ?   ?   ?   A . n 
A 1 165 LEU 165 817 ?   ?   ?   A . n 
A 1 166 ILE 166 818 ?   ?   ?   A . n 
A 1 167 ASP 167 819 ?   ?   ?   A . n 
A 1 168 ASN 168 820 ?   ?   ?   A . n 
A 1 169 PHE 169 821 ?   ?   ?   A . n 
A 1 170 ILE 170 822 ?   ?   ?   A . n 
A 1 171 LYS 171 823 ?   ?   ?   A . n 
A 1 172 LEU 172 824 ?   ?   ?   A . n 
A 1 173 HIS 173 825 ?   ?   ?   A . n 
A 1 174 ILE 174 826 ?   ?   ?   A . n 
A 1 175 ASP 175 827 ?   ?   ?   A . n 
A 1 176 GLY 176 828 ?   ?   ?   A . n 
A 1 177 ARG 177 829 ?   ?   ?   A . n 
A 1 178 GLN 178 830 ?   ?   ?   A . n 
A 1 179 SER 179 831 ?   ?   ?   A . n 
A 1 180 ASN 180 832 ?   ?   ?   A . n 
A 1 181 ASP 181 833 ?   ?   ?   A . n 
A 1 182 LEU 182 834 ?   ?   ?   A . n 
A 1 183 PRO 183 835 ?   ?   ?   A . n 
A 1 184 ALA 184 836 ?   ?   ?   A . n 
A 1 185 ASP 185 837 ?   ?   ?   A . n 
A 1 186 MET 186 838 ?   ?   ?   A . n 
A 1 187 GLU 187 839 ?   ?   ?   A . n 
A 1 188 SER 188 840 ?   ?   ?   A . n 
A 1 189 ASP 189 841 ?   ?   ?   A . n 
A 1 190 LEU 190 842 ?   ?   ?   A . n 
A 1 191 ASP 191 843 ?   ?   ?   A . n 
A 1 192 LYS 192 844 ?   ?   ?   A . n 
A 1 193 TYR 193 845 ?   ?   ?   A . n 
A 1 194 ILE 194 846 ?   ?   ?   A . n 
A 1 195 ALA 195 847 ?   ?   ?   A . n 
A 1 196 THR 196 848 ?   ?   ?   A . n 
A 1 197 GLN 197 849 ?   ?   ?   A . n 
A 1 198 LYS 198 850 ?   ?   ?   A . n 
A 1 199 ALA 199 851 ?   ?   ?   A . n 
A 1 200 ILE 200 852 ?   ?   ?   A . n 
A 1 201 ALA 201 853 ?   ?   ?   A . n 
A 1 202 ILE 202 854 ?   ?   ?   A . n 
A 1 203 GLU 203 855 ?   ?   ?   A . n 
A 1 204 GLN 204 856 ?   ?   ?   A . n 
A 1 205 VAL 205 857 ?   ?   ?   A . n 
A 1 206 ALA 206 858 ?   ?   ?   A . n 
A 1 207 THR 207 859 ?   ?   ?   A . n 
A 1 208 GLU 208 860 ?   ?   ?   A . n 
A 1 209 GLU 209 861 ?   ?   ?   A . n 
A 1 210 GLY 210 862 ?   ?   ?   A . n 
A 1 211 ILE 211 863 ?   ?   ?   A . n 
A 1 212 ASP 212 864 ?   ?   ?   A . n 
A 1 213 SER 213 865 ?   ?   ?   A . n 
A 1 214 THR 214 866 ?   ?   ?   A . n 
A 1 215 LEU 215 867 ?   ?   ?   A . n 
A 1 216 LEU 216 868 ?   ?   ?   A . n 
A 1 217 HIS 217 869 ?   ?   ?   A . n 
A 1 218 GLU 218 870 ?   ?   ?   A . n 
A 1 219 TYR 219 871 ?   ?   ?   A . n 
A 1 220 ILE 220 872 ?   ?   ?   A . n 
A 1 221 SER 221 873 ?   ?   ?   A . n 
A 1 222 GLU 222 874 ?   ?   ?   A . n 
A 1 223 TYR 223 875 ?   ?   ?   A . n 
A 1 224 GLU 224 876 ?   ?   ?   A . n 
A 1 225 TYR 225 877 ?   ?   ?   A . n 
A 1 226 LEU 226 878 ?   ?   ?   A . n 
A 1 227 GLY 227 879 ?   ?   ?   A . n 
A 1 228 LYS 228 880 ?   ?   ?   A . n 
A 1 229 PRO 229 881 ?   ?   ?   A . n 
A 1 230 LYS 230 882 ?   ?   ?   A . n 
A 1 231 ASN 231 883 ?   ?   ?   A . n 
A 1 232 GLU 232 884 ?   ?   ?   A . n 
A 1 233 GLY 233 885 ?   ?   ?   A . n 
A 1 234 HIS 234 886 ?   ?   ?   A . n 
A 1 235 HIS 235 887 ?   ?   ?   A . n 
A 1 236 HIS 236 888 ?   ?   ?   A . n 
A 1 237 HIS 237 889 ?   ?   ?   A . n 
A 1 238 HIS 238 890 ?   ?   ?   A . n 
A 1 239 HIS 239 891 ?   ?   ?   A . n 
B 1 1   MET 1   653 ?   ?   ?   B . n 
B 1 2   SER 2   654 ?   ?   ?   B . n 
B 1 3   LEU 3   655 ?   ?   ?   B . n 
B 1 4   SER 4   656 ?   ?   ?   B . n 
B 1 5   SER 5   657 ?   ?   ?   B . n 
B 1 6   GLU 6   658 ?   ?   ?   B . n 
B 1 7   VAL 7   659 ?   ?   ?   B . n 
B 1 8   VAL 8   660 ?   ?   ?   B . n 
B 1 9   LEU 9   661 661 LEU LEU B . n 
B 1 10  MET 10  662 662 MET MET B . n 
B 1 11  LYS 11  663 663 LYS LYS B . n 
B 1 12  PRO 12  664 664 PRO PRO B . n 
B 1 13  TYR 13  665 665 TYR TYR B . n 
B 1 14  GLU 14  666 666 GLU GLU B . n 
B 1 15  LYS 15  667 667 LYS LYS B . n 
B 1 16  LEU 16  668 668 LEU LEU B . n 
B 1 17  VAL 17  669 669 VAL VAL B . n 
B 1 18  GLU 18  670 670 GLU GLU B . n 
B 1 19  ARG 19  671 671 ARG ARG B . n 
B 1 20  PHE 20  672 672 PHE PHE B . n 
B 1 21  ASN 21  673 673 ASN ASN B . n 
B 1 22  GLU 22  674 674 GLU GLU B . n 
B 1 23  MET 23  675 675 MET MET B . n 
B 1 24  ALA 24  676 676 ALA ALA B . n 
B 1 25  ALA 25  677 677 ALA ALA B . n 
B 1 26  GLU 26  678 678 GLU GLU B . n 
B 1 27  PHE 27  679 679 PHE PHE B . n 
B 1 28  LEU 28  680 680 LEU LEU B . n 
B 1 29  SER 29  681 681 SER SER B . n 
B 1 30  TYR 30  682 682 TYR TYR B . n 
B 1 31  PHE 31  683 683 PHE PHE B . n 
B 1 32  PRO 32  684 684 PRO PRO B . n 
B 1 33  THR 33  685 685 THR THR B . n 
B 1 34  VAL 34  686 686 VAL VAL B . n 
B 1 35  LYS 35  687 687 LYS LYS B . n 
B 1 36  SER 36  688 688 SER SER B . n 
B 1 37  VAL 37  689 689 VAL VAL B . n 
B 1 38  GLY 38  690 690 GLY GLY B . n 
B 1 39  ASN 39  691 691 ASN ASN B . n 
B 1 40  LEU 40  692 692 LEU LEU B . n 
B 1 41  GLU 41  693 693 GLU GLU B . n 
B 1 42  SER 42  694 694 SER SER B . n 
B 1 43  GLU 43  695 695 GLU GLU B . n 
B 1 44  LEU 44  696 696 LEU LEU B . n 
B 1 45  ASP 45  697 697 ASP ASP B . n 
B 1 46  LYS 46  698 698 LYS LYS B . n 
B 1 47  ARG 47  699 699 ARG ARG B . n 
B 1 48  ARG 48  700 700 ARG ARG B . n 
B 1 49  PHE 49  701 701 PHE PHE B . n 
B 1 50  VAL 50  702 702 VAL VAL B . n 
B 1 51  ILE 51  703 703 ILE ILE B . n 
B 1 52  LEU 52  704 704 LEU LEU B . n 
B 1 53  PHE 53  705 705 PHE PHE B . n 
B 1 54  ARG 54  706 706 ARG ARG B . n 
B 1 55  ALA 55  707 707 ALA ALA B . n 
B 1 56  MET 56  708 708 MET MET B . n 
B 1 57  LEU 57  709 709 LEU LEU B . n 
B 1 58  ARG 58  710 710 ARG ARG B . n 
B 1 59  LEU 59  711 711 LEU LEU B . n 
B 1 60  ARG 60  712 712 ARG ARG B . n 
B 1 61  ASN 61  713 713 ASN ASN B . n 
B 1 62  GLU 62  714 714 GLU GLU B . n 
B 1 63  VAL 63  715 715 VAL VAL B . n 
B 1 64  LYS 64  716 716 LYS LYS B . n 
B 1 65  GLY 65  717 717 GLY GLY B . n 
B 1 66  TYR 66  718 718 TYR TYR B . n 
B 1 67  ASN 67  719 719 ASN ASN B . n 
B 1 68  GLU 68  720 720 GLU GLU B . n 
B 1 69  PHE 69  721 721 PHE PHE B . n 
B 1 70  ASP 70  722 722 ASP ASP B . n 
B 1 71  ALA 71  723 723 ALA ALA B . n 
B 1 72  GLU 72  724 724 GLU GLU B . n 
B 1 73  ASP 73  725 725 ASP ASP B . n 
B 1 74  LEU 74  726 726 LEU LEU B . n 
B 1 75  THR 75  727 727 THR THR B . n 
B 1 76  ILE 76  728 728 ILE ILE B . n 
B 1 77  GLU 77  729 729 GLU GLU B . n 
B 1 78  GLU 78  730 730 GLU GLU B . n 
B 1 79  GLN 79  731 731 GLN GLN B . n 
B 1 80  ARG 80  732 732 ARG ARG B . n 
B 1 81  PHE 81  733 733 PHE PHE B . n 
B 1 82  ALA 82  734 734 ALA ALA B . n 
B 1 83  ASP 83  735 735 ASP ASP B . n 
B 1 84  TYR 84  736 736 TYR TYR B . n 
B 1 85  GLN 85  737 737 GLN GLN B . n 
B 1 86  SER 86  738 738 SER SER B . n 
B 1 87  LYS 87  739 739 LYS LYS B . n 
B 1 88  TYR 88  740 740 TYR TYR B . n 
B 1 89  LEU 89  741 741 LEU LEU B . n 
B 1 90  ASP 90  742 742 ASP ASP B . n 
B 1 91  MET 91  743 743 MET MET B . n 
B 1 92  SER 92  744 744 SER SER B . n 
B 1 93  ASN 93  745 ?   ?   ?   B . n 
B 1 94  GLU 94  746 ?   ?   ?   B . n 
B 1 95  PHE 95  747 ?   ?   ?   B . n 
B 1 96  ALA 96  748 ?   ?   ?   B . n 
B 1 97  ILE 97  749 ?   ?   ?   B . n 
B 1 98  THR 98  750 ?   ?   ?   B . n 
B 1 99  SER 99  751 ?   ?   ?   B . n 
B 1 100 GLU 100 752 ?   ?   ?   B . n 
B 1 101 LYS 101 753 ?   ?   ?   B . n 
B 1 102 GLU 102 754 ?   ?   ?   B . n 
B 1 103 ASP 103 755 ?   ?   ?   B . n 
B 1 104 ALA 104 756 ?   ?   ?   B . n 
B 1 105 GLU 105 757 ?   ?   ?   B . n 
B 1 106 SER 106 758 ?   ?   ?   B . n 
B 1 107 ILE 107 759 ?   ?   ?   B . n 
B 1 108 LEU 108 760 ?   ?   ?   B . n 
B 1 109 GLN 109 761 ?   ?   ?   B . n 
B 1 110 ASP 110 762 ?   ?   ?   B . n 
B 1 111 ILE 111 763 ?   ?   ?   B . n 
B 1 112 ASP 112 764 ?   ?   ?   B . n 
B 1 113 PHE 113 765 ?   ?   ?   B . n 
B 1 114 GLU 114 766 ?   ?   ?   B . n 
B 1 115 LEU 115 767 ?   ?   ?   B . n 
B 1 116 GLU 116 768 ?   ?   ?   B . n 
B 1 117 LEU 117 769 ?   ?   ?   B . n 
B 1 118 VAL 118 770 ?   ?   ?   B . n 
B 1 119 HIS 119 771 ?   ?   ?   B . n 
B 1 120 ARG 120 772 ?   ?   ?   B . n 
B 1 121 ASP 121 773 ?   ?   ?   B . n 
B 1 122 ILE 122 774 ?   ?   ?   B . n 
B 1 123 ILE 123 775 ?   ?   ?   B . n 
B 1 124 ASN 124 776 ?   ?   ?   B . n 
B 1 125 VAL 125 777 ?   ?   ?   B . n 
B 1 126 MET 126 778 ?   ?   ?   B . n 
B 1 127 TYR 127 779 ?   ?   ?   B . n 
B 1 128 ILE 128 780 ?   ?   ?   B . n 
B 1 129 LEU 129 781 ?   ?   ?   B . n 
B 1 130 ALA 130 782 ?   ?   ?   B . n 
B 1 131 LEU 131 783 ?   ?   ?   B . n 
B 1 132 LEU 132 784 ?   ?   ?   B . n 
B 1 133 GLN 133 785 ?   ?   ?   B . n 
B 1 134 ASP 134 786 ?   ?   ?   B . n 
B 1 135 LEU 135 787 ?   ?   ?   B . n 
B 1 136 LYS 136 788 ?   ?   ?   B . n 
B 1 137 PRO 137 789 ?   ?   ?   B . n 
B 1 138 GLU 138 790 ?   ?   ?   B . n 
B 1 139 SER 139 791 ?   ?   ?   B . n 
B 1 140 SER 140 792 ?   ?   ?   B . n 
B 1 141 SER 141 793 ?   ?   ?   B . n 
B 1 142 TYR 142 794 ?   ?   ?   B . n 
B 1 143 PRO 143 795 ?   ?   ?   B . n 
B 1 144 LYS 144 796 ?   ?   ?   B . n 
B 1 145 ASP 145 797 ?   ?   ?   B . n 
B 1 146 ARG 146 798 ?   ?   ?   B . n 
B 1 147 LYS 147 799 ?   ?   ?   B . n 
B 1 148 ALA 148 800 ?   ?   ?   B . n 
B 1 149 VAL 149 801 ?   ?   ?   B . n 
B 1 150 LEU 150 802 ?   ?   ?   B . n 
B 1 151 ASP 151 803 ?   ?   ?   B . n 
B 1 152 THR 152 804 ?   ?   ?   B . n 
B 1 153 MET 153 805 ?   ?   ?   B . n 
B 1 154 ASP 154 806 ?   ?   ?   B . n 
B 1 155 SER 155 807 ?   ?   ?   B . n 
B 1 156 ASN 156 808 ?   ?   ?   B . n 
B 1 157 PRO 157 809 ?   ?   ?   B . n 
B 1 158 GLU 158 810 ?   ?   ?   B . n 
B 1 159 LEU 159 811 ?   ?   ?   B . n 
B 1 160 ARG 160 812 ?   ?   ?   B . n 
B 1 161 SER 161 813 ?   ?   ?   B . n 
B 1 162 LYS 162 814 ?   ?   ?   B . n 
B 1 163 ILE 163 815 ?   ?   ?   B . n 
B 1 164 ALA 164 816 ?   ?   ?   B . n 
B 1 165 LEU 165 817 ?   ?   ?   B . n 
B 1 166 ILE 166 818 ?   ?   ?   B . n 
B 1 167 ASP 167 819 ?   ?   ?   B . n 
B 1 168 ASN 168 820 ?   ?   ?   B . n 
B 1 169 PHE 169 821 ?   ?   ?   B . n 
B 1 170 ILE 170 822 ?   ?   ?   B . n 
B 1 171 LYS 171 823 ?   ?   ?   B . n 
B 1 172 LEU 172 824 ?   ?   ?   B . n 
B 1 173 HIS 173 825 ?   ?   ?   B . n 
B 1 174 ILE 174 826 ?   ?   ?   B . n 
B 1 175 ASP 175 827 ?   ?   ?   B . n 
B 1 176 GLY 176 828 ?   ?   ?   B . n 
B 1 177 ARG 177 829 ?   ?   ?   B . n 
B 1 178 GLN 178 830 ?   ?   ?   B . n 
B 1 179 SER 179 831 ?   ?   ?   B . n 
B 1 180 ASN 180 832 ?   ?   ?   B . n 
B 1 181 ASP 181 833 ?   ?   ?   B . n 
B 1 182 LEU 182 834 ?   ?   ?   B . n 
B 1 183 PRO 183 835 ?   ?   ?   B . n 
B 1 184 ALA 184 836 ?   ?   ?   B . n 
B 1 185 ASP 185 837 ?   ?   ?   B . n 
B 1 186 MET 186 838 ?   ?   ?   B . n 
B 1 187 GLU 187 839 ?   ?   ?   B . n 
B 1 188 SER 188 840 ?   ?   ?   B . n 
B 1 189 ASP 189 841 ?   ?   ?   B . n 
B 1 190 LEU 190 842 ?   ?   ?   B . n 
B 1 191 ASP 191 843 ?   ?   ?   B . n 
B 1 192 LYS 192 844 ?   ?   ?   B . n 
B 1 193 TYR 193 845 ?   ?   ?   B . n 
B 1 194 ILE 194 846 ?   ?   ?   B . n 
B 1 195 ALA 195 847 ?   ?   ?   B . n 
B 1 196 THR 196 848 ?   ?   ?   B . n 
B 1 197 GLN 197 849 ?   ?   ?   B . n 
B 1 198 LYS 198 850 ?   ?   ?   B . n 
B 1 199 ALA 199 851 ?   ?   ?   B . n 
B 1 200 ILE 200 852 ?   ?   ?   B . n 
B 1 201 ALA 201 853 ?   ?   ?   B . n 
B 1 202 ILE 202 854 ?   ?   ?   B . n 
B 1 203 GLU 203 855 ?   ?   ?   B . n 
B 1 204 GLN 204 856 ?   ?   ?   B . n 
B 1 205 VAL 205 857 ?   ?   ?   B . n 
B 1 206 ALA 206 858 ?   ?   ?   B . n 
B 1 207 THR 207 859 ?   ?   ?   B . n 
B 1 208 GLU 208 860 ?   ?   ?   B . n 
B 1 209 GLU 209 861 ?   ?   ?   B . n 
B 1 210 GLY 210 862 ?   ?   ?   B . n 
B 1 211 ILE 211 863 ?   ?   ?   B . n 
B 1 212 ASP 212 864 ?   ?   ?   B . n 
B 1 213 SER 213 865 ?   ?   ?   B . n 
B 1 214 THR 214 866 ?   ?   ?   B . n 
B 1 215 LEU 215 867 ?   ?   ?   B . n 
B 1 216 LEU 216 868 ?   ?   ?   B . n 
B 1 217 HIS 217 869 ?   ?   ?   B . n 
B 1 218 GLU 218 870 ?   ?   ?   B . n 
B 1 219 TYR 219 871 ?   ?   ?   B . n 
B 1 220 ILE 220 872 ?   ?   ?   B . n 
B 1 221 SER 221 873 ?   ?   ?   B . n 
B 1 222 GLU 222 874 ?   ?   ?   B . n 
B 1 223 TYR 223 875 ?   ?   ?   B . n 
B 1 224 GLU 224 876 ?   ?   ?   B . n 
B 1 225 TYR 225 877 ?   ?   ?   B . n 
B 1 226 LEU 226 878 ?   ?   ?   B . n 
B 1 227 GLY 227 879 ?   ?   ?   B . n 
B 1 228 LYS 228 880 ?   ?   ?   B . n 
B 1 229 PRO 229 881 ?   ?   ?   B . n 
B 1 230 LYS 230 882 ?   ?   ?   B . n 
B 1 231 ASN 231 883 ?   ?   ?   B . n 
B 1 232 GLU 232 884 ?   ?   ?   B . n 
B 1 233 GLY 233 885 ?   ?   ?   B . n 
B 1 234 HIS 234 886 ?   ?   ?   B . n 
B 1 235 HIS 235 887 ?   ?   ?   B . n 
B 1 236 HIS 236 888 ?   ?   ?   B . n 
B 1 237 HIS 237 889 ?   ?   ?   B . n 
B 1 238 HIS 238 890 ?   ?   ?   B . n 
B 1 239 HIS 239 891 ?   ?   ?   B . n 
# 
loop_
_pdbx_nonpoly_scheme.asym_id 
_pdbx_nonpoly_scheme.entity_id 
_pdbx_nonpoly_scheme.mon_id 
_pdbx_nonpoly_scheme.ndb_seq_num 
_pdbx_nonpoly_scheme.pdb_seq_num 
_pdbx_nonpoly_scheme.auth_seq_num 
_pdbx_nonpoly_scheme.pdb_mon_id 
_pdbx_nonpoly_scheme.auth_mon_id 
_pdbx_nonpoly_scheme.pdb_strand_id 
_pdbx_nonpoly_scheme.pdb_ins_code 
C 2 HOH 1  3   3   HOH HOH A . 
C 2 HOH 2  4   4   HOH HOH A . 
C 2 HOH 3  9   9   HOH HOH A . 
C 2 HOH 4  12  12  HOH HOH A . 
C 2 HOH 5  13  13  HOH HOH A . 
C 2 HOH 6  19  19  HOH HOH A . 
C 2 HOH 7  20  20  HOH HOH A . 
C 2 HOH 8  22  22  HOH HOH A . 
C 2 HOH 9  24  24  HOH HOH A . 
C 2 HOH 10 25  25  HOH HOH A . 
C 2 HOH 11 26  26  HOH HOH A . 
C 2 HOH 12 28  28  HOH HOH A . 
C 2 HOH 13 30  30  HOH HOH A . 
C 2 HOH 14 32  32  HOH HOH A . 
C 2 HOH 15 34  34  HOH HOH A . 
C 2 HOH 16 35  35  HOH HOH A . 
C 2 HOH 17 37  37  HOH HOH A . 
C 2 HOH 18 38  38  HOH HOH A . 
C 2 HOH 19 40  40  HOH HOH A . 
C 2 HOH 20 41  41  HOH HOH A . 
C 2 HOH 21 48  48  HOH HOH A . 
C 2 HOH 22 50  50  HOH HOH A . 
C 2 HOH 23 51  51  HOH HOH A . 
C 2 HOH 24 53  53  HOH HOH A . 
C 2 HOH 25 55  55  HOH HOH A . 
C 2 HOH 26 59  59  HOH HOH A . 
C 2 HOH 27 61  61  HOH HOH A . 
C 2 HOH 28 64  64  HOH HOH A . 
C 2 HOH 29 65  65  HOH HOH A . 
C 2 HOH 30 70  70  HOH HOH A . 
C 2 HOH 31 75  75  HOH HOH A . 
C 2 HOH 32 81  81  HOH HOH A . 
C 2 HOH 33 83  83  HOH HOH A . 
C 2 HOH 34 89  89  HOH HOH A . 
C 2 HOH 35 90  90  HOH HOH A . 
C 2 HOH 36 94  94  HOH HOH A . 
C 2 HOH 37 95  95  HOH HOH A . 
C 2 HOH 38 97  97  HOH HOH A . 
C 2 HOH 39 100 100 HOH HOH A . 
C 2 HOH 40 106 106 HOH HOH A . 
C 2 HOH 41 109 109 HOH HOH A . 
C 2 HOH 42 138 138 HOH HOH A . 
C 2 HOH 43 154 154 HOH HOH A . 
C 2 HOH 44 155 155 HOH HOH A . 
C 2 HOH 45 156 156 HOH HOH A . 
C 2 HOH 46 160 160 HOH HOH A . 
C 2 HOH 47 172 172 HOH HOH A . 
C 2 HOH 48 179 179 HOH HOH A . 
C 2 HOH 49 180 180 HOH HOH A . 
C 2 HOH 50 181 181 HOH HOH A . 
C 2 HOH 51 184 184 HOH HOH A . 
D 2 HOH 1  1   1   HOH HOH B . 
D 2 HOH 2  2   2   HOH HOH B . 
D 2 HOH 3  5   5   HOH HOH B . 
D 2 HOH 4  6   6   HOH HOH B . 
D 2 HOH 5  7   7   HOH HOH B . 
D 2 HOH 6  8   8   HOH HOH B . 
D 2 HOH 7  10  10  HOH HOH B . 
D 2 HOH 8  14  14  HOH HOH B . 
D 2 HOH 9  15  15  HOH HOH B . 
D 2 HOH 10 16  16  HOH HOH B . 
D 2 HOH 11 17  17  HOH HOH B . 
D 2 HOH 12 18  18  HOH HOH B . 
D 2 HOH 13 21  21  HOH HOH B . 
D 2 HOH 14 23  23  HOH HOH B . 
D 2 HOH 15 27  27  HOH HOH B . 
D 2 HOH 16 29  29  HOH HOH B . 
D 2 HOH 17 31  31  HOH HOH B . 
D 2 HOH 18 33  33  HOH HOH B . 
D 2 HOH 19 36  36  HOH HOH B . 
D 2 HOH 20 39  39  HOH HOH B . 
D 2 HOH 21 42  42  HOH HOH B . 
D 2 HOH 22 43  43  HOH HOH B . 
D 2 HOH 23 45  45  HOH HOH B . 
D 2 HOH 24 46  46  HOH HOH B . 
D 2 HOH 25 47  47  HOH HOH B . 
D 2 HOH 26 52  52  HOH HOH B . 
D 2 HOH 27 57  57  HOH HOH B . 
D 2 HOH 28 58  58  HOH HOH B . 
D 2 HOH 29 60  60  HOH HOH B . 
D 2 HOH 30 66  66  HOH HOH B . 
D 2 HOH 31 71  71  HOH HOH B . 
D 2 HOH 32 73  73  HOH HOH B . 
D 2 HOH 33 74  74  HOH HOH B . 
D 2 HOH 34 82  82  HOH HOH B . 
D 2 HOH 35 91  91  HOH HOH B . 
D 2 HOH 36 92  92  HOH HOH B . 
D 2 HOH 37 101 101 HOH HOH B . 
D 2 HOH 38 103 103 HOH HOH B . 
D 2 HOH 39 112 112 HOH HOH B . 
D 2 HOH 40 119 119 HOH HOH B . 
D 2 HOH 41 139 139 HOH HOH B . 
D 2 HOH 42 140 140 HOH HOH B . 
D 2 HOH 43 157 157 HOH HOH B . 
D 2 HOH 44 163 163 HOH HOH B . 
D 2 HOH 45 168 168 HOH HOH B . 
D 2 HOH 46 169 169 HOH HOH B . 
D 2 HOH 47 170 170 HOH HOH B . 
D 2 HOH 48 171 171 HOH HOH B . 
D 2 HOH 49 173 173 HOH HOH B . 
D 2 HOH 50 174 174 HOH HOH B . 
D 2 HOH 51 175 175 HOH HOH B . 
D 2 HOH 52 176 176 HOH HOH B . 
D 2 HOH 53 177 177 HOH HOH B . 
D 2 HOH 54 178 178 HOH HOH B . 
D 2 HOH 55 182 182 HOH HOH B . 
D 2 HOH 56 183 183 HOH HOH B . 
D 2 HOH 57 185 185 HOH HOH B . 
D 2 HOH 58 186 186 HOH HOH B . 
# 
loop_
_pdbx_unobs_or_zero_occ_atoms.id 
_pdbx_unobs_or_zero_occ_atoms.PDB_model_num 
_pdbx_unobs_or_zero_occ_atoms.polymer_flag 
_pdbx_unobs_or_zero_occ_atoms.occupancy_flag 
_pdbx_unobs_or_zero_occ_atoms.auth_asym_id 
_pdbx_unobs_or_zero_occ_atoms.auth_comp_id 
_pdbx_unobs_or_zero_occ_atoms.auth_seq_id 
_pdbx_unobs_or_zero_occ_atoms.PDB_ins_code 
_pdbx_unobs_or_zero_occ_atoms.auth_atom_id 
_pdbx_unobs_or_zero_occ_atoms.label_alt_id 
_pdbx_unobs_or_zero_occ_atoms.label_asym_id 
_pdbx_unobs_or_zero_occ_atoms.label_comp_id 
_pdbx_unobs_or_zero_occ_atoms.label_seq_id 
_pdbx_unobs_or_zero_occ_atoms.label_atom_id 
1  1 Y 1 B LYS 663 ? CG ? B LYS 11 CG 
2  1 Y 1 B LYS 663 ? CD ? B LYS 11 CD 
3  1 Y 1 B LYS 663 ? CE ? B LYS 11 CE 
4  1 Y 1 B LYS 663 ? NZ ? B LYS 11 NZ 
5  1 Y 1 B LYS 667 ? CG ? B LYS 15 CG 
6  1 Y 1 B LYS 667 ? CD ? B LYS 15 CD 
7  1 Y 1 B LYS 667 ? CE ? B LYS 15 CE 
8  1 Y 1 B LYS 667 ? NZ ? B LYS 15 NZ 
9  1 Y 1 B LYS 716 ? CG ? B LYS 64 CG 
10 1 Y 1 B LYS 716 ? CD ? B LYS 64 CD 
11 1 Y 1 B LYS 716 ? CE ? B LYS 64 CE 
12 1 Y 1 B LYS 716 ? NZ ? B LYS 64 NZ 
# 
loop_
_software.name 
_software.version 
_software.date 
_software.type 
_software.contact_author 
_software.contact_author_email 
_software.classification 
_software.location 
_software.language 
_software.citation_id 
_software.pdbx_ordinal 
SCALA       3.2.25 21/9/2006       other   'Phil R. Evans'      pre@mrc-lmb.cam.ac.uk 'data scaling'    
http://www.ccp4.ac.uk/dist/html/scala.html   Fortran_77 ? 1 
REFMAC      .      ?               program 'Garib N. Murshudov' garib@ysbl.york.ac.uk refinement        
http://www.ccp4.ac.uk/dist/html/refmac5.html Fortran_77 ? 2 
PDB_EXTRACT 3.006  'June 11, 2008' package PDB                  help@deposit.rcsb.org 'data extraction' 
http://sw-tools.pdb.org/apps/PDB_EXTRACT/    C++        ? 3 
MAR345      CCD    ?               ?       ?                    ?                     'data collection' ? ?          ? 4 
MOSFLM      .      ?               ?       ?                    ?                     'data reduction'  ? ?          ? 5 
SHELXCD     .      ?               ?       ?                    ?                     phasing           ? ?          ? 6 
SHELXE      .      ?               ?       ?                    ?                     'model building'  ? ?          ? 7 
# 
_cell.length_a           54.834 
_cell.length_b           56.470 
_cell.length_c           75.857 
_cell.angle_alpha        90.000 
_cell.angle_beta         90.000 
_cell.angle_gamma        90.000 
_cell.entry_id           3EVY 
_cell.pdbx_unique_axis   ? 
_cell.Z_PDB              8 
_cell.length_a_esd       ? 
_cell.length_b_esd       ? 
_cell.length_c_esd       ? 
_cell.angle_alpha_esd    ? 
_cell.angle_beta_esd     ? 
_cell.angle_gamma_esd    ? 
# 
_symmetry.space_group_name_H-M             'P 21 21 21' 
_symmetry.entry_id                         3EVY 
_symmetry.Int_Tables_number                19 
_symmetry.pdbx_full_space_group_name_H-M   ? 
_symmetry.cell_setting                     ? 
_symmetry.space_group_name_Hall            ? 
# 
_exptl.crystals_number   1 
_exptl.entry_id          3EVY 
_exptl.method            'X-RAY DIFFRACTION' 
# 
_exptl_crystal.id                    1 
_exptl_crystal.density_Matthews      ? 
_exptl_crystal.density_meas          ? 
_exptl_crystal.density_percent_sol   ? 
_exptl_crystal.description           ? 
_exptl_crystal.F_000                 ? 
_exptl_crystal.preparation           ? 
# 
_exptl_crystal_grow.crystal_id      1 
_exptl_crystal_grow.method          'VAPOR DIFFUSION' 
_exptl_crystal_grow.pH              7.0 
_exptl_crystal_grow.temp            294 
_exptl_crystal_grow.pdbx_details    '20% PEG 3350, 200mM potassium sulfate, pH 7.0, Vapor diffusion, temperature 294K' 
_exptl_crystal_grow.temp_details    ? 
_exptl_crystal_grow.pdbx_pH_range   ? 
# 
_diffrn.id                     1 
_diffrn.ambient_temp           100 
_diffrn.ambient_temp_details   ? 
_diffrn.crystal_id             1 
# 
_diffrn_detector.diffrn_id              1 
_diffrn_detector.detector               CCD 
_diffrn_detector.type                   'MAR CCD 165 mm' 
_diffrn_detector.pdbx_collection_date   2008-10-10 
_diffrn_detector.details                ? 
# 
_diffrn_radiation.diffrn_id                        1 
_diffrn_radiation.pdbx_diffrn_protocol             'SINGLE WAVELENGTH' 
_diffrn_radiation.monochromator                    diamond 
_diffrn_radiation.wavelength_id                    1 
_diffrn_radiation.pdbx_monochromatic_or_laue_m_l   M 
_diffrn_radiation.pdbx_scattering_type             x-ray 
# 
_diffrn_radiation_wavelength.id           1 
_diffrn_radiation_wavelength.wavelength   0.97958 
_diffrn_radiation_wavelength.wt           1.0 
# 
_diffrn_source.diffrn_id                   1 
_diffrn_source.source                      SYNCHROTRON 
_diffrn_source.type                        'APS BEAMLINE 31-ID' 
_diffrn_source.pdbx_wavelength_list        0.97958 
_diffrn_source.pdbx_wavelength             ? 
_diffrn_source.pdbx_synchrotron_site       APS 
_diffrn_source.pdbx_synchrotron_beamline   31-ID 
# 
_reflns.entry_id                     3EVY 
_reflns.d_resolution_high            1.950 
_reflns.d_resolution_low             45.314 
_reflns.number_all                   17791 
_reflns.number_obs                   17791 
_reflns.pdbx_Rmerge_I_obs            0.114 
_reflns.pdbx_netI_over_sigmaI        9.5 
_reflns.pdbx_Rsym_value              0.114 
_reflns.pdbx_redundancy              8.400 
_reflns.percent_possible_obs         100.000 
_reflns.observed_criterion_sigma_F   0 
_reflns.observed_criterion_sigma_I   0 
_reflns.B_iso_Wilson_estimate        29.7 
_reflns.R_free_details               ? 
_reflns.limit_h_max                  ? 
_reflns.limit_h_min                  ? 
_reflns.limit_k_max                  ? 
_reflns.limit_k_min                  ? 
_reflns.limit_l_max                  ? 
_reflns.limit_l_min                  ? 
_reflns.observed_criterion_F_max     ? 
_reflns.observed_criterion_F_min     ? 
_reflns.pdbx_chi_squared             ? 
_reflns.pdbx_scaling_rejects         ? 
_reflns.pdbx_diffrn_id               1 
_reflns.pdbx_ordinal                 1 
# 
_reflns_shell.d_res_high             1.95 
_reflns_shell.d_res_low              2.06 
_reflns_shell.number_measured_obs    ? 
_reflns_shell.number_measured_all    21701 
_reflns_shell.number_unique_obs      ? 
_reflns_shell.Rmerge_I_obs           0.590 
_reflns_shell.meanI_over_sigI_obs    2.6 
_reflns_shell.pdbx_Rsym_value        0.590 
_reflns_shell.pdbx_chi_squared       ? 
_reflns_shell.pdbx_redundancy        8.50 
_reflns_shell.percent_possible_obs   ? 
_reflns_shell.number_unique_all      2554 
_reflns_shell.percent_possible_all   100.00 
_reflns_shell.pdbx_diffrn_id         ? 
_reflns_shell.pdbx_ordinal           1 
# 
_refine.entry_id                                 3EVY 
_refine.ls_d_res_high                            1.950 
_refine.ls_d_res_low                             20.000 
_refine.pdbx_ls_sigma_F                          0.00 
_refine.ls_percent_reflns_obs                    99.960 
_refine.ls_number_reflns_obs                     17721 
_refine.pdbx_ls_cross_valid_method               THROUGHOUT 
_refine.pdbx_R_Free_selection_details            RANDOM 
_refine.details                                  'HYDROGENS HAVE BEEN ADDED IN THE RIDING POSITIONS' 
_refine.ls_R_factor_obs                          0.231 
_refine.ls_R_factor_R_work                       0.229 
_refine.ls_wR_factor_R_work                      0.273 
_refine.ls_R_factor_R_free                       0.274 
_refine.ls_wR_factor_R_free                      0.301 
_refine.ls_percent_reflns_R_free                 5.100 
_refine.ls_number_reflns_R_free                  900 
_refine.B_iso_mean                               45.148 
_refine.aniso_B[1][1]                            2.910 
_refine.aniso_B[2][2]                            -0.850 
_refine.aniso_B[3][3]                            -2.060 
_refine.aniso_B[1][2]                            0.000 
_refine.aniso_B[1][3]                            0.000 
_refine.aniso_B[2][3]                            0.000 
_refine.correlation_coeff_Fo_to_Fc               0.946 
_refine.correlation_coeff_Fo_to_Fc_free          0.929 
_refine.overall_SU_R_Cruickshank_DPI             0.170 
_refine.overall_SU_R_free                        0.163 
_refine.pdbx_overall_ESU_R                       0.170 
_refine.pdbx_overall_ESU_R_Free                  0.163 
_refine.overall_SU_ML                            0.140 
_refine.overall_SU_B                             4.984 
_refine.solvent_model_details                    'BABINET MODEL WITH MASK' 
_refine.pdbx_solvent_vdw_probe_radii             1.200 
_refine.pdbx_solvent_ion_probe_radii             0.800 
_refine.pdbx_solvent_shrinkage_radii             0.800 
_refine.pdbx_method_to_determine_struct          SAD 
_refine.pdbx_stereochemistry_target_values       'MAXIMUM LIKELIHOOD' 
_refine.overall_FOM_work_R_set                   0.741 
_refine.B_iso_max                                74.71 
_refine.B_iso_min                                30.13 
_refine.occupancy_max                            1.00 
_refine.occupancy_min                            1.00 
_refine.pdbx_ls_sigma_I                          0 
_refine.ls_number_reflns_all                     17728 
_refine.ls_R_factor_all                          ? 
_refine.ls_redundancy_reflns_obs                 ? 
_refine.pdbx_data_cutoff_high_absF               ? 
_refine.pdbx_data_cutoff_low_absF                ? 
_refine.ls_number_parameters                     ? 
_refine.ls_number_restraints                     ? 
_refine.ls_R_factor_R_free_error                 ? 
_refine.ls_R_factor_R_free_error_details         ? 
_refine.pdbx_starting_model                      ? 
_refine.pdbx_stereochem_target_val_spec_case     ? 
_refine.solvent_model_param_bsol                 ? 
_refine.solvent_model_param_ksol                 ? 
_refine.pdbx_isotropic_thermal_model             ? 
_refine.pdbx_data_cutoff_high_rms_absF           ? 
_refine.overall_FOM_free_R_set                   ? 
_refine.pdbx_overall_phase_error                 ? 
_refine.pdbx_refine_id                           'X-RAY DIFFRACTION' 
_refine.pdbx_diffrn_id                           1 
_refine.pdbx_TLS_residual_ADP_flag               ? 
_refine.pdbx_overall_SU_R_free_Cruickshank_DPI   ? 
_refine.pdbx_overall_SU_R_Blow_DPI               ? 
_refine.pdbx_overall_SU_R_free_Blow_DPI          ? 
# 
_refine_hist.pdbx_refine_id                   'X-RAY DIFFRACTION' 
_refine_hist.cycle_id                         LAST 
_refine_hist.pdbx_number_atoms_protein        1402 
_refine_hist.pdbx_number_atoms_nucleic_acid   0 
_refine_hist.pdbx_number_atoms_ligand         0 
_refine_hist.number_atoms_solvent             109 
_refine_hist.number_atoms_total               1511 
_refine_hist.d_res_high                       1.950 
_refine_hist.d_res_low                        20.000 
# 
loop_
_refine_ls_restr.type 
_refine_ls_restr.number 
_refine_ls_restr.dev_ideal 
_refine_ls_restr.dev_ideal_target 
_refine_ls_restr.weight 
_refine_ls_restr.pdbx_refine_id 
_refine_ls_restr.pdbx_restraint_function 
r_bond_refined_d       1428 0.023  0.022  ? 'X-RAY DIFFRACTION' ? 
r_angle_refined_deg    1915 1.695  1.974  ? 'X-RAY DIFFRACTION' ? 
r_dihedral_angle_1_deg 165  5.040  5.000  ? 'X-RAY DIFFRACTION' ? 
r_dihedral_angle_2_deg 82   27.750 23.659 ? 'X-RAY DIFFRACTION' ? 
r_dihedral_angle_3_deg 266  16.404 15.000 ? 'X-RAY DIFFRACTION' ? 
r_dihedral_angle_4_deg 14   20.850 15.000 ? 'X-RAY DIFFRACTION' ? 
r_chiral_restr         200  0.132  0.200  ? 'X-RAY DIFFRACTION' ? 
r_gen_planes_refined   1100 0.010  0.020  ? 'X-RAY DIFFRACTION' ? 
r_mcbond_it            833  1.245  1.500  ? 'X-RAY DIFFRACTION' ? 
r_mcangle_it           1335 2.268  2.000  ? 'X-RAY DIFFRACTION' ? 
r_scbond_it            595  3.800  3.000  ? 'X-RAY DIFFRACTION' ? 
r_scangle_it           580  5.859  4.500  ? 'X-RAY DIFFRACTION' ? 
# 
_refine_ls_shell.d_res_high                       1.950 
_refine_ls_shell.d_res_low                        2.000 
_refine_ls_shell.pdbx_total_number_of_bins_used   20 
_refine_ls_shell.percent_reflns_obs               99.920 
_refine_ls_shell.number_reflns_R_work             1192 
_refine_ls_shell.R_factor_all                     ? 
_refine_ls_shell.R_factor_R_work                  0.342 
_refine_ls_shell.R_factor_R_free                  0.412 
_refine_ls_shell.percent_reflns_R_free            ? 
_refine_ls_shell.number_reflns_R_free             73 
_refine_ls_shell.R_factor_R_free_error            ? 
_refine_ls_shell.number_reflns_all                1265 
_refine_ls_shell.number_reflns_obs                1192 
_refine_ls_shell.redundancy_reflns_obs            ? 
_refine_ls_shell.pdbx_refine_id                   'X-RAY DIFFRACTION' 
# 
_struct.entry_id                  3EVY 
_struct.title                     
'Crystal structure of a fragment of a putative type I restriction enzyme R protein from Bacteroides fragilis' 
_struct.pdbx_model_details        ? 
_struct.pdbx_CASP_flag            ? 
_struct.pdbx_model_type_details   ? 
# 
_struct_keywords.entry_id        3EVY 
_struct_keywords.text            
;STRUCTURAL GENOMICS, UNKNOWN FUNCTION, PSI-2, Protein Structure Initiative, New York SGX Research Center for Structural Genomics, NYSGXRC, HYDROLASE
;
_struct_keywords.pdbx_keywords   HYDROLASE 
# 
loop_
_struct_asym.id 
_struct_asym.pdbx_blank_PDB_chainid_flag 
_struct_asym.pdbx_modified 
_struct_asym.entity_id 
_struct_asym.details 
A N N 1 ? 
B N N 1 ? 
C N N 2 ? 
D N N 2 ? 
# 
_struct_ref.id                         1 
_struct_ref.db_name                    UNP 
_struct_ref.db_code                    Q5LEB7_BACFN 
_struct_ref.pdbx_db_accession          Q5LEB7 
_struct_ref.entity_id                  1 
_struct_ref.pdbx_seq_one_letter_code   
;SSEVVLMKPYEKLVERFNEMAAEFLSYFPTVKSVGNLESELDKRRFVILFRAMLRLRNEVKGYNEFDAEDLTIEEQRFAD
YQSKYLDMSNEFAITSEKEDAESILQDIDFELELVHRDIINVMYILALLQDLKPESSSYPKDRKAVLDTMDSNPELRSKI
ALIDNFIKLHIDGRQSNDLPADMESDLDKYIATQKAIAIEQVATEEGIDSTLLHEYISEYEYLGKPKNE
;
_struct_ref.pdbx_align_begin           656 
_struct_ref.pdbx_db_isoform            ? 
# 
loop_
_struct_ref_seq.align_id 
_struct_ref_seq.ref_id 
_struct_ref_seq.pdbx_PDB_id_code 
_struct_ref_seq.pdbx_strand_id 
_struct_ref_seq.seq_align_beg 
_struct_ref_seq.pdbx_seq_align_beg_ins_code 
_struct_ref_seq.seq_align_end 
_struct_ref_seq.pdbx_seq_align_end_ins_code 
_struct_ref_seq.pdbx_db_accession 
_struct_ref_seq.db_align_beg 
_struct_ref_seq.pdbx_db_align_beg_ins_code 
_struct_ref_seq.db_align_end 
_struct_ref_seq.pdbx_db_align_end_ins_code 
_struct_ref_seq.pdbx_auth_seq_align_beg 
_struct_ref_seq.pdbx_auth_seq_align_end 
1 1 3EVY A 4 ? 232 ? Q5LEB7 656 ? 884 ? 656 884 
2 1 3EVY B 4 ? 232 ? Q5LEB7 656 ? 884 ? 656 884 
# 
loop_
_struct_ref_seq_dif.align_id 
_struct_ref_seq_dif.pdbx_pdb_id_code 
_struct_ref_seq_dif.mon_id 
_struct_ref_seq_dif.pdbx_pdb_strand_id 
_struct_ref_seq_dif.seq_num 
_struct_ref_seq_dif.pdbx_pdb_ins_code 
_struct_ref_seq_dif.pdbx_seq_db_name 
_struct_ref_seq_dif.pdbx_seq_db_accession_code 
_struct_ref_seq_dif.db_mon_id 
_struct_ref_seq_dif.pdbx_seq_db_seq_num 
_struct_ref_seq_dif.details 
_struct_ref_seq_dif.pdbx_auth_seq_num 
_struct_ref_seq_dif.pdbx_ordinal 
1 3EVY MET A 1   ? UNP Q5LEB7 ? ? 'expression tag' 653 1  
1 3EVY SER A 2   ? UNP Q5LEB7 ? ? 'expression tag' 654 2  
1 3EVY LEU A 3   ? UNP Q5LEB7 ? ? 'expression tag' 655 3  
1 3EVY GLY A 233 ? UNP Q5LEB7 ? ? 'expression tag' 885 4  
1 3EVY HIS A 234 ? UNP Q5LEB7 ? ? 'expression tag' 886 5  
1 3EVY HIS A 235 ? UNP Q5LEB7 ? ? 'expression tag' 887 6  
1 3EVY HIS A 236 ? UNP Q5LEB7 ? ? 'expression tag' 888 7  
1 3EVY HIS A 237 ? UNP Q5LEB7 ? ? 'expression tag' 889 8  
1 3EVY HIS A 238 ? UNP Q5LEB7 ? ? 'expression tag' 890 9  
1 3EVY HIS A 239 ? UNP Q5LEB7 ? ? 'expression tag' 891 10 
2 3EVY MET B 1   ? UNP Q5LEB7 ? ? 'expression tag' 653 11 
2 3EVY SER B 2   ? UNP Q5LEB7 ? ? 'expression tag' 654 12 
2 3EVY LEU B 3   ? UNP Q5LEB7 ? ? 'expression tag' 655 13 
2 3EVY GLY B 233 ? UNP Q5LEB7 ? ? 'expression tag' 885 14 
2 3EVY HIS B 234 ? UNP Q5LEB7 ? ? 'expression tag' 886 15 
2 3EVY HIS B 235 ? UNP Q5LEB7 ? ? 'expression tag' 887 16 
2 3EVY HIS B 236 ? UNP Q5LEB7 ? ? 'expression tag' 888 17 
2 3EVY HIS B 237 ? UNP Q5LEB7 ? ? 'expression tag' 889 18 
2 3EVY HIS B 238 ? UNP Q5LEB7 ? ? 'expression tag' 890 19 
2 3EVY HIS B 239 ? UNP Q5LEB7 ? ? 'expression tag' 891 20 
# 
loop_
_pdbx_struct_assembly.id 
_pdbx_struct_assembly.details 
_pdbx_struct_assembly.method_details 
_pdbx_struct_assembly.oligomeric_details 
_pdbx_struct_assembly.oligomeric_count 
1 author_and_software_defined_assembly PISA monomeric 1 
2 author_and_software_defined_assembly PISA monomeric 1 
# 
loop_
_pdbx_struct_assembly_gen.assembly_id 
_pdbx_struct_assembly_gen.oper_expression 
_pdbx_struct_assembly_gen.asym_id_list 
1 1 A,C 
2 1 B,D 
# 
_pdbx_struct_oper_list.id                   1 
_pdbx_struct_oper_list.type                 'identity operation' 
_pdbx_struct_oper_list.name                 1_555 
_pdbx_struct_oper_list.symmetry_operation   x,y,z 
_pdbx_struct_oper_list.matrix[1][1]         1.0000000000 
_pdbx_struct_oper_list.matrix[1][2]         0.0000000000 
_pdbx_struct_oper_list.matrix[1][3]         0.0000000000 
_pdbx_struct_oper_list.vector[1]            0.0000000000 
_pdbx_struct_oper_list.matrix[2][1]         0.0000000000 
_pdbx_struct_oper_list.matrix[2][2]         1.0000000000 
_pdbx_struct_oper_list.matrix[2][3]         0.0000000000 
_pdbx_struct_oper_list.vector[2]            0.0000000000 
_pdbx_struct_oper_list.matrix[3][1]         0.0000000000 
_pdbx_struct_oper_list.matrix[3][2]         0.0000000000 
_pdbx_struct_oper_list.matrix[3][3]         1.0000000000 
_pdbx_struct_oper_list.vector[3]            0.0000000000 
# 
_struct_biol.id        1 
_struct_biol.details   'probable monomer' 
# 
loop_
_struct_conf.conf_type_id 
_struct_conf.id 
_struct_conf.pdbx_PDB_helix_id 
_struct_conf.beg_label_comp_id 
_struct_conf.beg_label_asym_id 
_struct_conf.beg_label_seq_id 
_struct_conf.pdbx_beg_PDB_ins_code 
_struct_conf.end_label_comp_id 
_struct_conf.end_label_asym_id 
_struct_conf.end_label_seq_id 
_struct_conf.pdbx_end_PDB_ins_code 
_struct_conf.beg_auth_comp_id 
_struct_conf.beg_auth_asym_id 
_struct_conf.beg_auth_seq_id 
_struct_conf.end_auth_comp_id 
_struct_conf.end_auth_asym_id 
_struct_conf.end_auth_seq_id 
_struct_conf.pdbx_PDB_helix_class 
_struct_conf.details 
_struct_conf.pdbx_PDB_helix_length 
HELX_P HELX_P1  1  LYS A 11 ? PHE A 31 ? LYS A 663 PHE A 683 1 ? 21 
HELX_P HELX_P2  2  THR A 33 ? ASN A 39 ? THR A 685 ASN A 691 1 ? 7  
HELX_P HELX_P3  3  SER A 42 ? LYS A 64 ? SER A 694 LYS A 716 1 ? 23 
HELX_P HELX_P4  4  ASP A 70 ? LEU A 74 ? ASP A 722 LEU A 726 5 ? 5  
HELX_P HELX_P5  5  GLU A 77 ? SER A 92 ? GLU A 729 SER A 744 1 ? 16 
HELX_P HELX_P6  6  LYS B 11 ? PHE B 31 ? LYS B 663 PHE B 683 1 ? 21 
HELX_P HELX_P7  7  THR B 33 ? ASN B 39 ? THR B 685 ASN B 691 1 ? 7  
HELX_P HELX_P8  8  SER B 42 ? GLY B 65 ? SER B 694 GLY B 717 1 ? 24 
HELX_P HELX_P9  9  ASP B 70 ? LEU B 74 ? ASP B 722 LEU B 726 5 ? 5  
HELX_P HELX_P10 10 GLU B 77 ? ASP B 90 ? GLU B 729 ASP B 742 1 ? 14 
# 
_struct_conf_type.id          HELX_P 
_struct_conf_type.criteria    ? 
_struct_conf_type.reference   ? 
# 
loop_
_pdbx_validate_rmsd_bond.id 
_pdbx_validate_rmsd_bond.PDB_model_num 
_pdbx_validate_rmsd_bond.auth_atom_id_1 
_pdbx_validate_rmsd_bond.auth_asym_id_1 
_pdbx_validate_rmsd_bond.auth_comp_id_1 
_pdbx_validate_rmsd_bond.auth_seq_id_1 
_pdbx_validate_rmsd_bond.PDB_ins_code_1 
_pdbx_validate_rmsd_bond.label_alt_id_1 
_pdbx_validate_rmsd_bond.auth_atom_id_2 
_pdbx_validate_rmsd_bond.auth_asym_id_2 
_pdbx_validate_rmsd_bond.auth_comp_id_2 
_pdbx_validate_rmsd_bond.auth_seq_id_2 
_pdbx_validate_rmsd_bond.PDB_ins_code_2 
_pdbx_validate_rmsd_bond.label_alt_id_2 
_pdbx_validate_rmsd_bond.bond_value 
_pdbx_validate_rmsd_bond.bond_target_value 
_pdbx_validate_rmsd_bond.bond_deviation 
_pdbx_validate_rmsd_bond.bond_standard_deviation 
_pdbx_validate_rmsd_bond.linker_flag 
1 1 CD A GLU 724 ? ? OE2 A GLU 724 ? ? 1.329 1.252 0.077 0.011 N 
2 1 CG B GLU 729 ? ? CD  B GLU 729 ? ? 1.618 1.515 0.103 0.015 N 
# 
_pdbx_validate_torsion.id              1 
_pdbx_validate_torsion.PDB_model_num   1 
_pdbx_validate_torsion.auth_comp_id    ILE 
_pdbx_validate_torsion.auth_asym_id    A 
_pdbx_validate_torsion.auth_seq_id     728 
_pdbx_validate_torsion.PDB_ins_code    ? 
_pdbx_validate_torsion.label_alt_id    ? 
_pdbx_validate_torsion.phi             78.19 
_pdbx_validate_torsion.psi             118.60 
# 
_pdbx_SG_project.id                    1 
_pdbx_SG_project.project_name          'PSI, Protein Structure Initiative' 
_pdbx_SG_project.full_name_of_center   'New York SGX Research Center for Structural Genomics' 
_pdbx_SG_project.initial_of_center     NYSGXRC 
# 
_pdbx_entry_details.entry_id                 3EVY 
_pdbx_entry_details.compound_details         ? 
_pdbx_entry_details.source_details           ? 
_pdbx_entry_details.nonpolymer_details       ? 
_pdbx_entry_details.sequence_details         
;AUTHOR STATE THAT IT IS POSSIBLE THAT WHAT CRYSTALLIZED WAS A PROTEOLYTIC
FRAGMENT.  THE MS DID NOT INDICATE A FRAGMENT OF THE APPROXIMATE SIZE OF THE
OBSERVED PORTION SO IT IS POSSIBLE FRAGMENTATION OCCURRED DURING THE
CRYSTALLIZATION EXPERIMENT.  THEREFORE, THE WHOLE SEQUENCE IS LEFT IN THE
RECORD.
;
_pdbx_entry_details.has_ligand_of_interest   ? 
# 
loop_
_pdbx_unobs_or_zero_occ_residues.id 
_pdbx_unobs_or_zero_occ_residues.PDB_model_num 
_pdbx_unobs_or_zero_occ_residues.polymer_flag 
_pdbx_unobs_or_zero_occ_residues.occupancy_flag 
_pdbx_unobs_or_zero_occ_residues.auth_asym_id 
_pdbx_unobs_or_zero_occ_residues.auth_comp_id 
_pdbx_unobs_or_zero_occ_residues.auth_seq_id 
_pdbx_unobs_or_zero_occ_residues.PDB_ins_code 
_pdbx_unobs_or_zero_occ_residues.label_asym_id 
_pdbx_unobs_or_zero_occ_residues.label_comp_id 
_pdbx_unobs_or_zero_occ_residues.label_seq_id 
1   1 Y 1 A MET 653 ? A MET 1   
2   1 Y 1 A SER 654 ? A SER 2   
3   1 Y 1 A LEU 655 ? A LEU 3   
4   1 Y 1 A SER 656 ? A SER 4   
5   1 Y 1 A SER 657 ? A SER 5   
6   1 Y 1 A GLU 658 ? A GLU 6   
7   1 Y 1 A VAL 659 ? A VAL 7   
8   1 Y 1 A VAL 660 ? A VAL 8   
9   1 Y 1 A LEU 661 ? A LEU 9   
10  1 Y 1 A ASN 745 ? A ASN 93  
11  1 Y 1 A GLU 746 ? A GLU 94  
12  1 Y 1 A PHE 747 ? A PHE 95  
13  1 Y 1 A ALA 748 ? A ALA 96  
14  1 Y 1 A ILE 749 ? A ILE 97  
15  1 Y 1 A THR 750 ? A THR 98  
16  1 Y 1 A SER 751 ? A SER 99  
17  1 Y 1 A GLU 752 ? A GLU 100 
18  1 Y 1 A LYS 753 ? A LYS 101 
19  1 Y 1 A GLU 754 ? A GLU 102 
20  1 Y 1 A ASP 755 ? A ASP 103 
21  1 Y 1 A ALA 756 ? A ALA 104 
22  1 Y 1 A GLU 757 ? A GLU 105 
23  1 Y 1 A SER 758 ? A SER 106 
24  1 Y 1 A ILE 759 ? A ILE 107 
25  1 Y 1 A LEU 760 ? A LEU 108 
26  1 Y 1 A GLN 761 ? A GLN 109 
27  1 Y 1 A ASP 762 ? A ASP 110 
28  1 Y 1 A ILE 763 ? A ILE 111 
29  1 Y 1 A ASP 764 ? A ASP 112 
30  1 Y 1 A PHE 765 ? A PHE 113 
31  1 Y 1 A GLU 766 ? A GLU 114 
32  1 Y 1 A LEU 767 ? A LEU 115 
33  1 Y 1 A GLU 768 ? A GLU 116 
34  1 Y 1 A LEU 769 ? A LEU 117 
35  1 Y 1 A VAL 770 ? A VAL 118 
36  1 Y 1 A HIS 771 ? A HIS 119 
37  1 Y 1 A ARG 772 ? A ARG 120 
38  1 Y 1 A ASP 773 ? A ASP 121 
39  1 Y 1 A ILE 774 ? A ILE 122 
40  1 Y 1 A ILE 775 ? A ILE 123 
41  1 Y 1 A ASN 776 ? A ASN 124 
42  1 Y 1 A VAL 777 ? A VAL 125 
43  1 Y 1 A MET 778 ? A MET 126 
44  1 Y 1 A TYR 779 ? A TYR 127 
45  1 Y 1 A ILE 780 ? A ILE 128 
46  1 Y 1 A LEU 781 ? A LEU 129 
47  1 Y 1 A ALA 782 ? A ALA 130 
48  1 Y 1 A LEU 783 ? A LEU 131 
49  1 Y 1 A LEU 784 ? A LEU 132 
50  1 Y 1 A GLN 785 ? A GLN 133 
51  1 Y 1 A ASP 786 ? A ASP 134 
52  1 Y 1 A LEU 787 ? A LEU 135 
53  1 Y 1 A LYS 788 ? A LYS 136 
54  1 Y 1 A PRO 789 ? A PRO 137 
55  1 Y 1 A GLU 790 ? A GLU 138 
56  1 Y 1 A SER 791 ? A SER 139 
57  1 Y 1 A SER 792 ? A SER 140 
58  1 Y 1 A SER 793 ? A SER 141 
59  1 Y 1 A TYR 794 ? A TYR 142 
60  1 Y 1 A PRO 795 ? A PRO 143 
61  1 Y 1 A LYS 796 ? A LYS 144 
62  1 Y 1 A ASP 797 ? A ASP 145 
63  1 Y 1 A ARG 798 ? A ARG 146 
64  1 Y 1 A LYS 799 ? A LYS 147 
65  1 Y 1 A ALA 800 ? A ALA 148 
66  1 Y 1 A VAL 801 ? A VAL 149 
67  1 Y 1 A LEU 802 ? A LEU 150 
68  1 Y 1 A ASP 803 ? A ASP 151 
69  1 Y 1 A THR 804 ? A THR 152 
70  1 Y 1 A MET 805 ? A MET 153 
71  1 Y 1 A ASP 806 ? A ASP 154 
72  1 Y 1 A SER 807 ? A SER 155 
73  1 Y 1 A ASN 808 ? A ASN 156 
74  1 Y 1 A PRO 809 ? A PRO 157 
75  1 Y 1 A GLU 810 ? A GLU 158 
76  1 Y 1 A LEU 811 ? A LEU 159 
77  1 Y 1 A ARG 812 ? A ARG 160 
78  1 Y 1 A SER 813 ? A SER 161 
79  1 Y 1 A LYS 814 ? A LYS 162 
80  1 Y 1 A ILE 815 ? A ILE 163 
81  1 Y 1 A ALA 816 ? A ALA 164 
82  1 Y 1 A LEU 817 ? A LEU 165 
83  1 Y 1 A ILE 818 ? A ILE 166 
84  1 Y 1 A ASP 819 ? A ASP 167 
85  1 Y 1 A ASN 820 ? A ASN 168 
86  1 Y 1 A PHE 821 ? A PHE 169 
87  1 Y 1 A ILE 822 ? A ILE 170 
88  1 Y 1 A LYS 823 ? A LYS 171 
89  1 Y 1 A LEU 824 ? A LEU 172 
90  1 Y 1 A HIS 825 ? A HIS 173 
91  1 Y 1 A ILE 826 ? A ILE 174 
92  1 Y 1 A ASP 827 ? A ASP 175 
93  1 Y 1 A GLY 828 ? A GLY 176 
94  1 Y 1 A ARG 829 ? A ARG 177 
95  1 Y 1 A GLN 830 ? A GLN 178 
96  1 Y 1 A SER 831 ? A SER 179 
97  1 Y 1 A ASN 832 ? A ASN 180 
98  1 Y 1 A ASP 833 ? A ASP 181 
99  1 Y 1 A LEU 834 ? A LEU 182 
100 1 Y 1 A PRO 835 ? A PRO 183 
101 1 Y 1 A ALA 836 ? A ALA 184 
102 1 Y 1 A ASP 837 ? A ASP 185 
103 1 Y 1 A MET 838 ? A MET 186 
104 1 Y 1 A GLU 839 ? A GLU 187 
105 1 Y 1 A SER 840 ? A SER 188 
106 1 Y 1 A ASP 841 ? A ASP 189 
107 1 Y 1 A LEU 842 ? A LEU 190 
108 1 Y 1 A ASP 843 ? A ASP 191 
109 1 Y 1 A LYS 844 ? A LYS 192 
110 1 Y 1 A TYR 845 ? A TYR 193 
111 1 Y 1 A ILE 846 ? A ILE 194 
112 1 Y 1 A ALA 847 ? A ALA 195 
113 1 Y 1 A THR 848 ? A THR 196 
114 1 Y 1 A GLN 849 ? A GLN 197 
115 1 Y 1 A LYS 850 ? A LYS 198 
116 1 Y 1 A ALA 851 ? A ALA 199 
117 1 Y 1 A ILE 852 ? A ILE 200 
118 1 Y 1 A ALA 853 ? A ALA 201 
119 1 Y 1 A ILE 854 ? A ILE 202 
120 1 Y 1 A GLU 855 ? A GLU 203 
121 1 Y 1 A GLN 856 ? A GLN 204 
122 1 Y 1 A VAL 857 ? A VAL 205 
123 1 Y 1 A ALA 858 ? A ALA 206 
124 1 Y 1 A THR 859 ? A THR 207 
125 1 Y 1 A GLU 860 ? A GLU 208 
126 1 Y 1 A GLU 861 ? A GLU 209 
127 1 Y 1 A GLY 862 ? A GLY 210 
128 1 Y 1 A ILE 863 ? A ILE 211 
129 1 Y 1 A ASP 864 ? A ASP 212 
130 1 Y 1 A SER 865 ? A SER 213 
131 1 Y 1 A THR 866 ? A THR 214 
132 1 Y 1 A LEU 867 ? A LEU 215 
133 1 Y 1 A LEU 868 ? A LEU 216 
134 1 Y 1 A HIS 869 ? A HIS 217 
135 1 Y 1 A GLU 870 ? A GLU 218 
136 1 Y 1 A TYR 871 ? A TYR 219 
137 1 Y 1 A ILE 872 ? A ILE 220 
138 1 Y 1 A SER 873 ? A SER 221 
139 1 Y 1 A GLU 874 ? A GLU 222 
140 1 Y 1 A TYR 875 ? A TYR 223 
141 1 Y 1 A GLU 876 ? A GLU 224 
142 1 Y 1 A TYR 877 ? A TYR 225 
143 1 Y 1 A LEU 878 ? A LEU 226 
144 1 Y 1 A GLY 879 ? A GLY 227 
145 1 Y 1 A LYS 880 ? A LYS 228 
146 1 Y 1 A PRO 881 ? A PRO 229 
147 1 Y 1 A LYS 882 ? A LYS 230 
148 1 Y 1 A ASN 883 ? A ASN 231 
149 1 Y 1 A GLU 884 ? A GLU 232 
150 1 Y 1 A GLY 885 ? A GLY 233 
151 1 Y 1 A HIS 886 ? A HIS 234 
152 1 Y 1 A HIS 887 ? A HIS 235 
153 1 Y 1 A HIS 888 ? A HIS 236 
154 1 Y 1 A HIS 889 ? A HIS 237 
155 1 Y 1 A HIS 890 ? A HIS 238 
156 1 Y 1 A HIS 891 ? A HIS 239 
157 1 Y 1 B MET 653 ? B MET 1   
158 1 Y 1 B SER 654 ? B SER 2   
159 1 Y 1 B LEU 655 ? B LEU 3   
160 1 Y 1 B SER 656 ? B SER 4   
161 1 Y 1 B SER 657 ? B SER 5   
162 1 Y 1 B GLU 658 ? B GLU 6   
163 1 Y 1 B VAL 659 ? B VAL 7   
164 1 Y 1 B VAL 660 ? B VAL 8   
165 1 Y 1 B ASN 745 ? B ASN 93  
166 1 Y 1 B GLU 746 ? B GLU 94  
167 1 Y 1 B PHE 747 ? B PHE 95  
168 1 Y 1 B ALA 748 ? B ALA 96  
169 1 Y 1 B ILE 749 ? B ILE 97  
170 1 Y 1 B THR 750 ? B THR 98  
171 1 Y 1 B SER 751 ? B SER 99  
172 1 Y 1 B GLU 752 ? B GLU 100 
173 1 Y 1 B LYS 753 ? B LYS 101 
174 1 Y 1 B GLU 754 ? B GLU 102 
175 1 Y 1 B ASP 755 ? B ASP 103 
176 1 Y 1 B ALA 756 ? B ALA 104 
177 1 Y 1 B GLU 757 ? B GLU 105 
178 1 Y 1 B SER 758 ? B SER 106 
179 1 Y 1 B ILE 759 ? B ILE 107 
180 1 Y 1 B LEU 760 ? B LEU 108 
181 1 Y 1 B GLN 761 ? B GLN 109 
182 1 Y 1 B ASP 762 ? B ASP 110 
183 1 Y 1 B ILE 763 ? B ILE 111 
184 1 Y 1 B ASP 764 ? B ASP 112 
185 1 Y 1 B PHE 765 ? B PHE 113 
186 1 Y 1 B GLU 766 ? B GLU 114 
187 1 Y 1 B LEU 767 ? B LEU 115 
188 1 Y 1 B GLU 768 ? B GLU 116 
189 1 Y 1 B LEU 769 ? B LEU 117 
190 1 Y 1 B VAL 770 ? B VAL 118 
191 1 Y 1 B HIS 771 ? B HIS 119 
192 1 Y 1 B ARG 772 ? B ARG 120 
193 1 Y 1 B ASP 773 ? B ASP 121 
194 1 Y 1 B ILE 774 ? B ILE 122 
195 1 Y 1 B ILE 775 ? B ILE 123 
196 1 Y 1 B ASN 776 ? B ASN 124 
197 1 Y 1 B VAL 777 ? B VAL 125 
198 1 Y 1 B MET 778 ? B MET 126 
199 1 Y 1 B TYR 779 ? B TYR 127 
200 1 Y 1 B ILE 780 ? B ILE 128 
201 1 Y 1 B LEU 781 ? B LEU 129 
202 1 Y 1 B ALA 782 ? B ALA 130 
203 1 Y 1 B LEU 783 ? B LEU 131 
204 1 Y 1 B LEU 784 ? B LEU 132 
205 1 Y 1 B GLN 785 ? B GLN 133 
206 1 Y 1 B ASP 786 ? B ASP 134 
207 1 Y 1 B LEU 787 ? B LEU 135 
208 1 Y 1 B LYS 788 ? B LYS 136 
209 1 Y 1 B PRO 789 ? B PRO 137 
210 1 Y 1 B GLU 790 ? B GLU 138 
211 1 Y 1 B SER 791 ? B SER 139 
212 1 Y 1 B SER 792 ? B SER 140 
213 1 Y 1 B SER 793 ? B SER 141 
214 1 Y 1 B TYR 794 ? B TYR 142 
215 1 Y 1 B PRO 795 ? B PRO 143 
216 1 Y 1 B LYS 796 ? B LYS 144 
217 1 Y 1 B ASP 797 ? B ASP 145 
218 1 Y 1 B ARG 798 ? B ARG 146 
219 1 Y 1 B LYS 799 ? B LYS 147 
220 1 Y 1 B ALA 800 ? B ALA 148 
221 1 Y 1 B VAL 801 ? B VAL 149 
222 1 Y 1 B LEU 802 ? B LEU 150 
223 1 Y 1 B ASP 803 ? B ASP 151 
224 1 Y 1 B THR 804 ? B THR 152 
225 1 Y 1 B MET 805 ? B MET 153 
226 1 Y 1 B ASP 806 ? B ASP 154 
227 1 Y 1 B SER 807 ? B SER 155 
228 1 Y 1 B ASN 808 ? B ASN 156 
229 1 Y 1 B PRO 809 ? B PRO 157 
230 1 Y 1 B GLU 810 ? B GLU 158 
231 1 Y 1 B LEU 811 ? B LEU 159 
232 1 Y 1 B ARG 812 ? B ARG 160 
233 1 Y 1 B SER 813 ? B SER 161 
234 1 Y 1 B LYS 814 ? B LYS 162 
235 1 Y 1 B ILE 815 ? B ILE 163 
236 1 Y 1 B ALA 816 ? B ALA 164 
237 1 Y 1 B LEU 817 ? B LEU 165 
238 1 Y 1 B ILE 818 ? B ILE 166 
239 1 Y 1 B ASP 819 ? B ASP 167 
240 1 Y 1 B ASN 820 ? B ASN 168 
241 1 Y 1 B PHE 821 ? B PHE 169 
242 1 Y 1 B ILE 822 ? B ILE 170 
243 1 Y 1 B LYS 823 ? B LYS 171 
244 1 Y 1 B LEU 824 ? B LEU 172 
245 1 Y 1 B HIS 825 ? B HIS 173 
246 1 Y 1 B ILE 826 ? B ILE 174 
247 1 Y 1 B ASP 827 ? B ASP 175 
248 1 Y 1 B GLY 828 ? B GLY 176 
249 1 Y 1 B ARG 829 ? B ARG 177 
250 1 Y 1 B GLN 830 ? B GLN 178 
251 1 Y 1 B SER 831 ? B SER 179 
252 1 Y 1 B ASN 832 ? B ASN 180 
253 1 Y 1 B ASP 833 ? B ASP 181 
254 1 Y 1 B LEU 834 ? B LEU 182 
255 1 Y 1 B PRO 835 ? B PRO 183 
256 1 Y 1 B ALA 836 ? B ALA 184 
257 1 Y 1 B ASP 837 ? B ASP 185 
258 1 Y 1 B MET 838 ? B MET 186 
259 1 Y 1 B GLU 839 ? B GLU 187 
260 1 Y 1 B SER 840 ? B SER 188 
261 1 Y 1 B ASP 841 ? B ASP 189 
262 1 Y 1 B LEU 842 ? B LEU 190 
263 1 Y 1 B ASP 843 ? B ASP 191 
264 1 Y 1 B LYS 844 ? B LYS 192 
265 1 Y 1 B TYR 845 ? B TYR 193 
266 1 Y 1 B ILE 846 ? B ILE 194 
267 1 Y 1 B ALA 847 ? B ALA 195 
268 1 Y 1 B THR 848 ? B THR 196 
269 1 Y 1 B GLN 849 ? B GLN 197 
270 1 Y 1 B LYS 850 ? B LYS 198 
271 1 Y 1 B ALA 851 ? B ALA 199 
272 1 Y 1 B ILE 852 ? B ILE 200 
273 1 Y 1 B ALA 853 ? B ALA 201 
274 1 Y 1 B ILE 854 ? B ILE 202 
275 1 Y 1 B GLU 855 ? B GLU 203 
276 1 Y 1 B GLN 856 ? B GLN 204 
277 1 Y 1 B VAL 857 ? B VAL 205 
278 1 Y 1 B ALA 858 ? B ALA 206 
279 1 Y 1 B THR 859 ? B THR 207 
280 1 Y 1 B GLU 860 ? B GLU 208 
281 1 Y 1 B GLU 861 ? B GLU 209 
282 1 Y 1 B GLY 862 ? B GLY 210 
283 1 Y 1 B ILE 863 ? B ILE 211 
284 1 Y 1 B ASP 864 ? B ASP 212 
285 1 Y 1 B SER 865 ? B SER 213 
286 1 Y 1 B THR 866 ? B THR 214 
287 1 Y 1 B LEU 867 ? B LEU 215 
288 1 Y 1 B LEU 868 ? B LEU 216 
289 1 Y 1 B HIS 869 ? B HIS 217 
290 1 Y 1 B GLU 870 ? B GLU 218 
291 1 Y 1 B TYR 871 ? B TYR 219 
292 1 Y 1 B ILE 872 ? B ILE 220 
293 1 Y 1 B SER 873 ? B SER 221 
294 1 Y 1 B GLU 874 ? B GLU 222 
295 1 Y 1 B TYR 875 ? B TYR 223 
296 1 Y 1 B GLU 876 ? B GLU 224 
297 1 Y 1 B TYR 877 ? B TYR 225 
298 1 Y 1 B LEU 878 ? B LEU 226 
299 1 Y 1 B GLY 879 ? B GLY 227 
300 1 Y 1 B LYS 880 ? B LYS 228 
301 1 Y 1 B PRO 881 ? B PRO 229 
302 1 Y 1 B LYS 882 ? B LYS 230 
303 1 Y 1 B ASN 883 ? B ASN 231 
304 1 Y 1 B GLU 884 ? B GLU 232 
305 1 Y 1 B GLY 885 ? B GLY 233 
306 1 Y 1 B HIS 886 ? B HIS 234 
307 1 Y 1 B HIS 887 ? B HIS 235 
308 1 Y 1 B HIS 888 ? B HIS 236 
309 1 Y 1 B HIS 889 ? B HIS 237 
310 1 Y 1 B HIS 890 ? B HIS 238 
311 1 Y 1 B HIS 891 ? B HIS 239 
# 
loop_
_chem_comp_atom.comp_id 
_chem_comp_atom.atom_id 
_chem_comp_atom.type_symbol 
_chem_comp_atom.pdbx_aromatic_flag 
_chem_comp_atom.pdbx_stereo_config 
_chem_comp_atom.pdbx_ordinal 
ALA N    N N N 1   
ALA CA   C N S 2   
ALA C    C N N 3   
ALA O    O N N 4   
ALA CB   C N N 5   
ALA OXT  O N N 6   
ALA H    H N N 7   
ALA H2   H N N 8   
ALA HA   H N N 9   
ALA HB1  H N N 10  
ALA HB2  H N N 11  
ALA HB3  H N N 12  
ALA HXT  H N N 13  
ARG N    N N N 14  
ARG CA   C N S 15  
ARG C    C N N 16  
ARG O    O N N 17  
ARG CB   C N N 18  
ARG CG   C N N 19  
ARG CD   C N N 20  
ARG NE   N N N 21  
ARG CZ   C N N 22  
ARG NH1  N N N 23  
ARG NH2  N N N 24  
ARG OXT  O N N 25  
ARG H    H N N 26  
ARG H2   H N N 27  
ARG HA   H N N 28  
ARG HB2  H N N 29  
ARG HB3  H N N 30  
ARG HG2  H N N 31  
ARG HG3  H N N 32  
ARG HD2  H N N 33  
ARG HD3  H N N 34  
ARG HE   H N N 35  
ARG HH11 H N N 36  
ARG HH12 H N N 37  
ARG HH21 H N N 38  
ARG HH22 H N N 39  
ARG HXT  H N N 40  
ASN N    N N N 41  
ASN CA   C N S 42  
ASN C    C N N 43  
ASN O    O N N 44  
ASN CB   C N N 45  
ASN CG   C N N 46  
ASN OD1  O N N 47  
ASN ND2  N N N 48  
ASN OXT  O N N 49  
ASN H    H N N 50  
ASN H2   H N N 51  
ASN HA   H N N 52  
ASN HB2  H N N 53  
ASN HB3  H N N 54  
ASN HD21 H N N 55  
ASN HD22 H N N 56  
ASN HXT  H N N 57  
ASP N    N N N 58  
ASP CA   C N S 59  
ASP C    C N N 60  
ASP O    O N N 61  
ASP CB   C N N 62  
ASP CG   C N N 63  
ASP OD1  O N N 64  
ASP OD2  O N N 65  
ASP OXT  O N N 66  
ASP H    H N N 67  
ASP H2   H N N 68  
ASP HA   H N N 69  
ASP HB2  H N N 70  
ASP HB3  H N N 71  
ASP HD2  H N N 72  
ASP HXT  H N N 73  
GLN N    N N N 74  
GLN CA   C N S 75  
GLN C    C N N 76  
GLN O    O N N 77  
GLN CB   C N N 78  
GLN CG   C N N 79  
GLN CD   C N N 80  
GLN OE1  O N N 81  
GLN NE2  N N N 82  
GLN OXT  O N N 83  
GLN H    H N N 84  
GLN H2   H N N 85  
GLN HA   H N N 86  
GLN HB2  H N N 87  
GLN HB3  H N N 88  
GLN HG2  H N N 89  
GLN HG3  H N N 90  
GLN HE21 H N N 91  
GLN HE22 H N N 92  
GLN HXT  H N N 93  
GLU N    N N N 94  
GLU CA   C N S 95  
GLU C    C N N 96  
GLU O    O N N 97  
GLU CB   C N N 98  
GLU CG   C N N 99  
GLU CD   C N N 100 
GLU OE1  O N N 101 
GLU OE2  O N N 102 
GLU OXT  O N N 103 
GLU H    H N N 104 
GLU H2   H N N 105 
GLU HA   H N N 106 
GLU HB2  H N N 107 
GLU HB3  H N N 108 
GLU HG2  H N N 109 
GLU HG3  H N N 110 
GLU HE2  H N N 111 
GLU HXT  H N N 112 
GLY N    N N N 113 
GLY CA   C N N 114 
GLY C    C N N 115 
GLY O    O N N 116 
GLY OXT  O N N 117 
GLY H    H N N 118 
GLY H2   H N N 119 
GLY HA2  H N N 120 
GLY HA3  H N N 121 
GLY HXT  H N N 122 
HIS N    N N N 123 
HIS CA   C N S 124 
HIS C    C N N 125 
HIS O    O N N 126 
HIS CB   C N N 127 
HIS CG   C Y N 128 
HIS ND1  N Y N 129 
HIS CD2  C Y N 130 
HIS CE1  C Y N 131 
HIS NE2  N Y N 132 
HIS OXT  O N N 133 
HIS H    H N N 134 
HIS H2   H N N 135 
HIS HA   H N N 136 
HIS HB2  H N N 137 
HIS HB3  H N N 138 
HIS HD1  H N N 139 
HIS HD2  H N N 140 
HIS HE1  H N N 141 
HIS HE2  H N N 142 
HIS HXT  H N N 143 
HOH O    O N N 144 
HOH H1   H N N 145 
HOH H2   H N N 146 
ILE N    N N N 147 
ILE CA   C N S 148 
ILE C    C N N 149 
ILE O    O N N 150 
ILE CB   C N S 151 
ILE CG1  C N N 152 
ILE CG2  C N N 153 
ILE CD1  C N N 154 
ILE OXT  O N N 155 
ILE H    H N N 156 
ILE H2   H N N 157 
ILE HA   H N N 158 
ILE HB   H N N 159 
ILE HG12 H N N 160 
ILE HG13 H N N 161 
ILE HG21 H N N 162 
ILE HG22 H N N 163 
ILE HG23 H N N 164 
ILE HD11 H N N 165 
ILE HD12 H N N 166 
ILE HD13 H N N 167 
ILE HXT  H N N 168 
LEU N    N N N 169 
LEU CA   C N S 170 
LEU C    C N N 171 
LEU O    O N N 172 
LEU CB   C N N 173 
LEU CG   C N N 174 
LEU CD1  C N N 175 
LEU CD2  C N N 176 
LEU OXT  O N N 177 
LEU H    H N N 178 
LEU H2   H N N 179 
LEU HA   H N N 180 
LEU HB2  H N N 181 
LEU HB3  H N N 182 
LEU HG   H N N 183 
LEU HD11 H N N 184 
LEU HD12 H N N 185 
LEU HD13 H N N 186 
LEU HD21 H N N 187 
LEU HD22 H N N 188 
LEU HD23 H N N 189 
LEU HXT  H N N 190 
LYS N    N N N 191 
LYS CA   C N S 192 
LYS C    C N N 193 
LYS O    O N N 194 
LYS CB   C N N 195 
LYS CG   C N N 196 
LYS CD   C N N 197 
LYS CE   C N N 198 
LYS NZ   N N N 199 
LYS OXT  O N N 200 
LYS H    H N N 201 
LYS H2   H N N 202 
LYS HA   H N N 203 
LYS HB2  H N N 204 
LYS HB3  H N N 205 
LYS HG2  H N N 206 
LYS HG3  H N N 207 
LYS HD2  H N N 208 
LYS HD3  H N N 209 
LYS HE2  H N N 210 
LYS HE3  H N N 211 
LYS HZ1  H N N 212 
LYS HZ2  H N N 213 
LYS HZ3  H N N 214 
LYS HXT  H N N 215 
MET N    N N N 216 
MET CA   C N S 217 
MET C    C N N 218 
MET O    O N N 219 
MET CB   C N N 220 
MET CG   C N N 221 
MET SD   S N N 222 
MET CE   C N N 223 
MET OXT  O N N 224 
MET H    H N N 225 
MET H2   H N N 226 
MET HA   H N N 227 
MET HB2  H N N 228 
MET HB3  H N N 229 
MET HG2  H N N 230 
MET HG3  H N N 231 
MET HE1  H N N 232 
MET HE2  H N N 233 
MET HE3  H N N 234 
MET HXT  H N N 235 
PHE N    N N N 236 
PHE CA   C N S 237 
PHE C    C N N 238 
PHE O    O N N 239 
PHE CB   C N N 240 
PHE CG   C Y N 241 
PHE CD1  C Y N 242 
PHE CD2  C Y N 243 
PHE CE1  C Y N 244 
PHE CE2  C Y N 245 
PHE CZ   C Y N 246 
PHE OXT  O N N 247 
PHE H    H N N 248 
PHE H2   H N N 249 
PHE HA   H N N 250 
PHE HB2  H N N 251 
PHE HB3  H N N 252 
PHE HD1  H N N 253 
PHE HD2  H N N 254 
PHE HE1  H N N 255 
PHE HE2  H N N 256 
PHE HZ   H N N 257 
PHE HXT  H N N 258 
PRO N    N N N 259 
PRO CA   C N S 260 
PRO C    C N N 261 
PRO O    O N N 262 
PRO CB   C N N 263 
PRO CG   C N N 264 
PRO CD   C N N 265 
PRO OXT  O N N 266 
PRO H    H N N 267 
PRO HA   H N N 268 
PRO HB2  H N N 269 
PRO HB3  H N N 270 
PRO HG2  H N N 271 
PRO HG3  H N N 272 
PRO HD2  H N N 273 
PRO HD3  H N N 274 
PRO HXT  H N N 275 
SER N    N N N 276 
SER CA   C N S 277 
SER C    C N N 278 
SER O    O N N 279 
SER CB   C N N 280 
SER OG   O N N 281 
SER OXT  O N N 282 
SER H    H N N 283 
SER H2   H N N 284 
SER HA   H N N 285 
SER HB2  H N N 286 
SER HB3  H N N 287 
SER HG   H N N 288 
SER HXT  H N N 289 
THR N    N N N 290 
THR CA   C N S 291 
THR C    C N N 292 
THR O    O N N 293 
THR CB   C N R 294 
THR OG1  O N N 295 
THR CG2  C N N 296 
THR OXT  O N N 297 
THR H    H N N 298 
THR H2   H N N 299 
THR HA   H N N 300 
THR HB   H N N 301 
THR HG1  H N N 302 
THR HG21 H N N 303 
THR HG22 H N N 304 
THR HG23 H N N 305 
THR HXT  H N N 306 
TYR N    N N N 307 
TYR CA   C N S 308 
TYR C    C N N 309 
TYR O    O N N 310 
TYR CB   C N N 311 
TYR CG   C Y N 312 
TYR CD1  C Y N 313 
TYR CD2  C Y N 314 
TYR CE1  C Y N 315 
TYR CE2  C Y N 316 
TYR CZ   C Y N 317 
TYR OH   O N N 318 
TYR OXT  O N N 319 
TYR H    H N N 320 
TYR H2   H N N 321 
TYR HA   H N N 322 
TYR HB2  H N N 323 
TYR HB3  H N N 324 
TYR HD1  H N N 325 
TYR HD2  H N N 326 
TYR HE1  H N N 327 
TYR HE2  H N N 328 
TYR HH   H N N 329 
TYR HXT  H N N 330 
VAL N    N N N 331 
VAL CA   C N S 332 
VAL C    C N N 333 
VAL O    O N N 334 
VAL CB   C N N 335 
VAL CG1  C N N 336 
VAL CG2  C N N 337 
VAL OXT  O N N 338 
VAL H    H N N 339 
VAL H2   H N N 340 
VAL HA   H N N 341 
VAL HB   H N N 342 
VAL HG11 H N N 343 
VAL HG12 H N N 344 
VAL HG13 H N N 345 
VAL HG21 H N N 346 
VAL HG22 H N N 347 
VAL HG23 H N N 348 
VAL HXT  H N N 349 
# 
loop_
_chem_comp_bond.comp_id 
_chem_comp_bond.atom_id_1 
_chem_comp_bond.atom_id_2 
_chem_comp_bond.value_order 
_chem_comp_bond.pdbx_aromatic_flag 
_chem_comp_bond.pdbx_stereo_config 
_chem_comp_bond.pdbx_ordinal 
ALA N   CA   sing N N 1   
ALA N   H    sing N N 2   
ALA N   H2   sing N N 3   
ALA CA  C    sing N N 4   
ALA CA  CB   sing N N 5   
ALA CA  HA   sing N N 6   
ALA C   O    doub N N 7   
ALA C   OXT  sing N N 8   
ALA CB  HB1  sing N N 9   
ALA CB  HB2  sing N N 10  
ALA CB  HB3  sing N N 11  
ALA OXT HXT  sing N N 12  
ARG N   CA   sing N N 13  
ARG N   H    sing N N 14  
ARG N   H2   sing N N 15  
ARG CA  C    sing N N 16  
ARG CA  CB   sing N N 17  
ARG CA  HA   sing N N 18  
ARG C   O    doub N N 19  
ARG C   OXT  sing N N 20  
ARG CB  CG   sing N N 21  
ARG CB  HB2  sing N N 22  
ARG CB  HB3  sing N N 23  
ARG CG  CD   sing N N 24  
ARG CG  HG2  sing N N 25  
ARG CG  HG3  sing N N 26  
ARG CD  NE   sing N N 27  
ARG CD  HD2  sing N N 28  
ARG CD  HD3  sing N N 29  
ARG NE  CZ   sing N N 30  
ARG NE  HE   sing N N 31  
ARG CZ  NH1  sing N N 32  
ARG CZ  NH2  doub N N 33  
ARG NH1 HH11 sing N N 34  
ARG NH1 HH12 sing N N 35  
ARG NH2 HH21 sing N N 36  
ARG NH2 HH22 sing N N 37  
ARG OXT HXT  sing N N 38  
ASN N   CA   sing N N 39  
ASN N   H    sing N N 40  
ASN N   H2   sing N N 41  
ASN CA  C    sing N N 42  
ASN CA  CB   sing N N 43  
ASN CA  HA   sing N N 44  
ASN C   O    doub N N 45  
ASN C   OXT  sing N N 46  
ASN CB  CG   sing N N 47  
ASN CB  HB2  sing N N 48  
ASN CB  HB3  sing N N 49  
ASN CG  OD1  doub N N 50  
ASN CG  ND2  sing N N 51  
ASN ND2 HD21 sing N N 52  
ASN ND2 HD22 sing N N 53  
ASN OXT HXT  sing N N 54  
ASP N   CA   sing N N 55  
ASP N   H    sing N N 56  
ASP N   H2   sing N N 57  
ASP CA  C    sing N N 58  
ASP CA  CB   sing N N 59  
ASP CA  HA   sing N N 60  
ASP C   O    doub N N 61  
ASP C   OXT  sing N N 62  
ASP CB  CG   sing N N 63  
ASP CB  HB2  sing N N 64  
ASP CB  HB3  sing N N 65  
ASP CG  OD1  doub N N 66  
ASP CG  OD2  sing N N 67  
ASP OD2 HD2  sing N N 68  
ASP OXT HXT  sing N N 69  
GLN N   CA   sing N N 70  
GLN N   H    sing N N 71  
GLN N   H2   sing N N 72  
GLN CA  C    sing N N 73  
GLN CA  CB   sing N N 74  
GLN CA  HA   sing N N 75  
GLN C   O    doub N N 76  
GLN C   OXT  sing N N 77  
GLN CB  CG   sing N N 78  
GLN CB  HB2  sing N N 79  
GLN CB  HB3  sing N N 80  
GLN CG  CD   sing N N 81  
GLN CG  HG2  sing N N 82  
GLN CG  HG3  sing N N 83  
GLN CD  OE1  doub N N 84  
GLN CD  NE2  sing N N 85  
GLN NE2 HE21 sing N N 86  
GLN NE2 HE22 sing N N 87  
GLN OXT HXT  sing N N 88  
GLU N   CA   sing N N 89  
GLU N   H    sing N N 90  
GLU N   H2   sing N N 91  
GLU CA  C    sing N N 92  
GLU CA  CB   sing N N 93  
GLU CA  HA   sing N N 94  
GLU C   O    doub N N 95  
GLU C   OXT  sing N N 96  
GLU CB  CG   sing N N 97  
GLU CB  HB2  sing N N 98  
GLU CB  HB3  sing N N 99  
GLU CG  CD   sing N N 100 
GLU CG  HG2  sing N N 101 
GLU CG  HG3  sing N N 102 
GLU CD  OE1  doub N N 103 
GLU CD  OE2  sing N N 104 
GLU OE2 HE2  sing N N 105 
GLU OXT HXT  sing N N 106 
GLY N   CA   sing N N 107 
GLY N   H    sing N N 108 
GLY N   H2   sing N N 109 
GLY CA  C    sing N N 110 
GLY CA  HA2  sing N N 111 
GLY CA  HA3  sing N N 112 
GLY C   O    doub N N 113 
GLY C   OXT  sing N N 114 
GLY OXT HXT  sing N N 115 
HIS N   CA   sing N N 116 
HIS N   H    sing N N 117 
HIS N   H2   sing N N 118 
HIS CA  C    sing N N 119 
HIS CA  CB   sing N N 120 
HIS CA  HA   sing N N 121 
HIS C   O    doub N N 122 
HIS C   OXT  sing N N 123 
HIS CB  CG   sing N N 124 
HIS CB  HB2  sing N N 125 
HIS CB  HB3  sing N N 126 
HIS CG  ND1  sing Y N 127 
HIS CG  CD2  doub Y N 128 
HIS ND1 CE1  doub Y N 129 
HIS ND1 HD1  sing N N 130 
HIS CD2 NE2  sing Y N 131 
HIS CD2 HD2  sing N N 132 
HIS CE1 NE2  sing Y N 133 
HIS CE1 HE1  sing N N 134 
HIS NE2 HE2  sing N N 135 
HIS OXT HXT  sing N N 136 
HOH O   H1   sing N N 137 
HOH O   H2   sing N N 138 
ILE N   CA   sing N N 139 
ILE N   H    sing N N 140 
ILE N   H2   sing N N 141 
ILE CA  C    sing N N 142 
ILE CA  CB   sing N N 143 
ILE CA  HA   sing N N 144 
ILE C   O    doub N N 145 
ILE C   OXT  sing N N 146 
ILE CB  CG1  sing N N 147 
ILE CB  CG2  sing N N 148 
ILE CB  HB   sing N N 149 
ILE CG1 CD1  sing N N 150 
ILE CG1 HG12 sing N N 151 
ILE CG1 HG13 sing N N 152 
ILE CG2 HG21 sing N N 153 
ILE CG2 HG22 sing N N 154 
ILE CG2 HG23 sing N N 155 
ILE CD1 HD11 sing N N 156 
ILE CD1 HD12 sing N N 157 
ILE CD1 HD13 sing N N 158 
ILE OXT HXT  sing N N 159 
LEU N   CA   sing N N 160 
LEU N   H    sing N N 161 
LEU N   H2   sing N N 162 
LEU CA  C    sing N N 163 
LEU CA  CB   sing N N 164 
LEU CA  HA   sing N N 165 
LEU C   O    doub N N 166 
LEU C   OXT  sing N N 167 
LEU CB  CG   sing N N 168 
LEU CB  HB2  sing N N 169 
LEU CB  HB3  sing N N 170 
LEU CG  CD1  sing N N 171 
LEU CG  CD2  sing N N 172 
LEU CG  HG   sing N N 173 
LEU CD1 HD11 sing N N 174 
LEU CD1 HD12 sing N N 175 
LEU CD1 HD13 sing N N 176 
LEU CD2 HD21 sing N N 177 
LEU CD2 HD22 sing N N 178 
LEU CD2 HD23 sing N N 179 
LEU OXT HXT  sing N N 180 
LYS N   CA   sing N N 181 
LYS N   H    sing N N 182 
LYS N   H2   sing N N 183 
LYS CA  C    sing N N 184 
LYS CA  CB   sing N N 185 
LYS CA  HA   sing N N 186 
LYS C   O    doub N N 187 
LYS C   OXT  sing N N 188 
LYS CB  CG   sing N N 189 
LYS CB  HB2  sing N N 190 
LYS CB  HB3  sing N N 191 
LYS CG  CD   sing N N 192 
LYS CG  HG2  sing N N 193 
LYS CG  HG3  sing N N 194 
LYS CD  CE   sing N N 195 
LYS CD  HD2  sing N N 196 
LYS CD  HD3  sing N N 197 
LYS CE  NZ   sing N N 198 
LYS CE  HE2  sing N N 199 
LYS CE  HE3  sing N N 200 
LYS NZ  HZ1  sing N N 201 
LYS NZ  HZ2  sing N N 202 
LYS NZ  HZ3  sing N N 203 
LYS OXT HXT  sing N N 204 
MET N   CA   sing N N 205 
MET N   H    sing N N 206 
MET N   H2   sing N N 207 
MET CA  C    sing N N 208 
MET CA  CB   sing N N 209 
MET CA  HA   sing N N 210 
MET C   O    doub N N 211 
MET C   OXT  sing N N 212 
MET CB  CG   sing N N 213 
MET CB  HB2  sing N N 214 
MET CB  HB3  sing N N 215 
MET CG  SD   sing N N 216 
MET CG  HG2  sing N N 217 
MET CG  HG3  sing N N 218 
MET SD  CE   sing N N 219 
MET CE  HE1  sing N N 220 
MET CE  HE2  sing N N 221 
MET CE  HE3  sing N N 222 
MET OXT HXT  sing N N 223 
PHE N   CA   sing N N 224 
PHE N   H    sing N N 225 
PHE N   H2   sing N N 226 
PHE CA  C    sing N N 227 
PHE CA  CB   sing N N 228 
PHE CA  HA   sing N N 229 
PHE C   O    doub N N 230 
PHE C   OXT  sing N N 231 
PHE CB  CG   sing N N 232 
PHE CB  HB2  sing N N 233 
PHE CB  HB3  sing N N 234 
PHE CG  CD1  doub Y N 235 
PHE CG  CD2  sing Y N 236 
PHE CD1 CE1  sing Y N 237 
PHE CD1 HD1  sing N N 238 
PHE CD2 CE2  doub Y N 239 
PHE CD2 HD2  sing N N 240 
PHE CE1 CZ   doub Y N 241 
PHE CE1 HE1  sing N N 242 
PHE CE2 CZ   sing Y N 243 
PHE CE2 HE2  sing N N 244 
PHE CZ  HZ   sing N N 245 
PHE OXT HXT  sing N N 246 
PRO N   CA   sing N N 247 
PRO N   CD   sing N N 248 
PRO N   H    sing N N 249 
PRO CA  C    sing N N 250 
PRO CA  CB   sing N N 251 
PRO CA  HA   sing N N 252 
PRO C   O    doub N N 253 
PRO C   OXT  sing N N 254 
PRO CB  CG   sing N N 255 
PRO CB  HB2  sing N N 256 
PRO CB  HB3  sing N N 257 
PRO CG  CD   sing N N 258 
PRO CG  HG2  sing N N 259 
PRO CG  HG3  sing N N 260 
PRO CD  HD2  sing N N 261 
PRO CD  HD3  sing N N 262 
PRO OXT HXT  sing N N 263 
SER N   CA   sing N N 264 
SER N   H    sing N N 265 
SER N   H2   sing N N 266 
SER CA  C    sing N N 267 
SER CA  CB   sing N N 268 
SER CA  HA   sing N N 269 
SER C   O    doub N N 270 
SER C   OXT  sing N N 271 
SER CB  OG   sing N N 272 
SER CB  HB2  sing N N 273 
SER CB  HB3  sing N N 274 
SER OG  HG   sing N N 275 
SER OXT HXT  sing N N 276 
THR N   CA   sing N N 277 
THR N   H    sing N N 278 
THR N   H2   sing N N 279 
THR CA  C    sing N N 280 
THR CA  CB   sing N N 281 
THR CA  HA   sing N N 282 
THR C   O    doub N N 283 
THR C   OXT  sing N N 284 
THR CB  OG1  sing N N 285 
THR CB  CG2  sing N N 286 
THR CB  HB   sing N N 287 
THR OG1 HG1  sing N N 288 
THR CG2 HG21 sing N N 289 
THR CG2 HG22 sing N N 290 
THR CG2 HG23 sing N N 291 
THR OXT HXT  sing N N 292 
TYR N   CA   sing N N 293 
TYR N   H    sing N N 294 
TYR N   H2   sing N N 295 
TYR CA  C    sing N N 296 
TYR CA  CB   sing N N 297 
TYR CA  HA   sing N N 298 
TYR C   O    doub N N 299 
TYR C   OXT  sing N N 300 
TYR CB  CG   sing N N 301 
TYR CB  HB2  sing N N 302 
TYR CB  HB3  sing N N 303 
TYR CG  CD1  doub Y N 304 
TYR CG  CD2  sing Y N 305 
TYR CD1 CE1  sing Y N 306 
TYR CD1 HD1  sing N N 307 
TYR CD2 CE2  doub Y N 308 
TYR CD2 HD2  sing N N 309 
TYR CE1 CZ   doub Y N 310 
TYR CE1 HE1  sing N N 311 
TYR CE2 CZ   sing Y N 312 
TYR CE2 HE2  sing N N 313 
TYR CZ  OH   sing N N 314 
TYR OH  HH   sing N N 315 
TYR OXT HXT  sing N N 316 
VAL N   CA   sing N N 317 
VAL N   H    sing N N 318 
VAL N   H2   sing N N 319 
VAL CA  C    sing N N 320 
VAL CA  CB   sing N N 321 
VAL CA  HA   sing N N 322 
VAL C   O    doub N N 323 
VAL C   OXT  sing N N 324 
VAL CB  CG1  sing N N 325 
VAL CB  CG2  sing N N 326 
VAL CB  HB   sing N N 327 
VAL CG1 HG11 sing N N 328 
VAL CG1 HG12 sing N N 329 
VAL CG1 HG13 sing N N 330 
VAL CG2 HG21 sing N N 331 
VAL CG2 HG22 sing N N 332 
VAL CG2 HG23 sing N N 333 
VAL OXT HXT  sing N N 334 
# 
_atom_sites.entry_id                    3EVY 
_atom_sites.fract_transf_matrix[1][1]   0.00159325 
_atom_sites.fract_transf_matrix[1][2]   0.01764272 
_atom_sites.fract_transf_matrix[1][3]   0.00433407 
_atom_sites.fract_transf_matrix[2][1]   -0.00649015 
_atom_sites.fract_transf_matrix[2][2]   0.00448120 
_atom_sites.fract_transf_matrix[2][3]   -0.01585577 
_atom_sites.fract_transf_matrix[3][1]   -0.01221157 
_atom_sites.fract_transf_matrix[3][2]   -0.00011701 
_atom_sites.fract_transf_matrix[3][3]   0.00496542 
_atom_sites.fract_transf_vector[1]      0.761794 
_atom_sites.fract_transf_vector[2]      0.489580 
_atom_sites.fract_transf_vector[3]      0.088641 
# 
loop_
_atom_type.symbol 
C 
N 
O 
S 
# 
loop_
_atom_site.group_PDB 
_atom_site.id 
_atom_site.type_symbol 
_atom_site.label_atom_id 
_atom_site.label_alt_id 
_atom_site.label_comp_id 
_atom_site.label_asym_id 
_atom_site.label_entity_id 
_atom_site.label_seq_id 
_atom_site.pdbx_PDB_ins_code 
_atom_site.Cartn_x 
_atom_site.Cartn_y 
_atom_site.Cartn_z 
_atom_site.occupancy 
_atom_site.B_iso_or_equiv 
_atom_site.pdbx_formal_charge 
_atom_site.auth_seq_id 
_atom_site.auth_comp_id 
_atom_site.auth_asym_id 
_atom_site.auth_atom_id 
_atom_site.pdbx_PDB_model_num 
ATOM   1    N N   . MET A 1 10 ? 3.199   14.158  -15.674 1.00 62.68 ? 662 MET A N   1 
ATOM   2    C CA  . MET A 1 10 ? 3.501   12.690  -15.718 1.00 62.85 ? 662 MET A CA  1 
ATOM   3    C C   . MET A 1 10 ? 2.390   11.906  -15.000 1.00 61.76 ? 662 MET A C   1 
ATOM   4    O O   . MET A 1 10 ? 1.564   12.480  -14.269 1.00 62.09 ? 662 MET A O   1 
ATOM   5    C CB  . MET A 1 10 ? 4.859   12.377  -15.088 1.00 63.04 ? 662 MET A CB  1 
ATOM   6    C CG  . MET A 1 10 ? 4.908   12.639  -13.589 1.00 65.65 ? 662 MET A CG  1 
ATOM   7    S SD  . MET A 1 10 ? 6.573   12.569  -12.859 1.00 68.99 ? 662 MET A SD  1 
ATOM   8    C CE  . MET A 1 10 ? 6.409   13.791  -11.550 1.00 68.26 ? 662 MET A CE  1 
ATOM   9    N N   . LYS A 1 11 ? 2.370   10.599  -15.222 1.00 59.86 ? 663 LYS A N   1 
ATOM   10   C CA  . LYS A 1 11 ? 1.316   9.746   -14.664 1.00 58.43 ? 663 LYS A CA  1 
ATOM   11   C C   . LYS A 1 11 ? 1.446   9.539   -13.150 1.00 56.33 ? 663 LYS A C   1 
ATOM   12   O O   . LYS A 1 11 ? 2.563   9.523   -12.587 1.00 54.97 ? 663 LYS A O   1 
ATOM   13   C CB  . LYS A 1 11 ? 1.371   8.382   -15.347 1.00 59.33 ? 663 LYS A CB  1 
ATOM   14   C CG  . LYS A 1 11 ? 1.269   8.474   -16.859 1.00 62.00 ? 663 LYS A CG  1 
ATOM   15   C CD  . LYS A 1 11 ? 1.316   7.084   -17.436 1.00 69.68 ? 663 LYS A CD  1 
ATOM   16   C CE  . LYS A 1 11 ? 0.453   6.154   -16.563 1.00 70.88 ? 663 LYS A CE  1 
ATOM   17   N NZ  . LYS A 1 11 ? 0.835   4.732   -16.753 1.00 74.71 ? 663 LYS A NZ  1 
ATOM   18   N N   . PRO A 1 12 ? 0.300   9.357   -12.486 1.00 54.43 ? 664 PRO A N   1 
ATOM   19   C CA  . PRO A 1 12 ? 0.217   9.140   -11.027 1.00 51.94 ? 664 PRO A CA  1 
ATOM   20   C C   . PRO A 1 12 ? 1.330   8.209   -10.481 1.00 49.35 ? 664 PRO A C   1 
ATOM   21   O O   . PRO A 1 12 ? 1.979   8.586   -9.499  1.00 47.59 ? 664 PRO A O   1 
ATOM   22   C CB  . PRO A 1 12 ? -1.174  8.516   -10.844 1.00 52.34 ? 664 PRO A CB  1 
ATOM   23   C CG  . PRO A 1 12 ? -1.974  9.140   -11.920 1.00 53.67 ? 664 PRO A CG  1 
ATOM   24   C CD  . PRO A 1 12 ? -1.004  9.157   -13.133 1.00 55.22 ? 664 PRO A CD  1 
ATOM   25   N N   . TYR A 1 13 ? 1.544   7.052   -11.118 1.00 46.86 ? 665 TYR A N   1 
ATOM   26   C CA  . TYR A 1 13 ? 2.555   6.093   -10.676 1.00 47.00 ? 665 TYR A CA  1 
ATOM   27   C C   . TYR A 1 13 ? 3.984   6.629   -10.642 1.00 46.69 ? 665 TYR A C   1 
ATOM   28   O O   . TYR A 1 13 ? 4.758   6.338   -9.732  1.00 46.91 ? 665 TYR A O   1 
ATOM   29   C CB  . TYR A 1 13 ? 2.547   4.862   -11.566 1.00 46.18 ? 665 TYR A CB  1 
ATOM   30   C CG  . TYR A 1 13 ? 3.631   3.846   -11.229 1.00 42.89 ? 665 TYR A CG  1 
ATOM   31   C CD1 . TYR A 1 13 ? 3.497   2.939   -10.175 1.00 41.06 ? 665 TYR A CD1 1 
ATOM   32   C CD2 . TYR A 1 13 ? 4.796   3.769   -11.995 1.00 39.85 ? 665 TYR A CD2 1 
ATOM   33   C CE1 . TYR A 1 13 ? 4.477   2.011   -9.910  1.00 37.44 ? 665 TYR A CE1 1 
ATOM   34   C CE2 . TYR A 1 13 ? 5.810   2.834   -11.684 1.00 38.84 ? 665 TYR A CE2 1 
ATOM   35   C CZ  . TYR A 1 13 ? 5.632   1.972   -10.658 1.00 39.37 ? 665 TYR A CZ  1 
ATOM   36   O OH  . TYR A 1 13 ? 6.620   1.017   -10.428 1.00 40.16 ? 665 TYR A OH  1 
ATOM   37   N N   . GLU A 1 14 ? 4.328   7.347   -11.695 1.00 46.35 ? 666 GLU A N   1 
ATOM   38   C CA  . GLU A 1 14 ? 5.645   7.907   -11.907 1.00 47.65 ? 666 GLU A CA  1 
ATOM   39   C C   . GLU A 1 14 ? 5.895   8.972   -10.885 1.00 47.12 ? 666 GLU A C   1 
ATOM   40   O O   . GLU A 1 14 ? 6.977   8.992   -10.284 1.00 47.20 ? 666 GLU A O   1 
ATOM   41   C CB  . GLU A 1 14 ? 5.715   8.540   -13.312 1.00 48.20 ? 666 GLU A CB  1 
ATOM   42   C CG  . GLU A 1 14 ? 5.314   7.538   -14.454 1.00 56.04 ? 666 GLU A CG  1 
ATOM   43   C CD  . GLU A 1 14 ? 5.240   8.158   -15.864 1.00 61.82 ? 666 GLU A CD  1 
ATOM   44   O OE1 . GLU A 1 14 ? 5.979   7.634   -16.744 1.00 62.05 ? 666 GLU A OE1 1 
ATOM   45   O OE2 . GLU A 1 14 ? 4.451   9.139   -16.074 1.00 65.05 ? 666 GLU A OE2 1 
ATOM   46   N N   . LYS A 1 15 ? 4.886   9.827   -10.657 1.00 45.79 ? 667 LYS A N   1 
ATOM   47   C CA  . LYS A 1 15 ? 4.918   10.825  -9.560  1.00 46.53 ? 667 LYS A CA  1 
ATOM   48   C C   . LYS A 1 15 ? 5.237   10.205  -8.208  1.00 44.59 ? 667 LYS A C   1 
ATOM   49   O O   . LYS A 1 15 ? 6.101   10.712  -7.482  1.00 45.00 ? 667 LYS A O   1 
ATOM   50   C CB  . LYS A 1 15 ? 3.588   11.604  -9.434  1.00 47.80 ? 667 LYS A CB  1 
ATOM   51   C CG  . LYS A 1 15 ? 3.511   12.919  -10.244 1.00 54.78 ? 667 LYS A CG  1 
ATOM   52   C CD  . LYS A 1 15 ? 2.118   13.580  -10.165 1.00 61.40 ? 667 LYS A CD  1 
ATOM   53   C CE  . LYS A 1 15 ? 1.049   12.756  -10.882 1.00 66.14 ? 667 LYS A CE  1 
ATOM   54   N NZ  . LYS A 1 15 ? -0.358  13.088  -10.494 1.00 69.16 ? 667 LYS A NZ  1 
ATOM   55   N N   . LEU A 1 16 ? 4.506   9.162   -7.817  1.00 42.60 ? 668 LEU A N   1 
ATOM   56   C CA  . LEU A 1 16 ? 4.736   8.549   -6.517  1.00 42.24 ? 668 LEU A CA  1 
ATOM   57   C C   . LEU A 1 16 ? 6.129   7.845   -6.421  1.00 42.87 ? 668 LEU A C   1 
ATOM   58   O O   . LEU A 1 16 ? 6.701   7.746   -5.325  1.00 43.63 ? 668 LEU A O   1 
ATOM   59   C CB  . LEU A 1 16 ? 3.627   7.545   -6.180  1.00 40.53 ? 668 LEU A CB  1 
ATOM   60   C CG  . LEU A 1 16 ? 2.154   8.002   -6.072  1.00 42.64 ? 668 LEU A CG  1 
ATOM   61   C CD1 . LEU A 1 16 ? 1.116   6.802   -6.371  1.00 38.54 ? 668 LEU A CD1 1 
ATOM   62   C CD2 . LEU A 1 16 ? 1.871   8.580   -4.678  1.00 39.65 ? 668 LEU A CD2 1 
ATOM   63   N N   . VAL A 1 17 ? 6.586   7.249   -7.517  1.00 43.12 ? 669 VAL A N   1 
ATOM   64   C CA  . VAL A 1 17 ? 7.915   6.611   -7.544  1.00 43.11 ? 669 VAL A CA  1 
ATOM   65   C C   . VAL A 1 17 ? 8.986   7.654   -7.287  1.00 43.60 ? 669 VAL A C   1 
ATOM   66   O O   . VAL A 1 17 ? 9.897   7.414   -6.506  1.00 43.11 ? 669 VAL A O   1 
ATOM   67   C CB  . VAL A 1 17 ? 8.195   5.851   -8.880  1.00 44.23 ? 669 VAL A CB  1 
ATOM   68   C CG1 . VAL A 1 17 ? 9.707   5.519   -9.076  1.00 41.50 ? 669 VAL A CG1 1 
ATOM   69   C CG2 . VAL A 1 17 ? 7.357   4.585   -8.982  1.00 41.03 ? 669 VAL A CG2 1 
ATOM   70   N N   . GLU A 1 18 ? 8.842   8.842   -7.898  1.00 44.19 ? 670 GLU A N   1 
ATOM   71   C CA  . GLU A 1 18 ? 9.799   9.928   -7.696  1.00 46.08 ? 670 GLU A CA  1 
ATOM   72   C C   . GLU A 1 18 ? 9.834   10.407  -6.242  1.00 45.59 ? 670 GLU A C   1 
ATOM   73   O O   . GLU A 1 18 ? 10.898  10.547  -5.670  1.00 45.84 ? 670 GLU A O   1 
ATOM   74   C CB  . GLU A 1 18 ? 9.432   11.102  -8.612  1.00 48.38 ? 670 GLU A CB  1 
ATOM   75   C CG  . GLU A 1 18 ? 10.397  12.255  -8.453  1.00 56.34 ? 670 GLU A CG  1 
ATOM   76   C CD  . GLU A 1 18 ? 10.022  13.426  -9.341  1.00 65.16 ? 670 GLU A CD  1 
ATOM   77   O OE1 . GLU A 1 18 ? 9.475   13.180  -10.455 1.00 67.20 ? 670 GLU A OE1 1 
ATOM   78   O OE2 . GLU A 1 18 ? 10.261  14.580  -8.893  1.00 71.25 ? 670 GLU A OE2 1 
ATOM   79   N N   . ARG A 1 19 ? 8.669   10.667  -5.648  1.00 44.94 ? 671 ARG A N   1 
ATOM   80   C CA  . ARG A 1 19 ? 8.546   10.915  -4.228  1.00 44.94 ? 671 ARG A CA  1 
ATOM   81   C C   . ARG A 1 19 ? 9.187   9.784   -3.354  1.00 44.15 ? 671 ARG A C   1 
ATOM   82   O O   . ARG A 1 19 ? 9.837   10.069  -2.346  1.00 44.16 ? 671 ARG A O   1 
ATOM   83   C CB  . ARG A 1 19 ? 7.080   11.000  -3.792  1.00 45.21 ? 671 ARG A CB  1 
ATOM   84   C CG  . ARG A 1 19 ? 6.457   12.374  -3.912  1.00 51.98 ? 671 ARG A CG  1 
ATOM   85   C CD  . ARG A 1 19 ? 4.901   12.334  -3.822  1.00 59.87 ? 671 ARG A CD  1 
ATOM   86   N NE  . ARG A 1 19 ? 4.486   11.954  -2.471  1.00 64.58 ? 671 ARG A NE  1 
ATOM   87   C CZ  . ARG A 1 19 ? 3.266   11.539  -2.147  1.00 66.82 ? 671 ARG A CZ  1 
ATOM   88   N NH1 . ARG A 1 19 ? 2.311   11.484  -3.068  1.00 68.30 ? 671 ARG A NH1 1 
ATOM   89   N NH2 . ARG A 1 19 ? 3.000   11.206  -0.888  1.00 69.97 ? 671 ARG A NH2 1 
ATOM   90   N N   . PHE A 1 20 ? 8.915   8.524   -3.680  1.00 42.04 ? 672 PHE A N   1 
ATOM   91   C CA  . PHE A 1 20 ? 9.447   7.409   -2.818  1.00 40.93 ? 672 PHE A CA  1 
ATOM   92   C C   . PHE A 1 20 ? 10.980  7.455   -2.846  1.00 41.05 ? 672 PHE A C   1 
ATOM   93   O O   . PHE A 1 20 ? 11.640  7.301   -1.805  1.00 41.87 ? 672 PHE A O   1 
ATOM   94   C CB  . PHE A 1 20 ? 9.017   6.014   -3.313  1.00 38.60 ? 672 PHE A CB  1 
ATOM   95   C CG  . PHE A 1 20 ? 9.604   4.909   -2.448  1.00 37.36 ? 672 PHE A CG  1 
ATOM   96   C CD1 . PHE A 1 20 ? 8.996   4.553   -1.269  1.00 33.39 ? 672 PHE A CD1 1 
ATOM   97   C CD2 . PHE A 1 20 ? 10.856  4.397   -2.719  1.00 34.31 ? 672 PHE A CD2 1 
ATOM   98   C CE1 . PHE A 1 20 ? 9.594   3.640   -0.417  1.00 35.43 ? 672 PHE A CE1 1 
ATOM   99   C CE2 . PHE A 1 20 ? 11.431  3.454   -1.882  1.00 36.09 ? 672 PHE A CE2 1 
ATOM   100  C CZ  . PHE A 1 20 ? 10.808  3.082   -0.756  1.00 34.54 ? 672 PHE A CZ  1 
ATOM   101  N N   . ASN A 1 21 ? 11.527  7.690   -4.042  1.00 40.14 ? 673 ASN A N   1 
ATOM   102  C CA  . ASN A 1 21 ? 12.970  7.613   -4.219  1.00 42.69 ? 673 ASN A CA  1 
ATOM   103  C C   . ASN A 1 21 ? 13.708  8.773   -3.520  1.00 43.72 ? 673 ASN A C   1 
ATOM   104  O O   . ASN A 1 21 ? 14.852  8.616   -3.011  1.00 43.74 ? 673 ASN A O   1 
ATOM   105  C CB  . ASN A 1 21 ? 13.353  7.479   -5.693  1.00 40.91 ? 673 ASN A CB  1 
ATOM   106  C CG  . ASN A 1 21 ? 13.072  6.099   -6.249  1.00 41.57 ? 673 ASN A CG  1 
ATOM   107  O OD1 . ASN A 1 21 ? 12.851  5.119   -5.482  1.00 37.71 ? 673 ASN A OD1 1 
ATOM   108  N ND2 . ASN A 1 21 ? 13.120  5.980   -7.554  1.00 39.05 ? 673 ASN A ND2 1 
ATOM   109  N N   . GLU A 1 22 ? 13.075  9.938   -3.507  1.00 45.37 ? 674 GLU A N   1 
ATOM   110  C CA  . GLU A 1 22 ? 13.628  11.064  -2.736  1.00 47.25 ? 674 GLU A CA  1 
ATOM   111  C C   . GLU A 1 22 ? 13.571  10.812  -1.261  1.00 46.80 ? 674 GLU A C   1 
ATOM   112  O O   . GLU A 1 22 ? 14.538  11.121  -0.526  1.00 48.68 ? 674 GLU A O   1 
ATOM   113  C CB  . GLU A 1 22 ? 12.917  12.384  -3.099  1.00 48.03 ? 674 GLU A CB  1 
ATOM   114  C CG  . GLU A 1 22 ? 13.216  12.799  -4.517  1.00 54.58 ? 674 GLU A CG  1 
ATOM   115  C CD  . GLU A 1 22 ? 12.258  13.908  -5.053  1.00 64.92 ? 674 GLU A CD  1 
ATOM   116  O OE1 . GLU A 1 22 ? 11.354  14.383  -4.285  1.00 68.54 ? 674 GLU A OE1 1 
ATOM   117  O OE2 . GLU A 1 22 ? 12.411  14.278  -6.259  1.00 65.43 ? 674 GLU A OE2 1 
ATOM   118  N N   . MET A 1 23 ? 12.424  10.331  -0.792  1.00 46.10 ? 675 MET A N   1 
ATOM   119  C CA  . MET A 1 23 ? 12.244  9.922   0.607   1.00 47.55 ? 675 MET A CA  1 
ATOM   120  C C   . MET A 1 23 ? 13.280  8.861   0.981   1.00 47.07 ? 675 MET A C   1 
ATOM   121  O O   . MET A 1 23 ? 13.864  8.934   2.047   1.00 48.01 ? 675 MET A O   1 
ATOM   122  C CB  . MET A 1 23 ? 10.890  9.296   0.773   1.00 47.95 ? 675 MET A CB  1 
ATOM   123  C CG  . MET A 1 23 ? 10.318  9.218   2.166   1.00 50.63 ? 675 MET A CG  1 
ATOM   124  S SD  . MET A 1 23 ? 8.501   8.831   2.096   1.00 57.09 ? 675 MET A SD  1 
ATOM   125  C CE  . MET A 1 23 ? 8.159   10.130  0.774   1.00 30.13 ? 675 MET A CE  1 
ATOM   126  N N   . ALA A 1 24 ? 13.517  7.886   0.104   1.00 46.18 ? 676 ALA A N   1 
ATOM   127  C CA  . ALA A 1 24 ? 14.442  6.795   0.439   1.00 45.47 ? 676 ALA A CA  1 
ATOM   128  C C   . ALA A 1 24 ? 15.902  7.284   0.592   1.00 45.77 ? 676 ALA A C   1 
ATOM   129  O O   . ALA A 1 24 ? 16.624  6.883   1.503   1.00 44.69 ? 676 ALA A O   1 
ATOM   130  C CB  . ALA A 1 24 ? 14.387  5.686   -0.652  1.00 46.01 ? 676 ALA A CB  1 
ATOM   131  N N   . ALA A 1 25 ? 16.346  8.124   -0.328  1.00 45.53 ? 677 ALA A N   1 
ATOM   132  C CA  . ALA A 1 25 ? 17.747  8.581   -0.319  1.00 46.68 ? 677 ALA A CA  1 
ATOM   133  C C   . ALA A 1 25 ? 17.952  9.433   0.898   1.00 47.91 ? 677 ALA A C   1 
ATOM   134  O O   . ALA A 1 25 ? 19.051  9.465   1.465   1.00 49.21 ? 677 ALA A O   1 
ATOM   135  C CB  . ALA A 1 25 ? 18.075  9.373   -1.596  1.00 46.95 ? 677 ALA A CB  1 
ATOM   136  N N   . GLU A 1 26 ? 16.909  10.148  1.311   1.00 47.40 ? 678 GLU A N   1 
ATOM   137  C CA  . GLU A 1 26 ? 16.977  10.849  2.569   1.00 48.49 ? 678 GLU A CA  1 
ATOM   138  C C   . GLU A 1 26 ? 16.969  9.910   3.768   1.00 47.88 ? 678 GLU A C   1 
ATOM   139  O O   . GLU A 1 26 ? 17.805  10.041  4.646   1.00 48.11 ? 678 GLU A O   1 
ATOM   140  C CB  . GLU A 1 26 ? 15.861  11.876  2.695   1.00 49.38 ? 678 GLU A CB  1 
ATOM   141  C CG  . GLU A 1 26 ? 16.126  13.104  1.755   1.00 55.18 ? 678 GLU A CG  1 
ATOM   142  C CD  . GLU A 1 26 ? 14.862  13.670  1.106   1.00 63.82 ? 678 GLU A CD  1 
ATOM   143  O OE1 . GLU A 1 26 ? 13.783  13.710  1.767   1.00 66.11 ? 678 GLU A OE1 1 
ATOM   144  O OE2 . GLU A 1 26 ? 14.959  14.073  -0.077  1.00 66.85 ? 678 GLU A OE2 1 
ATOM   145  N N   . PHE A 1 27 ? 16.022  8.971   3.814   1.00 46.15 ? 679 PHE A N   1 
ATOM   146  C CA  . PHE A 1 27 ? 16.032  7.896   4.838   1.00 42.54 ? 679 PHE A CA  1 
ATOM   147  C C   . PHE A 1 27 ? 17.430  7.231   4.965   1.00 40.83 ? 679 PHE A C   1 
ATOM   148  O O   . PHE A 1 27 ? 17.935  7.070   6.057   1.00 41.46 ? 679 PHE A O   1 
ATOM   149  C CB  . PHE A 1 27 ? 15.019  6.812   4.455   1.00 41.69 ? 679 PHE A CB  1 
ATOM   150  C CG  . PHE A 1 27 ? 15.019  5.618   5.381   1.00 39.29 ? 679 PHE A CG  1 
ATOM   151  C CD1 . PHE A 1 27 ? 14.250  5.602   6.529   1.00 36.37 ? 679 PHE A CD1 1 
ATOM   152  C CD2 . PHE A 1 27 ? 15.772  4.495   5.076   1.00 38.70 ? 679 PHE A CD2 1 
ATOM   153  C CE1 . PHE A 1 27 ? 14.263  4.459   7.406   1.00 39.13 ? 679 PHE A CE1 1 
ATOM   154  C CE2 . PHE A 1 27 ? 15.780  3.381   5.901   1.00 37.91 ? 679 PHE A CE2 1 
ATOM   155  C CZ  . PHE A 1 27 ? 15.038  3.363   7.072   1.00 37.91 ? 679 PHE A CZ  1 
ATOM   156  N N   . LEU A 1 28 ? 17.989  6.806   3.855   1.00 39.86 ? 680 LEU A N   1 
ATOM   157  C CA  . LEU A 1 28 ? 19.323  6.174   3.824   1.00 41.36 ? 680 LEU A CA  1 
ATOM   158  C C   . LEU A 1 28 ? 20.472  7.084   4.325   1.00 42.72 ? 680 LEU A C   1 
ATOM   159  O O   . LEU A 1 28 ? 21.465  6.596   4.845   1.00 43.41 ? 680 LEU A O   1 
ATOM   160  C CB  . LEU A 1 28 ? 19.672  5.594   2.440   1.00 39.13 ? 680 LEU A CB  1 
ATOM   161  C CG  . LEU A 1 28 ? 18.803  4.428   2.024   1.00 41.57 ? 680 LEU A CG  1 
ATOM   162  C CD1 . LEU A 1 28 ? 18.975  4.106   0.517   1.00 40.40 ? 680 LEU A CD1 1 
ATOM   163  C CD2 . LEU A 1 28 ? 19.004  3.212   2.934   1.00 40.00 ? 680 LEU A CD2 1 
ATOM   164  N N   . SER A 1 29 ? 20.339  8.398   4.189   1.00 44.12 ? 681 SER A N   1 
ATOM   165  C CA  . SER A 1 29 ? 21.392  9.294   4.730   1.00 43.55 ? 681 SER A CA  1 
ATOM   166  C C   . SER A 1 29 ? 21.328  9.363   6.257   1.00 43.52 ? 681 SER A C   1 
ATOM   167  O O   . SER A 1 29 ? 22.289  9.790   6.893   1.00 43.18 ? 681 SER A O   1 
ATOM   168  C CB  . SER A 1 29 ? 21.316  10.683  4.105   1.00 43.73 ? 681 SER A CB  1 
ATOM   169  O OG  . SER A 1 29 ? 20.116  11.275  4.561   1.00 47.04 ? 681 SER A OG  1 
ATOM   170  N N   . TYR A 1 30 ? 20.211  8.936   6.850   1.00 42.84 ? 682 TYR A N   1 
ATOM   171  C CA  . TYR A 1 30 ? 20.084  8.858   8.298   1.00 41.64 ? 682 TYR A CA  1 
ATOM   172  C C   . TYR A 1 30 ? 20.390  7.464   8.822   1.00 39.30 ? 682 TYR A C   1 
ATOM   173  O O   . TYR A 1 30 ? 21.013  7.333   9.885   1.00 40.13 ? 682 TYR A O   1 
ATOM   174  C CB  . TYR A 1 30 ? 18.651  9.156   8.765   1.00 43.10 ? 682 TYR A CB  1 
ATOM   175  C CG  . TYR A 1 30 ? 18.275  10.629  8.862   1.00 49.70 ? 682 TYR A CG  1 
ATOM   176  C CD1 . TYR A 1 30 ? 18.613  11.407  10.004  1.00 54.34 ? 682 TYR A CD1 1 
ATOM   177  C CD2 . TYR A 1 30 ? 17.550  11.241  7.832   1.00 54.68 ? 682 TYR A CD2 1 
ATOM   178  C CE1 . TYR A 1 30 ? 18.255  12.766  10.100  1.00 56.66 ? 682 TYR A CE1 1 
ATOM   179  C CE2 . TYR A 1 30 ? 17.181  12.588  7.911   1.00 58.94 ? 682 TYR A CE2 1 
ATOM   180  C CZ  . TYR A 1 30 ? 17.529  13.344  9.046   1.00 61.26 ? 682 TYR A CZ  1 
ATOM   181  O OH  . TYR A 1 30 ? 17.146  14.677  9.079   1.00 65.82 ? 682 TYR A OH  1 
ATOM   182  N N   . PHE A 1 31 ? 19.947  6.426   8.111   1.00 37.80 ? 683 PHE A N   1 
ATOM   183  C CA  . PHE A 1 31 ? 20.030  4.997   8.554   1.00 36.33 ? 683 PHE A CA  1 
ATOM   184  C C   . PHE A 1 31 ? 20.597  4.205   7.413   1.00 35.60 ? 683 PHE A C   1 
ATOM   185  O O   . PHE A 1 31 ? 19.862  3.597   6.653   1.00 35.30 ? 683 PHE A O   1 
ATOM   186  C CB  . PHE A 1 31 ? 18.642  4.480   8.923   1.00 36.38 ? 683 PHE A CB  1 
ATOM   187  C CG  . PHE A 1 31 ? 17.916  5.449   9.871   1.00 40.29 ? 683 PHE A CG  1 
ATOM   188  C CD1 . PHE A 1 31 ? 18.356  5.630   11.179  1.00 41.28 ? 683 PHE A CD1 1 
ATOM   189  C CD2 . PHE A 1 31 ? 16.810  6.161   9.426   1.00 43.63 ? 683 PHE A CD2 1 
ATOM   190  C CE1 . PHE A 1 31 ? 17.725  6.579   12.001  1.00 44.47 ? 683 PHE A CE1 1 
ATOM   191  C CE2 . PHE A 1 31 ? 16.152  7.090   10.232  1.00 43.23 ? 683 PHE A CE2 1 
ATOM   192  C CZ  . PHE A 1 31 ? 16.593  7.297   11.520  1.00 43.99 ? 683 PHE A CZ  1 
ATOM   193  N N   . PRO A 1 32 ? 21.913  4.283   7.247   1.00 35.13 ? 684 PRO A N   1 
ATOM   194  C CA  . PRO A 1 32 ? 22.568  3.698   6.092   1.00 35.42 ? 684 PRO A CA  1 
ATOM   195  C C   . PRO A 1 32 ? 22.443  2.190   5.981   1.00 34.60 ? 684 PRO A C   1 
ATOM   196  O O   . PRO A 1 32 ? 22.541  1.693   4.899   1.00 36.37 ? 684 PRO A O   1 
ATOM   197  C CB  . PRO A 1 32 ? 24.026  4.169   6.235   1.00 34.25 ? 684 PRO A CB  1 
ATOM   198  C CG  . PRO A 1 32 ? 24.199  4.493   7.704   1.00 33.65 ? 684 PRO A CG  1 
ATOM   199  C CD  . PRO A 1 32 ? 22.844  5.081   8.084   1.00 35.11 ? 684 PRO A CD  1 
ATOM   200  N N   . THR A 1 33 ? 22.253  1.464   7.095   1.00 35.82 ? 685 THR A N   1 
ATOM   201  C CA  . THR A 1 33 ? 22.180  0.030   7.086   1.00 37.21 ? 685 THR A CA  1 
ATOM   202  C C   . THR A 1 33 ? 21.129  -0.445  8.111   1.00 36.02 ? 685 THR A C   1 
ATOM   203  O O   . THR A 1 33 ? 20.629  0.313   8.913   1.00 35.90 ? 685 THR A O   1 
ATOM   204  C CB  . THR A 1 33 ? 23.532  -0.617  7.524   1.00 38.85 ? 685 THR A CB  1 
ATOM   205  O OG1 . THR A 1 33 ? 23.830  -0.150  8.855   1.00 38.14 ? 685 THR A OG1 1 
ATOM   206  C CG2 . THR A 1 33 ? 24.672  -0.225  6.548   1.00 39.83 ? 685 THR A CG2 1 
ATOM   207  N N   . VAL A 1 34 ? 20.805  -1.708  8.061   1.00 37.53 ? 686 VAL A N   1 
ATOM   208  C CA  . VAL A 1 34 ? 19.796  -2.227  9.032   1.00 39.78 ? 686 VAL A CA  1 
ATOM   209  C C   . VAL A 1 34 ? 20.369  -2.175  10.448  1.00 39.91 ? 686 VAL A C   1 
ATOM   210  O O   . VAL A 1 34 ? 19.711  -1.736  11.384  1.00 39.52 ? 686 VAL A O   1 
ATOM   211  C CB  . VAL A 1 34 ? 19.280  -3.581  8.608   1.00 39.54 ? 686 VAL A CB  1 
ATOM   212  C CG1 . VAL A 1 34 ? 18.367  -4.234  9.701   1.00 40.06 ? 686 VAL A CG1 1 
ATOM   213  C CG2 . VAL A 1 34 ? 18.509  -3.434  7.252   1.00 38.38 ? 686 VAL A CG2 1 
ATOM   214  N N   . LYS A 1 35 ? 21.634  -2.548  10.588  1.00 40.71 ? 687 LYS A N   1 
ATOM   215  C CA  . LYS A 1 35 ? 22.262  -2.559  11.895  1.00 42.43 ? 687 LYS A CA  1 
ATOM   216  C C   . LYS A 1 35 ? 22.296  -1.171  12.487  1.00 42.23 ? 687 LYS A C   1 
ATOM   217  O O   . LYS A 1 35 ? 22.166  -1.039  13.701  1.00 42.49 ? 687 LYS A O   1 
ATOM   218  C CB  . LYS A 1 35 ? 23.692  -3.080  11.794  1.00 43.16 ? 687 LYS A CB  1 
ATOM   219  C CG  . LYS A 1 35 ? 24.232  -3.604  13.092  1.00 46.82 ? 687 LYS A CG  1 
ATOM   220  C CD  . LYS A 1 35 ? 25.407  -4.527  12.858  1.00 53.51 ? 687 LYS A CD  1 
ATOM   221  C CE  . LYS A 1 35 ? 24.925  -5.983  12.851  1.00 60.33 ? 687 LYS A CE  1 
ATOM   222  N NZ  . LYS A 1 35 ? 25.820  -6.935  12.155  1.00 61.86 ? 687 LYS A NZ  1 
ATOM   223  N N   . SER A 1 36 ? 22.493  -0.134  11.655  1.00 41.89 ? 688 SER A N   1 
ATOM   224  C CA  . SER A 1 36 ? 22.485  1.279   12.179  1.00 41.00 ? 688 SER A CA  1 
ATOM   225  C C   . SER A 1 36 ? 21.191  1.644   12.937  1.00 41.11 ? 688 SER A C   1 
ATOM   226  O O   . SER A 1 36 ? 21.200  2.478   13.907  1.00 40.14 ? 688 SER A O   1 
ATOM   227  C CB  . SER A 1 36 ? 22.764  2.288   11.073  1.00 40.26 ? 688 SER A CB  1 
ATOM   228  O OG  . SER A 1 36 ? 21.599  2.583   10.353  1.00 43.31 ? 688 SER A OG  1 
ATOM   229  N N   . VAL A 1 37 ? 20.079  1.025   12.532  1.00 41.36 ? 689 VAL A N   1 
ATOM   230  C CA  . VAL A 1 37 ? 18.791  1.230   13.234  1.00 42.88 ? 689 VAL A CA  1 
ATOM   231  C C   . VAL A 1 37 ? 18.857  0.558   14.592  1.00 45.19 ? 689 VAL A C   1 
ATOM   232  O O   . VAL A 1 37 ? 18.510  1.159   15.623  1.00 47.10 ? 689 VAL A O   1 
ATOM   233  C CB  . VAL A 1 37 ? 17.544  0.695   12.469  1.00 41.74 ? 689 VAL A CB  1 
ATOM   234  C CG1 . VAL A 1 37 ? 16.244  0.963   13.295  1.00 40.87 ? 689 VAL A CG1 1 
ATOM   235  C CG2 . VAL A 1 37 ? 17.420  1.308   11.084  1.00 42.62 ? 689 VAL A CG2 1 
ATOM   236  N N   . GLY A 1 38 ? 19.326  -0.673  14.599  1.00 47.31 ? 690 GLY A N   1 
ATOM   237  C CA  . GLY A 1 38 ? 19.640  -1.381  15.861  1.00 50.18 ? 690 GLY A CA  1 
ATOM   238  C C   . GLY A 1 38 ? 20.498  -0.567  16.826  1.00 51.13 ? 690 GLY A C   1 
ATOM   239  O O   . GLY A 1 38 ? 20.314  -0.664  18.012  1.00 52.88 ? 690 GLY A O   1 
ATOM   240  N N   . ASN A 1 39 ? 21.427  0.249   16.343  1.00 51.65 ? 691 ASN A N   1 
ATOM   241  C CA  . ASN A 1 39 ? 22.300  1.040   17.233  1.00 51.46 ? 691 ASN A CA  1 
ATOM   242  C C   . ASN A 1 39 ? 21.714  2.339   17.779  1.00 52.81 ? 691 ASN A C   1 
ATOM   243  O O   . ASN A 1 39 ? 22.351  3.018   18.627  1.00 54.14 ? 691 ASN A O   1 
ATOM   244  C CB  . ASN A 1 39 ? 23.623  1.359   16.527  1.00 51.42 ? 691 ASN A CB  1 
ATOM   245  C CG  . ASN A 1 39 ? 24.466  0.121   16.315  1.00 53.78 ? 691 ASN A CG  1 
ATOM   246  O OD1 . ASN A 1 39 ? 24.275  -0.890  17.026  1.00 57.13 ? 691 ASN A OD1 1 
ATOM   247  N ND2 . ASN A 1 39 ? 25.359  0.148   15.322  1.00 50.04 ? 691 ASN A ND2 1 
ATOM   248  N N   . LEU A 1 40 ? 20.544  2.739   17.293  1.00 51.95 ? 692 LEU A N   1 
ATOM   249  C CA  . LEU A 1 40 ? 19.922  3.978   17.771  1.00 52.37 ? 692 LEU A CA  1 
ATOM   250  C C   . LEU A 1 40 ? 19.768  3.964   19.308  1.00 54.40 ? 692 LEU A C   1 
ATOM   251  O O   . LEU A 1 40 ? 19.373  2.960   19.883  1.00 55.56 ? 692 LEU A O   1 
ATOM   252  C CB  . LEU A 1 40 ? 18.570  4.202   17.092  1.00 50.41 ? 692 LEU A CB  1 
ATOM   253  C CG  . LEU A 1 40 ? 18.669  4.406   15.575  1.00 45.13 ? 692 LEU A CG  1 
ATOM   254  C CD1 . LEU A 1 40 ? 17.262  4.701   15.002  1.00 40.91 ? 692 LEU A CD1 1 
ATOM   255  C CD2 . LEU A 1 40 ? 19.661  5.527   15.197  1.00 41.25 ? 692 LEU A CD2 1 
ATOM   256  N N   . GLU A 1 41 ? 20.097  5.059   19.979  1.00 56.49 ? 693 GLU A N   1 
ATOM   257  C CA  . GLU A 1 41 ? 19.988  5.058   21.451  1.00 57.82 ? 693 GLU A CA  1 
ATOM   258  C C   . GLU A 1 41 ? 18.924  6.022   21.992  1.00 57.46 ? 693 GLU A C   1 
ATOM   259  O O   . GLU A 1 41 ? 18.061  5.621   22.766  1.00 57.91 ? 693 GLU A O   1 
ATOM   260  C CB  . GLU A 1 41 ? 21.351  5.279   22.105  1.00 59.02 ? 693 GLU A CB  1 
ATOM   261  C CG  . GLU A 1 41 ? 22.335  4.068   21.887  1.00 63.78 ? 693 GLU A CG  1 
ATOM   262  C CD  . GLU A 1 41 ? 23.609  4.161   22.743  1.00 71.45 ? 693 GLU A CD  1 
ATOM   263  O OE1 . GLU A 1 41 ? 23.617  4.887   23.787  1.00 73.36 ? 693 GLU A OE1 1 
ATOM   264  O OE2 . GLU A 1 41 ? 24.610  3.503   22.364  1.00 73.99 ? 693 GLU A OE2 1 
ATOM   265  N N   . SER A 1 42 ? 18.938  7.279   21.563  1.00 57.00 ? 694 SER A N   1 
ATOM   266  C CA  . SER A 1 42 ? 17.903  8.154   22.054  1.00 56.54 ? 694 SER A CA  1 
ATOM   267  C C   . SER A 1 42 ? 16.504  7.739   21.570  1.00 56.54 ? 694 SER A C   1 
ATOM   268  O O   . SER A 1 42 ? 16.327  7.223   20.437  1.00 55.55 ? 694 SER A O   1 
ATOM   269  C CB  . SER A 1 42 ? 18.212  9.602   21.717  1.00 57.08 ? 694 SER A CB  1 
ATOM   270  O OG  . SER A 1 42 ? 18.132  9.842   20.342  1.00 57.57 ? 694 SER A OG  1 
ATOM   271  N N   . GLU A 1 43 ? 15.504  8.006   22.413  1.00 55.67 ? 695 GLU A N   1 
ATOM   272  C CA  . GLU A 1 43 ? 14.144  7.786   22.007  1.00 56.43 ? 695 GLU A CA  1 
ATOM   273  C C   . GLU A 1 43 ? 13.718  8.723   20.856  1.00 54.67 ? 695 GLU A C   1 
ATOM   274  O O   . GLU A 1 43 ? 12.884  8.340   20.034  1.00 52.81 ? 695 GLU A O   1 
ATOM   275  C CB  . GLU A 1 43 ? 13.166  7.816   23.204  1.00 58.09 ? 695 GLU A CB  1 
ATOM   276  C CG  . GLU A 1 43 ? 12.285  6.509   23.298  1.00 62.95 ? 695 GLU A CG  1 
ATOM   277  C CD  . GLU A 1 43 ? 13.116  5.197   23.497  1.00 67.54 ? 695 GLU A CD  1 
ATOM   278  O OE1 . GLU A 1 43 ? 14.342  5.231   23.822  1.00 68.07 ? 695 GLU A OE1 1 
ATOM   279  O OE2 . GLU A 1 43 ? 12.523  4.106   23.322  1.00 70.55 ? 695 GLU A OE2 1 
ATOM   280  N N   . LEU A 1 44 ? 14.304  9.930   20.775  1.00 53.32 ? 696 LEU A N   1 
ATOM   281  C CA  . LEU A 1 44 ? 13.926  10.823  19.666  1.00 52.56 ? 696 LEU A CA  1 
ATOM   282  C C   . LEU A 1 44 ? 14.382  10.183  18.334  1.00 50.51 ? 696 LEU A C   1 
ATOM   283  O O   . LEU A 1 44 ? 13.662  10.249  17.356  1.00 48.58 ? 696 LEU A O   1 
ATOM   284  C CB  . LEU A 1 44 ? 14.450  12.273  19.817  1.00 53.02 ? 696 LEU A CB  1 
ATOM   285  C CG  . LEU A 1 44 ? 13.776  13.113  20.961  1.00 56.80 ? 696 LEU A CG  1 
ATOM   286  C CD1 . LEU A 1 44 ? 14.236  14.562  20.979  1.00 58.44 ? 696 LEU A CD1 1 
ATOM   287  C CD2 . LEU A 1 44 ? 12.204  13.002  21.009  1.00 57.80 ? 696 LEU A CD2 1 
ATOM   288  N N   . ASP A 1 45 ? 15.574  9.589   18.321  1.00 48.42 ? 697 ASP A N   1 
ATOM   289  C CA  . ASP A 1 45 ? 16.055  8.934   17.120  1.00 48.48 ? 697 ASP A CA  1 
ATOM   290  C C   . ASP A 1 45 ? 15.219  7.732   16.753  1.00 47.50 ? 697 ASP A C   1 
ATOM   291  O O   . ASP A 1 45 ? 14.919  7.560   15.575  1.00 46.99 ? 697 ASP A O   1 
ATOM   292  C CB  . ASP A 1 45 ? 17.486  8.507   17.252  1.00 47.60 ? 697 ASP A CB  1 
ATOM   293  C CG  . ASP A 1 45 ? 18.425  9.661   17.153  1.00 49.08 ? 697 ASP A CG  1 
ATOM   294  O OD1 . ASP A 1 45 ? 18.037  10.706  16.600  1.00 52.06 ? 697 ASP A OD1 1 
ATOM   295  O OD2 . ASP A 1 45 ? 19.554  9.523   17.592  1.00 54.89 ? 697 ASP A OD2 1 
ATOM   296  N N   . LYS A 1 46 ? 14.867  6.907   17.736  1.00 46.95 ? 698 LYS A N   1 
ATOM   297  C CA  . LYS A 1 46 ? 13.964  5.775   17.476  1.00 48.02 ? 698 LYS A CA  1 
ATOM   298  C C   . LYS A 1 46 ? 12.635  6.250   16.944  1.00 47.79 ? 698 LYS A C   1 
ATOM   299  O O   . LYS A 1 46 ? 12.137  5.680   16.004  1.00 46.29 ? 698 LYS A O   1 
ATOM   300  C CB  . LYS A 1 46 ? 13.755  4.879   18.680  1.00 47.80 ? 698 LYS A CB  1 
ATOM   301  C CG  . LYS A 1 46 ? 15.027  4.363   19.203  1.00 50.32 ? 698 LYS A CG  1 
ATOM   302  C CD  . LYS A 1 46 ? 14.834  3.952   20.626  1.00 57.86 ? 698 LYS A CD  1 
ATOM   303  C CE  . LYS A 1 46 ? 14.659  2.470   20.703  1.00 60.07 ? 698 LYS A CE  1 
ATOM   304  N NZ  . LYS A 1 46 ? 15.742  1.840   21.515  1.00 65.37 ? 698 LYS A NZ  1 
ATOM   305  N N   . ARG A 1 47 ? 12.087  7.330   17.499  1.00 48.58 ? 699 ARG A N   1 
ATOM   306  C CA  . ARG A 1 47 ? 10.843  7.861   16.936  1.00 49.51 ? 699 ARG A CA  1 
ATOM   307  C C   . ARG A 1 47 ? 10.997  8.361   15.495  1.00 48.20 ? 699 ARG A C   1 
ATOM   308  O O   . ARG A 1 47 ? 10.088  8.167   14.677  1.00 45.25 ? 699 ARG A O   1 
ATOM   309  C CB  . ARG A 1 47 ? 10.224  8.943   17.793  1.00 50.34 ? 699 ARG A CB  1 
ATOM   310  C CG  . ARG A 1 47 ? 10.053  8.524   19.248  1.00 56.88 ? 699 ARG A CG  1 
ATOM   311  C CD  . ARG A 1 47 ? 9.257   7.230   19.371  1.00 64.90 ? 699 ARG A CD  1 
ATOM   312  N NE  . ARG A 1 47 ? 10.106  6.021   19.349  1.00 71.05 ? 699 ARG A NE  1 
ATOM   313  C CZ  . ARG A 1 47 ? 9.654   4.775   19.556  1.00 70.99 ? 699 ARG A CZ  1 
ATOM   314  N NH1 . ARG A 1 47 ? 8.357   4.556   19.783  1.00 72.50 ? 699 ARG A NH1 1 
ATOM   315  N NH2 . ARG A 1 47 ? 10.486  3.749   19.530  1.00 70.49 ? 699 ARG A NH2 1 
ATOM   316  N N   . ARG A 1 48 ? 12.127  9.007   15.216  1.00 47.32 ? 700 ARG A N   1 
ATOM   317  C CA  . ARG A 1 48 ? 12.400  9.542   13.884  1.00 48.51 ? 700 ARG A CA  1 
ATOM   318  C C   . ARG A 1 48 ? 12.383  8.383   12.862  1.00 48.51 ? 700 ARG A C   1 
ATOM   319  O O   . ARG A 1 48 ? 11.812  8.508   11.771  1.00 47.39 ? 700 ARG A O   1 
ATOM   320  C CB  . ARG A 1 48 ? 13.748  10.261  13.886  1.00 49.15 ? 700 ARG A CB  1 
ATOM   321  C CG  . ARG A 1 48 ? 14.363  10.632  12.526  1.00 53.61 ? 700 ARG A CG  1 
ATOM   322  C CD  . ARG A 1 48 ? 15.283  11.829  12.798  1.00 63.30 ? 700 ARG A CD  1 
ATOM   323  N NE  . ARG A 1 48 ? 14.921  12.431  14.113  1.00 65.55 ? 700 ARG A NE  1 
ATOM   324  C CZ  . ARG A 1 48 ? 15.568  13.445  14.688  1.00 67.76 ? 700 ARG A CZ  1 
ATOM   325  N NH1 . ARG A 1 48 ? 16.625  13.968  14.047  1.00 69.27 ? 700 ARG A NH1 1 
ATOM   326  N NH2 . ARG A 1 48 ? 15.171  13.940  15.884  1.00 64.92 ? 700 ARG A NH2 1 
ATOM   327  N N   . PHE A 1 49 ? 13.011  7.269   13.238  1.00 46.87 ? 701 PHE A N   1 
ATOM   328  C CA  . PHE A 1 49 ? 13.113  6.156   12.356  1.00 48.14 ? 701 PHE A CA  1 
ATOM   329  C C   . PHE A 1 49 ? 11.731  5.560   12.100  1.00 48.04 ? 701 PHE A C   1 
ATOM   330  O O   . PHE A 1 49 ? 11.332  5.412   10.936  1.00 48.07 ? 701 PHE A O   1 
ATOM   331  C CB  . PHE A 1 49 ? 14.002  5.060   12.929  1.00 46.92 ? 701 PHE A CB  1 
ATOM   332  C CG  . PHE A 1 49 ? 13.750  3.742   12.294  1.00 48.42 ? 701 PHE A CG  1 
ATOM   333  C CD1 . PHE A 1 49 ? 14.243  3.480   11.003  1.00 45.63 ? 701 PHE A CD1 1 
ATOM   334  C CD2 . PHE A 1 49 ? 12.998  2.771   12.936  1.00 44.62 ? 701 PHE A CD2 1 
ATOM   335  C CE1 . PHE A 1 49 ? 13.983  2.276   10.388  1.00 44.61 ? 701 PHE A CE1 1 
ATOM   336  C CE2 . PHE A 1 49 ? 12.779  1.593   12.344  1.00 48.25 ? 701 PHE A CE2 1 
ATOM   337  C CZ  . PHE A 1 49 ? 13.260  1.324   11.060  1.00 43.74 ? 701 PHE A CZ  1 
ATOM   338  N N   . VAL A 1 50 ? 11.011  5.228   13.169  1.00 46.68 ? 702 VAL A N   1 
ATOM   339  C CA  . VAL A 1 50 ? 9.620   4.778   13.048  1.00 46.82 ? 702 VAL A CA  1 
ATOM   340  C C   . VAL A 1 50 ? 8.743   5.672   12.138  1.00 46.68 ? 702 VAL A C   1 
ATOM   341  O O   . VAL A 1 50 ? 8.060   5.186   11.251  1.00 43.88 ? 702 VAL A O   1 
ATOM   342  C CB  . VAL A 1 50 ? 9.004   4.648   14.459  1.00 47.27 ? 702 VAL A CB  1 
ATOM   343  C CG1 . VAL A 1 50 ? 7.487   4.364   14.390  1.00 48.23 ? 702 VAL A CG1 1 
ATOM   344  C CG2 . VAL A 1 50 ? 9.702   3.572   15.174  1.00 46.73 ? 702 VAL A CG2 1 
ATOM   345  N N   . ILE A 1 51 ? 8.799   6.997   12.338  1.00 46.19 ? 703 ILE A N   1 
ATOM   346  C CA  . ILE A 1 51 ? 7.977   7.924   11.566  1.00 45.67 ? 703 ILE A CA  1 
ATOM   347  C C   . ILE A 1 51 ? 8.397   7.958   10.104  1.00 45.29 ? 703 ILE A C   1 
ATOM   348  O O   . ILE A 1 51 ? 7.563   7.885   9.204   1.00 44.07 ? 703 ILE A O   1 
ATOM   349  C CB  . ILE A 1 51 ? 8.031   9.309   12.248  1.00 47.19 ? 703 ILE A CB  1 
ATOM   350  C CG1 . ILE A 1 51 ? 7.203   9.225   13.540  1.00 50.55 ? 703 ILE A CG1 1 
ATOM   351  C CG2 . ILE A 1 51 ? 7.510   10.393  11.336  1.00 45.73 ? 703 ILE A CG2 1 
ATOM   352  C CD1 . ILE A 1 51 ? 7.511   10.329  14.628  1.00 53.65 ? 703 ILE A CD1 1 
ATOM   353  N N   . LEU A 1 52 ? 9.705   7.980   9.852   1.00 43.18 ? 704 LEU A N   1 
ATOM   354  C CA  . LEU A 1 52 ? 10.184  7.949   8.510   1.00 43.23 ? 704 LEU A CA  1 
ATOM   355  C C   . LEU A 1 52 ? 9.847   6.637   7.853   1.00 40.65 ? 704 LEU A C   1 
ATOM   356  O O   . LEU A 1 52 ? 9.503   6.589   6.674   1.00 39.86 ? 704 LEU A O   1 
ATOM   357  C CB  . LEU A 1 52 ? 11.724  8.184   8.405   1.00 43.69 ? 704 LEU A CB  1 
ATOM   358  C CG  . LEU A 1 52 ? 12.260  9.621   8.609   1.00 48.14 ? 704 LEU A CG  1 
ATOM   359  C CD1 . LEU A 1 52 ? 13.728  9.781   8.156   1.00 51.19 ? 704 LEU A CD1 1 
ATOM   360  C CD2 . LEU A 1 52 ? 11.394  10.641  7.879   1.00 49.99 ? 704 LEU A CD2 1 
ATOM   361  N N   . PHE A 1 53 ? 10.059  5.552   8.574   1.00 38.85 ? 705 PHE A N   1 
ATOM   362  C CA  . PHE A 1 53 ? 9.868   4.313   7.915   1.00 38.24 ? 705 PHE A CA  1 
ATOM   363  C C   . PHE A 1 53 ? 8.364   4.110   7.650   1.00 37.16 ? 705 PHE A C   1 
ATOM   364  O O   . PHE A 1 53 ? 7.975   3.523   6.639   1.00 37.06 ? 705 PHE A O   1 
ATOM   365  C CB  . PHE A 1 53 ? 10.406  3.158   8.719   1.00 37.91 ? 705 PHE A CB  1 
ATOM   366  C CG  . PHE A 1 53 ? 10.346  1.854   7.940   1.00 39.89 ? 705 PHE A CG  1 
ATOM   367  C CD1 . PHE A 1 53 ? 11.360  1.540   7.021   1.00 39.07 ? 705 PHE A CD1 1 
ATOM   368  C CD2 . PHE A 1 53 ? 9.268   0.991   8.090   1.00 41.18 ? 705 PHE A CD2 1 
ATOM   369  C CE1 . PHE A 1 53 ? 11.303  0.338   6.291   1.00 37.76 ? 705 PHE A CE1 1 
ATOM   370  C CE2 . PHE A 1 53 ? 9.203   -0.222  7.320   1.00 38.03 ? 705 PHE A CE2 1 
ATOM   371  C CZ  . PHE A 1 53 ? 10.243  -0.500  6.451   1.00 38.67 ? 705 PHE A CZ  1 
ATOM   372  N N   . ARG A 1 54 ? 7.508   4.505   8.587   1.00 37.91 ? 706 ARG A N   1 
ATOM   373  C CA  . ARG A 1 54 ? 6.020   4.407   8.310   1.00 39.21 ? 706 ARG A CA  1 
ATOM   374  C C   . ARG A 1 54 ? 5.599   5.088   7.029   1.00 39.03 ? 706 ARG A C   1 
ATOM   375  O O   . ARG A 1 54 ? 4.833   4.550   6.238   1.00 41.25 ? 706 ARG A O   1 
ATOM   376  C CB  . ARG A 1 54 ? 5.155   4.970   9.451   1.00 39.81 ? 706 ARG A CB  1 
ATOM   377  C CG  . ARG A 1 54 ? 3.625   4.720   9.205   1.00 43.42 ? 706 ARG A CG  1 
ATOM   378  C CD  . ARG A 1 54 ? 2.806   5.126   10.403  1.00 55.60 ? 706 ARG A CD  1 
ATOM   379  N NE  . ARG A 1 54 ? 1.401   4.918   10.066  1.00 60.05 ? 706 ARG A NE  1 
ATOM   380  C CZ  . ARG A 1 54 ? 0.377   5.375   10.781  1.00 61.35 ? 706 ARG A CZ  1 
ATOM   381  N NH1 . ARG A 1 54 ? 0.584   6.054   11.908  1.00 60.14 ? 706 ARG A NH1 1 
ATOM   382  N NH2 . ARG A 1 54 ? -0.856  5.114   10.366  1.00 62.14 ? 706 ARG A NH2 1 
ATOM   383  N N   . ALA A 1 55 ? 6.106   6.271   6.776   1.00 38.89 ? 707 ALA A N   1 
ATOM   384  C CA  . ALA A 1 55 ? 5.787   7.007   5.548   1.00 38.96 ? 707 ALA A CA  1 
ATOM   385  C C   . ALA A 1 55 ? 6.314   6.351   4.284   1.00 37.66 ? 707 ALA A C   1 
ATOM   386  O O   . ALA A 1 55 ? 5.682   6.398   3.234   1.00 35.93 ? 707 ALA A O   1 
ATOM   387  C CB  . ALA A 1 55 ? 6.374   8.531   5.616   1.00 38.53 ? 707 ALA A CB  1 
ATOM   388  N N   . MET A 1 56 ? 7.545   5.854   4.336   1.00 36.98 ? 708 MET A N   1 
ATOM   389  C CA  . MET A 1 56 ? 8.085   5.048   3.184   1.00 37.61 ? 708 MET A CA  1 
ATOM   390  C C   . MET A 1 56 ? 7.269   3.810   3.001   1.00 36.92 ? 708 MET A C   1 
ATOM   391  O O   . MET A 1 56 ? 6.930   3.429   1.866   1.00 38.01 ? 708 MET A O   1 
ATOM   392  C CB  . MET A 1 56 ? 9.569   4.592   3.503   1.00 36.11 ? 708 MET A CB  1 
ATOM   393  C CG  . MET A 1 56 ? 10.698  5.633   3.158   1.00 40.19 ? 708 MET A CG  1 
ATOM   394  S SD  . MET A 1 56 ? 12.250  4.710   2.882   1.00 36.91 ? 708 MET A SD  1 
ATOM   395  C CE  . MET A 1 56 ? 12.254  3.612   4.232   1.00 41.30 ? 708 MET A CE  1 
ATOM   396  N N   . LEU A 1 57 ? 6.947   3.122   4.105   1.00 37.56 ? 709 LEU A N   1 
ATOM   397  C CA  . LEU A 1 57 ? 6.215   1.861   4.003   1.00 36.23 ? 709 LEU A CA  1 
ATOM   398  C C   . LEU A 1 57 ? 4.802   2.118   3.285   1.00 37.85 ? 709 LEU A C   1 
ATOM   399  O O   . LEU A 1 57 ? 4.367   1.350   2.420   1.00 34.18 ? 709 LEU A O   1 
ATOM   400  C CB  . LEU A 1 57 ? 6.019   1.187   5.390   1.00 36.64 ? 709 LEU A CB  1 
ATOM   401  C CG  . LEU A 1 57 ? 4.950   0.053   5.348   1.00 37.61 ? 709 LEU A CG  1 
ATOM   402  C CD1 . LEU A 1 57 ? 5.386   -1.173  4.388   1.00 36.87 ? 709 LEU A CD1 1 
ATOM   403  C CD2 . LEU A 1 57 ? 4.633   -0.499  6.769   1.00 39.42 ? 709 LEU A CD2 1 
ATOM   404  N N   . ARG A 1 58 ? 4.134   3.199   3.647   1.00 36.20 ? 710 ARG A N   1 
ATOM   405  C CA  . ARG A 1 58 ? 2.793   3.522   3.089   1.00 37.11 ? 710 ARG A CA  1 
ATOM   406  C C   . ARG A 1 58 ? 2.893   3.875   1.622   1.00 37.41 ? 710 ARG A C   1 
ATOM   407  O O   . ARG A 1 58 ? 2.044   3.439   0.801   1.00 38.50 ? 710 ARG A O   1 
ATOM   408  C CB  . ARG A 1 58 ? 2.147   4.667   3.891   1.00 35.40 ? 710 ARG A CB  1 
ATOM   409  C CG  . ARG A 1 58 ? 1.636   4.226   5.265   1.00 35.97 ? 710 ARG A CG  1 
ATOM   410  C CD  . ARG A 1 58 ? 1.076   5.360   6.123   1.00 42.56 ? 710 ARG A CD  1 
ATOM   411  N NE  . ARG A 1 58 ? -0.066  6.010   5.460   1.00 44.71 ? 710 ARG A NE  1 
ATOM   412  C CZ  . ARG A 1 58 ? -1.337  5.603   5.557   1.00 48.15 ? 710 ARG A CZ  1 
ATOM   413  N NH1 . ARG A 1 58 ? -1.678  4.549   6.311   1.00 42.90 ? 710 ARG A NH1 1 
ATOM   414  N NH2 . ARG A 1 58 ? -2.280  6.272   4.884   1.00 51.19 ? 710 ARG A NH2 1 
ATOM   415  N N   . LEU A 1 59 ? 3.970   4.569   1.252   1.00 37.26 ? 711 LEU A N   1 
ATOM   416  C CA  . LEU A 1 59 ? 4.140   5.010   -0.107  1.00 38.08 ? 711 LEU A CA  1 
ATOM   417  C C   . LEU A 1 59 ? 4.560   3.797   -0.969  1.00 36.97 ? 711 LEU A C   1 
ATOM   418  O O   . LEU A 1 59 ? 4.128   3.618   -2.127  1.00 37.84 ? 711 LEU A O   1 
ATOM   419  C CB  . LEU A 1 59 ? 5.194   6.128   -0.157  1.00 38.21 ? 711 LEU A CB  1 
ATOM   420  C CG  . LEU A 1 59 ? 5.607   6.792   -1.458  1.00 43.25 ? 711 LEU A CG  1 
ATOM   421  C CD1 . LEU A 1 59 ? 4.379   7.125   -2.324  1.00 48.03 ? 711 LEU A CD1 1 
ATOM   422  C CD2 . LEU A 1 59 ? 6.384   8.145   -1.111  1.00 42.08 ? 711 LEU A CD2 1 
ATOM   423  N N   . ARG A 1 60 ? 5.401   2.955   -0.414  1.00 37.10 ? 712 ARG A N   1 
ATOM   424  C CA  . ARG A 1 60 ? 5.759   1.719   -1.103  1.00 36.14 ? 712 ARG A CA  1 
ATOM   425  C C   . ARG A 1 60 ? 4.496   0.872   -1.377  1.00 36.20 ? 712 ARG A C   1 
ATOM   426  O O   . ARG A 1 60 ? 4.332   0.334   -2.450  1.00 35.78 ? 712 ARG A O   1 
ATOM   427  C CB  . ARG A 1 60 ? 6.749   0.919   -0.324  1.00 34.94 ? 712 ARG A CB  1 
ATOM   428  C CG  . ARG A 1 60 ? 7.417   -0.206  -1.115  1.00 39.18 ? 712 ARG A CG  1 
ATOM   429  C CD  . ARG A 1 60 ? 8.879   -0.204  -0.804  1.00 38.68 ? 712 ARG A CD  1 
ATOM   430  N NE  . ARG A 1 60 ? 9.560   -1.280  -1.457  1.00 42.89 ? 712 ARG A NE  1 
ATOM   431  C CZ  . ARG A 1 60 ? 10.816  -1.263  -1.859  1.00 40.09 ? 712 ARG A CZ  1 
ATOM   432  N NH1 . ARG A 1 60 ? 11.277  -2.308  -2.486  1.00 42.01 ? 712 ARG A NH1 1 
ATOM   433  N NH2 . ARG A 1 60 ? 11.573  -0.184  -1.731  1.00 38.05 ? 712 ARG A NH2 1 
ATOM   434  N N   . ASN A 1 61 ? 3.605   0.754   -0.416  1.00 36.89 ? 713 ASN A N   1 
ATOM   435  C CA  . ASN A 1 61 ? 2.393   -0.072  -0.609  1.00 36.05 ? 713 ASN A CA  1 
ATOM   436  C C   . ASN A 1 61 ? 1.471   0.564   -1.640  1.00 36.40 ? 713 ASN A C   1 
ATOM   437  O O   . ASN A 1 61 ? 0.797   -0.108  -2.431  1.00 37.23 ? 713 ASN A O   1 
ATOM   438  C CB  . ASN A 1 61 ? 1.688   -0.271  0.750   1.00 35.19 ? 713 ASN A CB  1 
ATOM   439  C CG  . ASN A 1 61 ? 2.282   -1.436  1.503   1.00 39.34 ? 713 ASN A CG  1 
ATOM   440  O OD1 . ASN A 1 61 ? 2.817   -2.343  0.860   1.00 39.61 ? 713 ASN A OD1 1 
ATOM   441  N ND2 . ASN A 1 61 ? 2.279   -1.390  2.849   1.00 40.17 ? 713 ASN A ND2 1 
ATOM   442  N N   . GLU A 1 62 ? 1.502   1.885   -1.683  1.00 36.21 ? 714 GLU A N   1 
ATOM   443  C CA  . GLU A 1 62 ? 0.726   2.681   -2.585  1.00 37.43 ? 714 GLU A CA  1 
ATOM   444  C C   . GLU A 1 62 ? 1.179   2.490   -4.031  1.00 37.79 ? 714 GLU A C   1 
ATOM   445  O O   . GLU A 1 62 ? 0.359   2.221   -4.899  1.00 37.44 ? 714 GLU A O   1 
ATOM   446  C CB  . GLU A 1 62 ? 0.874   4.186   -2.154  1.00 38.46 ? 714 GLU A CB  1 
ATOM   447  C CG  . GLU A 1 62 ? 0.253   5.179   -3.101  1.00 41.98 ? 714 GLU A CG  1 
ATOM   448  C CD  . GLU A 1 62 ? -0.133  6.532   -2.445  1.00 47.68 ? 714 GLU A CD  1 
ATOM   449  O OE1 . GLU A 1 62 ? -1.038  7.162   -2.995  1.00 49.48 ? 714 GLU A OE1 1 
ATOM   450  O OE2 . GLU A 1 62 ? 0.464   6.989   -1.433  1.00 49.58 ? 714 GLU A OE2 1 
ATOM   451  N N   . VAL A 1 63 ? 2.477   2.576   -4.299  1.00 37.84 ? 715 VAL A N   1 
ATOM   452  C CA  . VAL A 1 63 ? 2.975   2.199   -5.657  1.00 37.12 ? 715 VAL A CA  1 
ATOM   453  C C   . VAL A 1 63 ? 2.747   0.751   -6.026  1.00 37.85 ? 715 VAL A C   1 
ATOM   454  O O   . VAL A 1 63 ? 2.579   0.460   -7.178  1.00 39.25 ? 715 VAL A O   1 
ATOM   455  C CB  . VAL A 1 63 ? 4.467   2.635   -5.940  1.00 38.09 ? 715 VAL A CB  1 
ATOM   456  C CG1 . VAL A 1 63 ? 4.614   4.155   -5.694  1.00 38.31 ? 715 VAL A CG1 1 
ATOM   457  C CG2 . VAL A 1 63 ? 5.407   1.849   -5.075  1.00 34.74 ? 715 VAL A CG2 1 
ATOM   458  N N   . LYS A 1 64 ? 2.713   -0.177  -5.062  1.00 37.80 ? 716 LYS A N   1 
ATOM   459  C CA  . LYS A 1 64 ? 2.388   -1.562  -5.429  1.00 37.98 ? 716 LYS A CA  1 
ATOM   460  C C   . LYS A 1 64 ? 0.924   -1.684  -5.819  1.00 37.80 ? 716 LYS A C   1 
ATOM   461  O O   . LYS A 1 64 ? 0.493   -2.726  -6.346  1.00 37.48 ? 716 LYS A O   1 
ATOM   462  C CB  . LYS A 1 64 ? 2.727   -2.548  -4.285  1.00 36.80 ? 716 LYS A CB  1 
ATOM   463  C CG  . LYS A 1 64 ? 4.212   -2.590  -3.933  1.00 38.31 ? 716 LYS A CG  1 
ATOM   464  C CD  . LYS A 1 64 ? 4.511   -3.539  -2.834  1.00 42.93 ? 716 LYS A CD  1 
ATOM   465  C CE  . LYS A 1 64 ? 5.998   -3.668  -2.691  1.00 46.42 ? 716 LYS A CE  1 
ATOM   466  N NZ  . LYS A 1 64 ? 6.307   -4.605  -1.604  1.00 41.25 ? 716 LYS A NZ  1 
ATOM   467  N N   . GLY A 1 65 ? 0.156   -0.652  -5.550  1.00 35.48 ? 717 GLY A N   1 
ATOM   468  C CA  . GLY A 1 65 ? -1.230  -0.683  -5.942  1.00 37.23 ? 717 GLY A CA  1 
ATOM   469  C C   . GLY A 1 65 ? -1.508  -0.257  -7.392  1.00 37.48 ? 717 GLY A C   1 
ATOM   470  O O   . GLY A 1 65 ? -2.683  0.018   -7.759  1.00 36.94 ? 717 GLY A O   1 
ATOM   471  N N   . TYR A 1 66 ? -0.436  -0.187  -8.207  1.00 37.54 ? 718 TYR A N   1 
ATOM   472  C CA  . TYR A 1 66 ? -0.540  0.114   -9.641  1.00 37.33 ? 718 TYR A CA  1 
ATOM   473  C C   . TYR A 1 66 ? -0.162  -1.092  -10.511 1.00 36.82 ? 718 TYR A C   1 
ATOM   474  O O   . TYR A 1 66 ? 0.807   -1.825  -10.223 1.00 36.10 ? 718 TYR A O   1 
ATOM   475  C CB  . TYR A 1 66 ? 0.326   1.351   -10.073 1.00 38.19 ? 718 TYR A CB  1 
ATOM   476  C CG  . TYR A 1 66 ? -0.254  2.657   -9.554  1.00 36.29 ? 718 TYR A CG  1 
ATOM   477  C CD1 . TYR A 1 66 ? -0.006  3.056   -8.275  1.00 36.45 ? 718 TYR A CD1 1 
ATOM   478  C CD2 . TYR A 1 66 ? -1.145  3.423   -10.346 1.00 36.50 ? 718 TYR A CD2 1 
ATOM   479  C CE1 . TYR A 1 66 ? -0.550  4.237   -7.774  1.00 38.83 ? 718 TYR A CE1 1 
ATOM   480  C CE2 . TYR A 1 66 ? -1.707  4.587   -9.859  1.00 38.00 ? 718 TYR A CE2 1 
ATOM   481  C CZ  . TYR A 1 66 ? -1.397  5.001   -8.595  1.00 40.72 ? 718 TYR A CZ  1 
ATOM   482  O OH  . TYR A 1 66 ? -1.944  6.161   -8.100  1.00 37.50 ? 718 TYR A OH  1 
ATOM   483  N N   . ASN A 1 67 ? -0.893  -1.246  -11.617 1.00 35.59 ? 719 ASN A N   1 
ATOM   484  C CA  . ASN A 1 67 ? -0.641  -2.339  -12.581 1.00 37.92 ? 719 ASN A CA  1 
ATOM   485  C C   . ASN A 1 67 ? 0.806   -2.312  -13.103 1.00 38.71 ? 719 ASN A C   1 
ATOM   486  O O   . ASN A 1 67 ? 1.388   -3.378  -13.412 1.00 38.01 ? 719 ASN A O   1 
ATOM   487  C CB  . ASN A 1 67 ? -1.526  -2.143  -13.796 1.00 37.54 ? 719 ASN A CB  1 
ATOM   488  C CG  . ASN A 1 67 ? -2.961  -2.625  -13.569 1.00 42.91 ? 719 ASN A CG  1 
ATOM   489  O OD1 . ASN A 1 67 ? -3.193  -3.629  -12.875 1.00 38.19 ? 719 ASN A OD1 1 
ATOM   490  N ND2 . ASN A 1 67 ? -3.918  -1.942  -14.218 1.00 43.07 ? 719 ASN A ND2 1 
ATOM   491  N N   . GLU A 1 68 ? 1.367   -1.113  -13.205 1.00 37.39 ? 720 GLU A N   1 
ATOM   492  C CA  . GLU A 1 68 ? 2.690   -0.983  -13.785 1.00 40.46 ? 720 GLU A CA  1 
ATOM   493  C C   . GLU A 1 68 ? 3.811   -1.122  -12.767 1.00 40.32 ? 720 GLU A C   1 
ATOM   494  O O   . GLU A 1 68 ? 4.961   -0.868  -13.110 1.00 40.39 ? 720 GLU A O   1 
ATOM   495  C CB  . GLU A 1 68 ? 2.836   0.301   -14.603 1.00 41.69 ? 720 GLU A CB  1 
ATOM   496  C CG  . GLU A 1 68 ? 2.627   1.629   -13.865 1.00 44.60 ? 720 GLU A CG  1 
ATOM   497  C CD  . GLU A 1 68 ? 1.178   2.165   -13.968 1.00 53.35 ? 720 GLU A CD  1 
ATOM   498  O OE1 . GLU A 1 68 ? 0.202   1.426   -13.586 1.00 48.79 ? 720 GLU A OE1 1 
ATOM   499  O OE2 . GLU A 1 68 ? 1.012   3.358   -14.383 1.00 54.66 ? 720 GLU A OE2 1 
ATOM   500  N N   . PHE A 1 69 ? 3.484   -1.540  -11.532 1.00 39.39 ? 721 PHE A N   1 
ATOM   501  C CA  . PHE A 1 69 ? 4.505   -1.649  -10.451 1.00 39.12 ? 721 PHE A CA  1 
ATOM   502  C C   . PHE A 1 69 ? 5.719   -2.512  -10.832 1.00 39.32 ? 721 PHE A C   1 
ATOM   503  O O   . PHE A 1 69 ? 5.596   -3.652  -11.291 1.00 37.83 ? 721 PHE A O   1 
ATOM   504  C CB  . PHE A 1 69 ? 3.923   -2.091  -9.075  1.00 38.38 ? 721 PHE A CB  1 
ATOM   505  C CG  . PHE A 1 69 ? 4.999   -2.424  -8.033  1.00 35.46 ? 721 PHE A CG  1 
ATOM   506  C CD1 . PHE A 1 69 ? 5.727   -1.441  -7.408  1.00 38.58 ? 721 PHE A CD1 1 
ATOM   507  C CD2 . PHE A 1 69 ? 5.356   -3.783  -7.786  1.00 36.43 ? 721 PHE A CD2 1 
ATOM   508  C CE1 . PHE A 1 69 ? 6.780   -1.761  -6.461  1.00 36.19 ? 721 PHE A CE1 1 
ATOM   509  C CE2 . PHE A 1 69 ? 6.375   -4.122  -6.877  1.00 39.59 ? 721 PHE A CE2 1 
ATOM   510  C CZ  . PHE A 1 69 ? 7.074   -3.106  -6.168  1.00 35.20 ? 721 PHE A CZ  1 
ATOM   511  N N   . ASP A 1 70 ? 6.905   -1.974  -10.608 1.00 39.07 ? 722 ASP A N   1 
ATOM   512  C CA  . ASP A 1 70 ? 8.120   -2.745  -10.834 1.00 40.14 ? 722 ASP A CA  1 
ATOM   513  C C   . ASP A 1 70 ? 9.077   -2.378  -9.695  1.00 39.70 ? 722 ASP A C   1 
ATOM   514  O O   . ASP A 1 70 ? 9.475   -1.210  -9.556  1.00 40.05 ? 722 ASP A O   1 
ATOM   515  C CB  . ASP A 1 70 ? 8.697   -2.354  -12.196 1.00 39.90 ? 722 ASP A CB  1 
ATOM   516  C CG  . ASP A 1 70 ? 9.957   -3.095  -12.541 1.00 43.33 ? 722 ASP A CG  1 
ATOM   517  O OD1 . ASP A 1 70 ? 10.388  -3.968  -11.763 1.00 45.78 ? 722 ASP A OD1 1 
ATOM   518  O OD2 . ASP A 1 70 ? 10.507  -2.810  -13.638 1.00 49.79 ? 722 ASP A OD2 1 
ATOM   519  N N   . ALA A 1 71 ? 9.426   -3.373  -8.880  1.00 38.98 ? 723 ALA A N   1 
ATOM   520  C CA  . ALA A 1 71 ? 10.311  -3.162  -7.776  1.00 38.80 ? 723 ALA A CA  1 
ATOM   521  C C   . ALA A 1 71 ? 11.574  -2.465  -8.187  1.00 39.58 ? 723 ALA A C   1 
ATOM   522  O O   . ALA A 1 71 ? 12.151  -1.714  -7.393  1.00 40.54 ? 723 ALA A O   1 
ATOM   523  C CB  . ALA A 1 71 ? 10.599  -4.486  -7.011  1.00 38.17 ? 723 ALA A CB  1 
ATOM   524  N N   . GLU A 1 72 ? 12.045  -2.750  -9.391  1.00 40.94 ? 724 GLU A N   1 
ATOM   525  C CA  . GLU A 1 72 ? 13.302  -2.138  -9.879  1.00 42.79 ? 724 GLU A CA  1 
ATOM   526  C C   . GLU A 1 72 ? 13.225  -0.608  -9.993  1.00 41.74 ? 724 GLU A C   1 
ATOM   527  O O   . GLU A 1 72 ? 14.257  0.095   -10.107 1.00 41.59 ? 724 GLU A O   1 
ATOM   528  C CB  . GLU A 1 72 ? 13.716  -2.759  -11.215 1.00 43.37 ? 724 GLU A CB  1 
ATOM   529  C CG  . GLU A 1 72 ? 14.295  -4.129  -11.062 1.00 48.11 ? 724 GLU A CG  1 
ATOM   530  C CD  . GLU A 1 72 ? 15.559  -4.133  -10.161 1.00 57.70 ? 724 GLU A CD  1 
ATOM   531  O OE1 . GLU A 1 72 ? 15.411  -4.798  -9.091  1.00 58.16 ? 724 GLU A OE1 1 
ATOM   532  O OE2 . GLU A 1 72 ? 16.658  -3.470  -10.506 1.00 56.31 ? 724 GLU A OE2 1 
ATOM   533  N N   . ASP A 1 73 ? 12.009  -0.089  -9.910  1.00 40.56 ? 725 ASP A N   1 
ATOM   534  C CA  . ASP A 1 73 ? 11.777  1.321   -10.112 1.00 40.01 ? 725 ASP A CA  1 
ATOM   535  C C   . ASP A 1 73 ? 12.110  2.018   -8.807  1.00 38.90 ? 725 ASP A C   1 
ATOM   536  O O   . ASP A 1 73 ? 12.181  3.225   -8.776  1.00 40.52 ? 725 ASP A O   1 
ATOM   537  C CB  . ASP A 1 73 ? 10.282  1.590   -10.395 1.00 41.26 ? 725 ASP A CB  1 
ATOM   538  C CG  . ASP A 1 73 ? 9.875   1.251   -11.805 1.00 44.19 ? 725 ASP A CG  1 
ATOM   539  O OD1 . ASP A 1 73 ? 10.791  1.090   -12.661 1.00 47.58 ? 725 ASP A OD1 1 
ATOM   540  O OD2 . ASP A 1 73 ? 8.621   1.162   -12.047 1.00 39.04 ? 725 ASP A OD2 1 
ATOM   541  N N   . LEU A 1 74 ? 12.282  1.258   -7.723  1.00 37.91 ? 726 LEU A N   1 
ATOM   542  C CA  . LEU A 1 74 ? 12.461  1.807   -6.390  1.00 36.24 ? 726 LEU A CA  1 
ATOM   543  C C   . LEU A 1 74 ? 13.881  1.600   -5.813  1.00 37.34 ? 726 LEU A C   1 
ATOM   544  O O   . LEU A 1 74 ? 14.452  0.512   -5.950  1.00 38.42 ? 726 LEU A O   1 
ATOM   545  C CB  . LEU A 1 74 ? 11.505  1.111   -5.408  1.00 34.31 ? 726 LEU A CB  1 
ATOM   546  C CG  . LEU A 1 74 ? 9.985   1.200   -5.730  1.00 34.87 ? 726 LEU A CG  1 
ATOM   547  C CD1 . LEU A 1 74 ? 9.268   0.738   -4.490  1.00 32.44 ? 726 LEU A CD1 1 
ATOM   548  C CD2 . LEU A 1 74 ? 9.629   2.689   -6.020  1.00 35.43 ? 726 LEU A CD2 1 
ATOM   549  N N   . THR A 1 75 ? 14.386  2.632   -5.125  1.00 36.59 ? 727 THR A N   1 
ATOM   550  C CA  . THR A 1 75 ? 15.598  2.552   -4.305  1.00 36.15 ? 727 THR A CA  1 
ATOM   551  C C   . THR A 1 75 ? 15.287  1.554   -3.156  1.00 37.16 ? 727 THR A C   1 
ATOM   552  O O   . THR A 1 75 ? 14.140  1.494   -2.690  1.00 37.75 ? 727 THR A O   1 
ATOM   553  C CB  . THR A 1 75 ? 15.918  3.934   -3.697  1.00 36.36 ? 727 THR A CB  1 
ATOM   554  O OG1 . THR A 1 75 ? 16.113  4.866   -4.761  1.00 37.86 ? 727 THR A OG1 1 
ATOM   555  C CG2 . THR A 1 75 ? 17.130  3.902   -2.851  1.00 34.86 ? 727 THR A CG2 1 
ATOM   556  N N   . ILE A 1 76 ? 16.287  0.780   -2.736  1.00 35.82 ? 728 ILE A N   1 
ATOM   557  C CA  . ILE A 1 76 ? 16.167  -0.206  -1.676  1.00 37.46 ? 728 ILE A CA  1 
ATOM   558  C C   . ILE A 1 76 ? 15.505  -1.428  -2.182  1.00 38.10 ? 728 ILE A C   1 
ATOM   559  O O   . ILE A 1 76 ? 14.319  -1.388  -2.615  1.00 39.47 ? 728 ILE A O   1 
ATOM   560  C CB  . ILE A 1 76 ? 15.386  0.321   -0.382  1.00 37.27 ? 728 ILE A CB  1 
ATOM   561  C CG1 . ILE A 1 76 ? 15.887  1.711   0.026   1.00 37.57 ? 728 ILE A CG1 1 
ATOM   562  C CG2 . ILE A 1 76 ? 15.632  -0.656  0.814   1.00 36.99 ? 728 ILE A CG2 1 
ATOM   563  C CD1 . ILE A 1 76 ? 15.208  2.299   1.319   1.00 35.88 ? 728 ILE A CD1 1 
ATOM   564  N N   . GLU A 1 77 ? 16.224  -2.529  -2.124  1.00 37.72 ? 729 GLU A N   1 
ATOM   565  C CA  . GLU A 1 77 ? 15.687  -3.775  -2.644  1.00 36.31 ? 729 GLU A CA  1 
ATOM   566  C C   . GLU A 1 77 ? 14.563  -4.244  -1.710  1.00 38.88 ? 729 GLU A C   1 
ATOM   567  O O   . GLU A 1 77 ? 14.562  -3.891  -0.531  1.00 37.94 ? 729 GLU A O   1 
ATOM   568  C CB  . GLU A 1 77 ? 16.818  -4.833  -2.616  1.00 37.21 ? 729 GLU A CB  1 
ATOM   569  C CG  . GLU A 1 77 ? 17.761  -4.693  -3.794  1.00 33.58 ? 729 GLU A CG  1 
ATOM   570  C CD  . GLU A 1 77 ? 18.799  -5.791  -3.825  1.00 42.50 ? 729 GLU A CD  1 
ATOM   571  O OE1 . GLU A 1 77 ? 18.847  -6.581  -2.854  1.00 40.32 ? 729 GLU A OE1 1 
ATOM   572  O OE2 . GLU A 1 77 ? 19.577  -5.846  -4.823  1.00 41.20 ? 729 GLU A OE2 1 
ATOM   573  N N   . GLU A 1 78 ? 13.643  -5.074  -2.233  1.00 40.12 ? 730 GLU A N   1 
ATOM   574  C CA  . GLU A 1 78 ? 12.521  -5.607  -1.409  1.00 41.45 ? 730 GLU A CA  1 
ATOM   575  C C   . GLU A 1 78 ? 12.982  -6.267  -0.137  1.00 42.78 ? 730 GLU A C   1 
ATOM   576  O O   . GLU A 1 78 ? 12.472  -5.952  0.953   1.00 42.69 ? 730 GLU A O   1 
ATOM   577  C CB  . GLU A 1 78 ? 11.686  -6.599  -2.213  1.00 41.64 ? 730 GLU A CB  1 
ATOM   578  C CG  . GLU A 1 78 ? 10.694  -5.905  -3.116  1.00 46.29 ? 730 GLU A CG  1 
ATOM   579  C CD  . GLU A 1 78 ? 9.697   -5.008  -2.327  1.00 50.60 ? 730 GLU A CD  1 
ATOM   580  O OE1 . GLU A 1 78 ? 9.175   -5.391  -1.259  1.00 52.19 ? 730 GLU A OE1 1 
ATOM   581  O OE2 . GLU A 1 78 ? 9.494   -3.883  -2.767  1.00 54.89 ? 730 GLU A OE2 1 
ATOM   582  N N   . GLN A 1 79 ? 13.976  -7.165  -0.256  1.00 42.85 ? 731 GLN A N   1 
ATOM   583  C CA  . GLN A 1 79 ? 14.504  -7.871  0.927   1.00 42.81 ? 731 GLN A CA  1 
ATOM   584  C C   . GLN A 1 79 ? 15.109  -6.943  1.981   1.00 42.11 ? 731 GLN A C   1 
ATOM   585  O O   . GLN A 1 79 ? 14.743  -7.011  3.190   1.00 42.70 ? 731 GLN A O   1 
ATOM   586  C CB  . GLN A 1 79 ? 15.504  -8.950  0.516   1.00 44.01 ? 731 GLN A CB  1 
ATOM   587  C CG  . GLN A 1 79 ? 15.933  -9.856  1.720   1.00 50.81 ? 731 GLN A CG  1 
ATOM   588  C CD  . GLN A 1 79 ? 14.735  -10.435 2.497   1.00 54.61 ? 731 GLN A CD  1 
ATOM   589  O OE1 . GLN A 1 79 ? 13.906  -11.169 1.939   1.00 57.58 ? 731 GLN A OE1 1 
ATOM   590  N NE2 . GLN A 1 79 ? 14.623  -10.074 3.775   1.00 51.18 ? 731 GLN A NE2 1 
ATOM   591  N N   . ARG A 1 80 ? 16.047  -6.093  1.540   1.00 39.09 ? 732 ARG A N   1 
ATOM   592  C CA  . ARG A 1 80 ? 16.614  -5.051  2.384   1.00 38.35 ? 732 ARG A CA  1 
ATOM   593  C C   . ARG A 1 80 ? 15.492  -4.229  3.067   1.00 36.27 ? 732 ARG A C   1 
ATOM   594  O O   . ARG A 1 80 ? 15.542  -3.936  4.282   1.00 35.82 ? 732 ARG A O   1 
ATOM   595  C CB  . ARG A 1 80 ? 17.502  -4.137  1.533   1.00 37.08 ? 732 ARG A CB  1 
ATOM   596  C CG  . ARG A 1 80 ? 18.182  -2.980  2.341   1.00 40.03 ? 732 ARG A CG  1 
ATOM   597  C CD  . ARG A 1 80 ? 19.214  -3.447  3.406   1.00 36.71 ? 732 ARG A CD  1 
ATOM   598  N NE  . ARG A 1 80 ? 20.390  -4.185  2.923   1.00 39.21 ? 732 ARG A NE  1 
ATOM   599  C CZ  . ARG A 1 80 ? 21.580  -3.609  2.632   1.00 40.43 ? 732 ARG A CZ  1 
ATOM   600  N NH1 . ARG A 1 80 ? 21.773  -2.287  2.757   1.00 38.54 ? 732 ARG A NH1 1 
ATOM   601  N NH2 . ARG A 1 80 ? 22.604  -4.351  2.214   1.00 37.67 ? 732 ARG A NH2 1 
ATOM   602  N N   . PHE A 1 81 ? 14.475  -3.879  2.286   1.00 36.99 ? 733 PHE A N   1 
ATOM   603  C CA  . PHE A 1 81 ? 13.383  -3.024  2.821   1.00 37.02 ? 733 PHE A CA  1 
ATOM   604  C C   . PHE A 1 81 ? 12.670  -3.809  3.915   1.00 38.41 ? 733 PHE A C   1 
ATOM   605  O O   . PHE A 1 81 ? 12.372  -3.259  4.947   1.00 37.08 ? 733 PHE A O   1 
ATOM   606  C CB  . PHE A 1 81 ? 12.374  -2.706  1.703   1.00 35.94 ? 733 PHE A CB  1 
ATOM   607  C CG  . PHE A 1 81 ? 11.401  -1.627  2.076   1.00 39.85 ? 733 PHE A CG  1 
ATOM   608  C CD1 . PHE A 1 81 ? 11.776  -0.262  1.940   1.00 38.21 ? 733 PHE A CD1 1 
ATOM   609  C CD2 . PHE A 1 81 ? 10.154  -1.941  2.620   1.00 38.08 ? 733 PHE A CD2 1 
ATOM   610  C CE1 . PHE A 1 81 ? 10.925  0.742   2.318   1.00 38.68 ? 733 PHE A CE1 1 
ATOM   611  C CE2 . PHE A 1 81 ? 9.268   -0.903  2.979   1.00 39.39 ? 733 PHE A CE2 1 
ATOM   612  C CZ  . PHE A 1 81 ? 9.654   0.429   2.822   1.00 36.16 ? 733 PHE A CZ  1 
ATOM   613  N N   . ALA A 1 82 ? 12.385  -5.099  3.634   1.00 39.03 ? 734 ALA A N   1 
ATOM   614  C CA  . ALA A 1 82 ? 11.814  -6.026  4.660   1.00 42.59 ? 734 ALA A CA  1 
ATOM   615  C C   . ALA A 1 82 ? 12.636  -6.137  5.936   1.00 43.20 ? 734 ALA A C   1 
ATOM   616  O O   . ALA A 1 82 ? 12.094  -6.249  7.036   1.00 42.93 ? 734 ALA A O   1 
ATOM   617  C CB  . ALA A 1 82 ? 11.604  -7.400  4.069   1.00 42.24 ? 734 ALA A CB  1 
ATOM   618  N N   . ASP A 1 83 ? 13.961  -6.144  5.797   1.00 44.06 ? 735 ASP A N   1 
ATOM   619  C CA  . ASP A 1 83 ? 14.855  -6.130  6.952   1.00 42.46 ? 735 ASP A CA  1 
ATOM   620  C C   . ASP A 1 83 ? 14.729  -4.851  7.782   1.00 42.21 ? 735 ASP A C   1 
ATOM   621  O O   . ASP A 1 83 ? 14.701  -4.895  8.993   1.00 41.51 ? 735 ASP A O   1 
ATOM   622  C CB  . ASP A 1 83 ? 16.296  -6.392  6.490   1.00 44.24 ? 735 ASP A CB  1 
ATOM   623  C CG  . ASP A 1 83 ? 16.487  -7.822  5.934   1.00 47.43 ? 735 ASP A CG  1 
ATOM   624  O OD1 . ASP A 1 83 ? 15.699  -8.725  6.278   1.00 51.02 ? 735 ASP A OD1 1 
ATOM   625  O OD2 . ASP A 1 83 ? 17.395  -8.027  5.118   1.00 51.44 ? 735 ASP A OD2 1 
ATOM   626  N N   . TYR A 1 84 ? 14.615  -3.686  7.145   1.00 40.50 ? 736 TYR A N   1 
ATOM   627  C CA  . TYR A 1 84 ? 14.289  -2.491  7.918   1.00 40.99 ? 736 TYR A CA  1 
ATOM   628  C C   . TYR A 1 84 ? 12.900  -2.641  8.567   1.00 41.37 ? 736 TYR A C   1 
ATOM   629  O O   . TYR A 1 84 ? 12.659  -2.174  9.679   1.00 40.97 ? 736 TYR A O   1 
ATOM   630  C CB  . TYR A 1 84 ? 14.289  -1.255  7.020   1.00 40.66 ? 736 TYR A CB  1 
ATOM   631  C CG  . TYR A 1 84 ? 15.672  -0.711  6.663   1.00 41.93 ? 736 TYR A CG  1 
ATOM   632  C CD1 . TYR A 1 84 ? 16.434  0.014   7.609   1.00 40.77 ? 736 TYR A CD1 1 
ATOM   633  C CD2 . TYR A 1 84 ? 16.204  -0.890  5.367   1.00 41.53 ? 736 TYR A CD2 1 
ATOM   634  C CE1 . TYR A 1 84 ? 17.659  0.554   7.268   1.00 38.54 ? 736 TYR A CE1 1 
ATOM   635  C CE2 . TYR A 1 84 ? 17.460  -0.373  5.034   1.00 36.93 ? 736 TYR A CE2 1 
ATOM   636  C CZ  . TYR A 1 84 ? 18.170  0.348   5.972   1.00 37.46 ? 736 TYR A CZ  1 
ATOM   637  O OH  . TYR A 1 84 ? 19.410  0.892   5.643   1.00 39.66 ? 736 TYR A OH  1 
ATOM   638  N N   . GLN A 1 85 ? 11.998  -3.301  7.855   1.00 40.52 ? 737 GLN A N   1 
ATOM   639  C CA  . GLN A 1 85 ? 10.624  -3.409  8.329   1.00 42.25 ? 737 GLN A CA  1 
ATOM   640  C C   . GLN A 1 85 ? 10.591  -4.288  9.596   1.00 43.15 ? 737 GLN A C   1 
ATOM   641  O O   . GLN A 1 85 ? 9.879   -3.986  10.554  1.00 42.24 ? 737 GLN A O   1 
ATOM   642  C CB  . GLN A 1 85 ? 9.778   -3.977  7.233   1.00 41.10 ? 737 GLN A CB  1 
ATOM   643  C CG  . GLN A 1 85 ? 8.288   -3.879  7.458   1.00 45.79 ? 737 GLN A CG  1 
ATOM   644  C CD  . GLN A 1 85 ? 7.520   -4.645  6.396   1.00 46.62 ? 737 GLN A CD  1 
ATOM   645  O OE1 . GLN A 1 85 ? 7.531   -5.874  6.369   1.00 51.53 ? 737 GLN A OE1 1 
ATOM   646  N NE2 . GLN A 1 85 ? 6.881   -3.939  5.524   1.00 43.34 ? 737 GLN A NE2 1 
ATOM   647  N N   . SER A 1 86 ? 11.408  -5.339  9.652   1.00 44.01 ? 738 SER A N   1 
ATOM   648  C CA  . SER A 1 86 ? 11.446  -6.136  10.919  1.00 46.55 ? 738 SER A CA  1 
ATOM   649  C C   . SER A 1 86 ? 11.787  -5.252  12.114  1.00 45.71 ? 738 SER A C   1 
ATOM   650  O O   . SER A 1 86 ? 11.162  -5.378  13.190  1.00 46.57 ? 738 SER A O   1 
ATOM   651  C CB  . SER A 1 86 ? 12.438  -7.300  10.852  1.00 46.27 ? 738 SER A CB  1 
ATOM   652  O OG  . SER A 1 86 ? 12.129  -8.071  9.700   1.00 52.06 ? 738 SER A OG  1 
ATOM   653  N N   . LYS A 1 87 ? 12.756  -4.351  11.934  1.00 45.81 ? 739 LYS A N   1 
ATOM   654  C CA  . LYS A 1 87 ? 13.148  -3.433  13.032  1.00 46.37 ? 739 LYS A CA  1 
ATOM   655  C C   . LYS A 1 87 ? 12.000  -2.536  13.402  1.00 46.91 ? 739 LYS A C   1 
ATOM   656  O O   . LYS A 1 87 ? 11.794  -2.187  14.591  1.00 47.72 ? 739 LYS A O   1 
ATOM   657  C CB  . LYS A 1 87 ? 14.334  -2.522  12.640  1.00 45.92 ? 739 LYS A CB  1 
ATOM   658  C CG  . LYS A 1 87 ? 15.591  -3.231  12.281  1.00 48.17 ? 739 LYS A CG  1 
ATOM   659  C CD  . LYS A 1 87 ? 16.242  -3.856  13.525  1.00 47.92 ? 739 LYS A CD  1 
ATOM   660  C CE  . LYS A 1 87 ? 17.800  -3.859  13.476  1.00 49.78 ? 739 LYS A CE  1 
ATOM   661  N NZ  . LYS A 1 87 ? 18.336  -4.881  14.497  1.00 54.30 ? 739 LYS A NZ  1 
ATOM   662  N N   . TYR A 1 88 ? 11.296  -2.074  12.378  1.00 46.79 ? 740 TYR A N   1 
ATOM   663  C CA  . TYR A 1 88 ? 10.199  -1.154  12.570  1.00 47.39 ? 740 TYR A CA  1 
ATOM   664  C C   . TYR A 1 88 ? 9.078   -1.875  13.356  1.00 49.40 ? 740 TYR A C   1 
ATOM   665  O O   . TYR A 1 88 ? 8.581   -1.335  14.344  1.00 48.65 ? 740 TYR A O   1 
ATOM   666  C CB  . TYR A 1 88 ? 9.724   -0.668  11.208  1.00 47.54 ? 740 TYR A CB  1 
ATOM   667  C CG  . TYR A 1 88 ? 8.335   -0.034  11.193  1.00 45.77 ? 740 TYR A CG  1 
ATOM   668  C CD1 . TYR A 1 88 ? 8.142   1.299   11.577  1.00 41.98 ? 740 TYR A CD1 1 
ATOM   669  C CD2 . TYR A 1 88 ? 7.240   -0.749  10.731  1.00 43.20 ? 740 TYR A CD2 1 
ATOM   670  C CE1 . TYR A 1 88 ? 6.862   1.897   11.562  1.00 39.94 ? 740 TYR A CE1 1 
ATOM   671  C CE2 . TYR A 1 88 ? 5.959   -0.165  10.656  1.00 43.95 ? 740 TYR A CE2 1 
ATOM   672  C CZ  . TYR A 1 88 ? 5.768   1.158   11.096  1.00 46.14 ? 740 TYR A CZ  1 
ATOM   673  O OH  . TYR A 1 88 ? 4.477   1.721   11.030  1.00 43.23 ? 740 TYR A OH  1 
ATOM   674  N N   . LEU A 1 89 ? 8.746   -3.106  12.963  1.00 51.52 ? 741 LEU A N   1 
ATOM   675  C CA  . LEU A 1 89 ? 7.738   -3.899  13.696  1.00 55.70 ? 741 LEU A CA  1 
ATOM   676  C C   . LEU A 1 89 ? 8.076   -4.159  15.189  1.00 58.75 ? 741 LEU A C   1 
ATOM   677  O O   . LEU A 1 89 ? 7.180   -4.114  16.053  1.00 59.93 ? 741 LEU A O   1 
ATOM   678  C CB  . LEU A 1 89 ? 7.422   -5.200  12.967  1.00 55.67 ? 741 LEU A CB  1 
ATOM   679  C CG  . LEU A 1 89 ? 6.695   -5.068  11.628  1.00 54.91 ? 741 LEU A CG  1 
ATOM   680  C CD1 . LEU A 1 89 ? 6.809   -6.308  10.810  1.00 57.36 ? 741 LEU A CD1 1 
ATOM   681  C CD2 . LEU A 1 89 ? 5.232   -4.706  11.864  1.00 58.26 ? 741 LEU A CD2 1 
ATOM   682  N N   . ASP A 1 90 ? 9.345   -4.397  15.505  1.00 61.64 ? 742 ASP A N   1 
ATOM   683  C CA  . ASP A 1 90 ? 9.772   -4.532  16.905  1.00 64.91 ? 742 ASP A CA  1 
ATOM   684  C C   . ASP A 1 90 ? 9.742   -3.198  17.627  1.00 66.26 ? 742 ASP A C   1 
ATOM   685  O O   . ASP A 1 90 ? 9.598   -3.132  18.834  1.00 66.93 ? 742 ASP A O   1 
ATOM   686  C CB  . ASP A 1 90 ? 11.207  -5.046  16.999  1.00 64.84 ? 742 ASP A CB  1 
ATOM   687  C CG  . ASP A 1 90 ? 11.383  -6.392  16.363  1.00 67.99 ? 742 ASP A CG  1 
ATOM   688  O OD1 . ASP A 1 90 ? 10.371  -6.974  15.933  1.00 71.44 ? 742 ASP A OD1 1 
ATOM   689  O OD2 . ASP A 1 90 ? 12.539  -6.867  16.263  1.00 71.26 ? 742 ASP A OD2 1 
ATOM   690  N N   . MET A 1 91 ? 9.920   -2.131  16.882  1.00 68.10 ? 743 MET A N   1 
ATOM   691  C CA  . MET A 1 91 ? 10.188  -0.836  17.465  1.00 69.58 ? 743 MET A CA  1 
ATOM   692  C C   . MET A 1 91 ? 8.925   -0.022  17.685  1.00 70.90 ? 743 MET A C   1 
ATOM   693  O O   . MET A 1 91 ? 8.945   1.011   18.385  1.00 71.82 ? 743 MET A O   1 
ATOM   694  C CB  . MET A 1 91 ? 11.072  -0.058  16.507  1.00 70.00 ? 743 MET A CB  1 
ATOM   695  C CG  . MET A 1 91 ? 12.058  0.843   17.130  1.00 68.74 ? 743 MET A CG  1 
ATOM   696  S SD  . MET A 1 91 ? 13.523  0.619   16.155  1.00 66.88 ? 743 MET A SD  1 
ATOM   697  C CE  . MET A 1 91 ? 14.297  2.150   16.599  1.00 64.54 ? 743 MET A CE  1 
ATOM   698  N N   . SER A 1 92 ? 7.842   -0.431  17.047  1.00 71.49 ? 744 SER A N   1 
ATOM   699  C CA  . SER A 1 92 ? 6.625   0.346   17.149  1.00 72.41 ? 744 SER A CA  1 
ATOM   700  C C   . SER A 1 92 ? 5.535   -0.420  17.911  1.00 73.15 ? 744 SER A C   1 
ATOM   701  O O   . SER A 1 92 ? 4.858   0.163   18.774  1.00 74.33 ? 744 SER A O   1 
ATOM   702  C CB  . SER A 1 92 ? 6.146   0.829   15.765  1.00 71.73 ? 744 SER A CB  1 
ATOM   703  O OG  . SER A 1 92 ? 5.916   -0.264  14.894  1.00 70.58 ? 744 SER A OG  1 
ATOM   704  N N   . LEU B 1 9  ? -19.590 -3.526  -29.157 1.00 61.25 ? 661 LEU B N   1 
ATOM   705  C CA  . LEU B 1 9  ? -20.446 -2.761  -28.211 1.00 60.16 ? 661 LEU B CA  1 
ATOM   706  C C   . LEU B 1 9  ? -19.816 -2.674  -26.828 1.00 59.08 ? 661 LEU B C   1 
ATOM   707  O O   . LEU B 1 9  ? -19.475 -1.552  -26.416 1.00 58.94 ? 661 LEU B O   1 
ATOM   708  C CB  . LEU B 1 9  ? -21.874 -3.320  -28.079 1.00 61.06 ? 661 LEU B CB  1 
ATOM   709  C CG  . LEU B 1 9  ? -22.818 -2.199  -27.616 1.00 62.95 ? 661 LEU B CG  1 
ATOM   710  C CD1 . LEU B 1 9  ? -23.259 -1.367  -28.830 1.00 66.27 ? 661 LEU B CD1 1 
ATOM   711  C CD2 . LEU B 1 9  ? -24.068 -2.562  -26.684 1.00 64.64 ? 661 LEU B CD2 1 
ATOM   712  N N   . MET B 1 10 ? -19.692 -3.797  -26.086 1.00 56.79 ? 662 MET B N   1 
ATOM   713  C CA  . MET B 1 10 ? -19.056 -3.730  -24.744 1.00 55.05 ? 662 MET B CA  1 
ATOM   714  C C   . MET B 1 10 ? -17.690 -3.029  -24.815 1.00 54.02 ? 662 MET B C   1 
ATOM   715  O O   . MET B 1 10 ? -16.870 -3.337  -25.710 1.00 54.52 ? 662 MET B O   1 
ATOM   716  C CB  . MET B 1 10 ? -18.881 -5.118  -24.097 1.00 54.76 ? 662 MET B CB  1 
ATOM   717  C CG  . MET B 1 10 ? -18.322 -5.119  -22.650 1.00 52.08 ? 662 MET B CG  1 
ATOM   718  S SD  . MET B 1 10 ? -18.185 -6.779  -21.900 1.00 43.96 ? 662 MET B SD  1 
ATOM   719  C CE  . MET B 1 10 ? -18.121 -6.526  -20.127 1.00 40.23 ? 662 MET B CE  1 
ATOM   720  N N   . LYS B 1 11 ? -17.470 -2.085  -23.893 1.00 52.74 ? 663 LYS B N   1 
ATOM   721  C CA  . LYS B 1 11 ? -16.279 -1.222  -23.839 1.00 51.01 ? 663 LYS B CA  1 
ATOM   722  C C   . LYS B 1 11 ? -15.389 -1.557  -22.620 1.00 49.70 ? 663 LYS B C   1 
ATOM   723  O O   . LYS B 1 11 ? -15.869 -2.088  -21.620 1.00 48.27 ? 663 LYS B O   1 
ATOM   724  C CB  . LYS B 1 11 ? -16.732 0.237   -23.697 1.00 51.76 ? 663 LYS B CB  1 
ATOM   725  N N   . PRO B 1 12 ? -14.096 -1.221  -22.704 1.00 47.78 ? 664 PRO B N   1 
ATOM   726  C CA  . PRO B 1 12 ? -13.135 -1.415  -21.628 1.00 45.54 ? 664 PRO B CA  1 
ATOM   727  C C   . PRO B 1 12 ? -13.593 -0.941  -20.268 1.00 42.99 ? 664 PRO B C   1 
ATOM   728  O O   . PRO B 1 12 ? -13.512 -1.723  -19.351 1.00 40.53 ? 664 PRO B O   1 
ATOM   729  C CB  . PRO B 1 12 ? -11.924 -0.609  -22.104 1.00 44.92 ? 664 PRO B CB  1 
ATOM   730  C CG  . PRO B 1 12 ? -11.949 -0.780  -23.577 1.00 47.95 ? 664 PRO B CG  1 
ATOM   731  C CD  . PRO B 1 12 ? -13.412 -0.923  -23.983 1.00 48.56 ? 664 PRO B CD  1 
ATOM   732  N N   . TYR B 1 13 ? -14.051 0.315   -20.110 1.00 42.08 ? 665 TYR B N   1 
ATOM   733  C CA  . TYR B 1 13 ? -14.469 0.753   -18.797 1.00 41.29 ? 665 TYR B CA  1 
ATOM   734  C C   . TYR B 1 13 ? -15.417 -0.286  -18.150 1.00 42.29 ? 665 TYR B C   1 
ATOM   735  O O   . TYR B 1 13 ? -15.139 -0.806  -17.081 1.00 40.16 ? 665 TYR B O   1 
ATOM   736  C CB  . TYR B 1 13 ? -15.141 2.138   -18.831 1.00 41.67 ? 665 TYR B CB  1 
ATOM   737  C CG  . TYR B 1 13 ? -15.620 2.673   -17.493 1.00 43.02 ? 665 TYR B CG  1 
ATOM   738  C CD1 . TYR B 1 13 ? -14.734 3.298   -16.608 1.00 43.70 ? 665 TYR B CD1 1 
ATOM   739  C CD2 . TYR B 1 13 ? -16.956 2.641   -17.143 1.00 43.86 ? 665 TYR B CD2 1 
ATOM   740  C CE1 . TYR B 1 13 ? -15.166 3.803   -15.404 1.00 43.23 ? 665 TYR B CE1 1 
ATOM   741  C CE2 . TYR B 1 13 ? -17.411 3.117   -15.910 1.00 44.20 ? 665 TYR B CE2 1 
ATOM   742  C CZ  . TYR B 1 13 ? -16.497 3.700   -15.029 1.00 43.87 ? 665 TYR B CZ  1 
ATOM   743  O OH  . TYR B 1 13 ? -16.896 4.232   -13.807 1.00 46.32 ? 665 TYR B OH  1 
ATOM   744  N N   . GLU B 1 14 ? -16.539 -0.589  -18.812 1.00 43.60 ? 666 GLU B N   1 
ATOM   745  C CA  . GLU B 1 14 ? -17.545 -1.513  -18.229 1.00 44.02 ? 666 GLU B CA  1 
ATOM   746  C C   . GLU B 1 14 ? -16.921 -2.860  -17.886 1.00 43.37 ? 666 GLU B C   1 
ATOM   747  O O   . GLU B 1 14 ? -17.265 -3.434  -16.832 1.00 43.39 ? 666 GLU B O   1 
ATOM   748  C CB  . GLU B 1 14 ? -18.810 -1.649  -19.138 1.00 45.06 ? 666 GLU B CB  1 
ATOM   749  C CG  . GLU B 1 14 ? -19.807 -2.787  -18.700 1.00 50.72 ? 666 GLU B CG  1 
ATOM   750  C CD  . GLU B 1 14 ? -21.081 -2.855  -19.619 1.00 59.11 ? 666 GLU B CD  1 
ATOM   751  O OE1 . GLU B 1 14 ? -20.956 -2.821  -20.868 1.00 55.90 ? 666 GLU B OE1 1 
ATOM   752  O OE2 . GLU B 1 14 ? -22.211 -2.918  -19.068 1.00 63.20 ? 666 GLU B OE2 1 
ATOM   753  N N   . LYS B 1 15 ? -16.007 -3.377  -18.723 1.00 42.26 ? 667 LYS B N   1 
ATOM   754  C CA  . LYS B 1 15 ? -15.460 -4.671  -18.460 1.00 41.28 ? 667 LYS B CA  1 
ATOM   755  C C   . LYS B 1 15 ? -14.693 -4.592  -17.135 1.00 42.05 ? 667 LYS B C   1 
ATOM   756  O O   . LYS B 1 15 ? -14.754 -5.522  -16.318 1.00 39.85 ? 667 LYS B O   1 
ATOM   757  C CB  . LYS B 1 15 ? -14.512 -5.193  -19.548 1.00 43.54 ? 667 LYS B CB  1 
ATOM   758  N N   . LEU B 1 16 ? -13.991 -3.467  -16.933 1.00 40.36 ? 668 LEU B N   1 
ATOM   759  C CA  . LEU B 1 16 ? -13.173 -3.281  -15.764 1.00 40.40 ? 668 LEU B CA  1 
ATOM   760  C C   . LEU B 1 16 ? -13.999 -3.034  -14.468 1.00 41.00 ? 668 LEU B C   1 
ATOM   761  O O   . LEU B 1 16 ? -13.658 -3.542  -13.405 1.00 40.35 ? 668 LEU B O   1 
ATOM   762  C CB  . LEU B 1 16 ? -12.250 -2.102  -15.964 1.00 39.74 ? 668 LEU B CB  1 
ATOM   763  C CG  . LEU B 1 16 ? -11.039 -2.191  -16.899 1.00 40.00 ? 668 LEU B CG  1 
ATOM   764  C CD1 . LEU B 1 16 ? -10.428 -0.743  -16.976 1.00 42.49 ? 668 LEU B CD1 1 
ATOM   765  C CD2 . LEU B 1 16 ? -10.010 -3.190  -16.370 1.00 39.03 ? 668 LEU B CD2 1 
ATOM   766  N N   . VAL B 1 17 ? -15.041 -2.207  -14.560 1.00 40.46 ? 669 VAL B N   1 
ATOM   767  C CA  . VAL B 1 17 ? -15.867 -1.963  -13.421 1.00 40.04 ? 669 VAL B CA  1 
ATOM   768  C C   . VAL B 1 17 ? -16.555 -3.291  -12.989 1.00 40.97 ? 669 VAL B C   1 
ATOM   769  O O   . VAL B 1 17 ? -16.748 -3.509  -11.779 1.00 40.73 ? 669 VAL B O   1 
ATOM   770  C CB  . VAL B 1 17 ? -16.902 -0.924  -13.712 1.00 40.63 ? 669 VAL B CB  1 
ATOM   771  C CG1 . VAL B 1 17 ? -18.139 -1.112  -12.800 1.00 40.13 ? 669 VAL B CG1 1 
ATOM   772  C CG2 . VAL B 1 17 ? -16.263 0.490   -13.679 1.00 42.13 ? 669 VAL B CG2 1 
ATOM   773  N N   . GLU B 1 18 ? -16.930 -4.142  -13.946 1.00 38.51 ? 670 GLU B N   1 
ATOM   774  C CA  . GLU B 1 18 ? -17.639 -5.384  -13.589 1.00 39.30 ? 670 GLU B CA  1 
ATOM   775  C C   . GLU B 1 18 ? -16.730 -6.347  -12.886 1.00 39.16 ? 670 GLU B C   1 
ATOM   776  O O   . GLU B 1 18 ? -17.127 -7.104  -11.957 1.00 38.83 ? 670 GLU B O   1 
ATOM   777  C CB  . GLU B 1 18 ? -18.209 -6.075  -14.836 1.00 39.35 ? 670 GLU B CB  1 
ATOM   778  C CG  . GLU B 1 18 ? -19.476 -5.422  -15.269 1.00 38.23 ? 670 GLU B CG  1 
ATOM   779  C CD  . GLU B 1 18 ? -20.240 -6.194  -16.360 1.00 44.65 ? 670 GLU B CD  1 
ATOM   780  O OE1 . GLU B 1 18 ? -20.142 -7.453  -16.450 1.00 50.38 ? 670 GLU B OE1 1 
ATOM   781  O OE2 . GLU B 1 18 ? -20.963 -5.488  -17.095 1.00 51.20 ? 670 GLU B OE2 1 
ATOM   782  N N   . ARG B 1 19 ? -15.498 -6.333  -13.348 1.00 37.60 ? 671 ARG B N   1 
ATOM   783  C CA  . ARG B 1 19 ? -14.476 -7.171  -12.770 1.00 38.79 ? 671 ARG B CA  1 
ATOM   784  C C   . ARG B 1 19 ? -14.181 -6.688  -11.328 1.00 37.10 ? 671 ARG B C   1 
ATOM   785  O O   . ARG B 1 19 ? -14.021 -7.473  -10.412 1.00 37.42 ? 671 ARG B O   1 
ATOM   786  C CB  . ARG B 1 19 ? -13.244 -7.006  -13.656 1.00 39.87 ? 671 ARG B CB  1 
ATOM   787  C CG  . ARG B 1 19 ? -12.336 -8.152  -13.642 1.00 46.26 ? 671 ARG B CG  1 
ATOM   788  C CD  . ARG B 1 19 ? -11.852 -8.314  -15.122 1.00 57.71 ? 671 ARG B CD  1 
ATOM   789  N NE  . ARG B 1 19 ? -10.861 -7.315  -15.547 1.00 63.59 ? 671 ARG B NE  1 
ATOM   790  C CZ  . ARG B 1 19 ? -9.598  -7.276  -15.094 1.00 68.63 ? 671 ARG B CZ  1 
ATOM   791  N NH1 . ARG B 1 19 ? -8.744  -6.354  -15.537 1.00 66.84 ? 671 ARG B NH1 1 
ATOM   792  N NH2 . ARG B 1 19 ? -9.179  -8.169  -14.188 1.00 70.17 ? 671 ARG B NH2 1 
ATOM   793  N N   . PHE B 1 20 ? -14.161 -5.392  -11.124 1.00 35.10 ? 672 PHE B N   1 
ATOM   794  C CA  . PHE B 1 20 ? -13.900 -4.855  -9.797  1.00 34.80 ? 672 PHE B CA  1 
ATOM   795  C C   . PHE B 1 20 ? -15.034 -5.285  -8.912  1.00 35.55 ? 672 PHE B C   1 
ATOM   796  O O   . PHE B 1 20 ? -14.842 -5.700  -7.750  1.00 35.23 ? 672 PHE B O   1 
ATOM   797  C CB  . PHE B 1 20 ? -13.913 -3.328  -9.826  1.00 31.49 ? 672 PHE B CB  1 
ATOM   798  C CG  . PHE B 1 20 ? -13.667 -2.724  -8.477  1.00 36.44 ? 672 PHE B CG  1 
ATOM   799  C CD1 . PHE B 1 20 ? -12.368 -2.483  -8.058  1.00 33.40 ? 672 PHE B CD1 1 
ATOM   800  C CD2 . PHE B 1 20 ? -14.761 -2.492  -7.554  1.00 35.96 ? 672 PHE B CD2 1 
ATOM   801  C CE1 . PHE B 1 20 ? -12.129 -1.903  -6.777  1.00 34.85 ? 672 PHE B CE1 1 
ATOM   802  C CE2 . PHE B 1 20 ? -14.519 -1.904  -6.259  1.00 35.46 ? 672 PHE B CE2 1 
ATOM   803  C CZ  . PHE B 1 20 ? -13.207 -1.639  -5.889  1.00 36.06 ? 672 PHE B CZ  1 
ATOM   804  N N   . ASN B 1 21 ? -16.246 -5.158  -9.438  1.00 35.39 ? 673 ASN B N   1 
ATOM   805  C CA  . ASN B 1 21 ? -17.391 -5.501  -8.608  1.00 35.99 ? 673 ASN B CA  1 
ATOM   806  C C   . ASN B 1 21 ? -17.483 -6.965  -8.231  1.00 35.61 ? 673 ASN B C   1 
ATOM   807  O O   . ASN B 1 21 ? -17.919 -7.222  -7.106  1.00 36.32 ? 673 ASN B O   1 
ATOM   808  C CB  . ASN B 1 21 ? -18.704 -4.960  -9.172  1.00 35.26 ? 673 ASN B CB  1 
ATOM   809  C CG  . ASN B 1 21 ? -18.755 -3.477  -9.117  1.00 34.10 ? 673 ASN B CG  1 
ATOM   810  O OD1 . ASN B 1 21 ? -17.988 -2.844  -8.345  1.00 36.90 ? 673 ASN B OD1 1 
ATOM   811  N ND2 . ASN B 1 21 ? -19.671 -2.872  -9.885  1.00 32.14 ? 673 ASN B ND2 1 
ATOM   812  N N   . GLU B 1 22 ? -17.130 -7.911  -9.125  1.00 35.91 ? 674 GLU B N   1 
ATOM   813  C CA  . GLU B 1 22 ? -17.060 -9.335  -8.726  1.00 38.27 ? 674 GLU B CA  1 
ATOM   814  C C   . GLU B 1 22 ? -15.997 -9.550  -7.620  1.00 37.79 ? 674 GLU B C   1 
ATOM   815  O O   . GLU B 1 22 ? -16.247 -10.236 -6.653  1.00 38.29 ? 674 GLU B O   1 
ATOM   816  C CB  . GLU B 1 22 ? -16.725 -10.245 -9.909  1.00 39.29 ? 674 GLU B CB  1 
ATOM   817  C CG  . GLU B 1 22 ? -17.774 -10.227 -11.090 1.00 44.34 ? 674 GLU B CG  1 
ATOM   818  C CD  . GLU B 1 22 ? -17.138 -10.711 -12.425 1.00 53.87 ? 674 GLU B CD  1 
ATOM   819  O OE1 . GLU B 1 22 ? -15.907 -11.106 -12.445 1.00 51.67 ? 674 GLU B OE1 1 
ATOM   820  O OE2 . GLU B 1 22 ? -17.863 -10.672 -13.461 1.00 56.59 ? 674 GLU B OE2 1 
ATOM   821  N N   . MET B 1 23 ? -14.839 -8.915  -7.752  1.00 37.96 ? 675 MET B N   1 
ATOM   822  C CA  . MET B 1 23 ? -13.788 -8.962  -6.722  1.00 37.90 ? 675 MET B CA  1 
ATOM   823  C C   . MET B 1 23 ? -14.251 -8.403  -5.417  1.00 36.92 ? 675 MET B C   1 
ATOM   824  O O   . MET B 1 23 ? -13.873 -8.940  -4.356  1.00 34.78 ? 675 MET B O   1 
ATOM   825  C CB  . MET B 1 23 ? -12.508 -8.235  -7.201  1.00 39.12 ? 675 MET B CB  1 
ATOM   826  C CG  . MET B 1 23 ? -11.879 -8.943  -8.382  1.00 45.46 ? 675 MET B CG  1 
ATOM   827  S SD  . MET B 1 23 ? -10.753 -7.905  -9.330  1.00 48.50 ? 675 MET B SD  1 
ATOM   828  C CE  . MET B 1 23 ? -9.650  -7.474  -8.089  1.00 30.70 ? 675 MET B CE  1 
ATOM   829  N N   . ALA B 1 24 ? -15.044 -7.330  -5.472  1.00 37.20 ? 676 ALA B N   1 
ATOM   830  C CA  . ALA B 1 24 ? -15.502 -6.619  -4.268  1.00 37.62 ? 676 ALA B CA  1 
ATOM   831  C C   . ALA B 1 24 ? -16.476 -7.500  -3.479  1.00 38.78 ? 676 ALA B C   1 
ATOM   832  O O   . ALA B 1 24 ? -16.381 -7.586  -2.268  1.00 38.21 ? 676 ALA B O   1 
ATOM   833  C CB  . ALA B 1 24 ? -16.182 -5.328  -4.611  1.00 38.42 ? 676 ALA B CB  1 
ATOM   834  N N   . ALA B 1 25 ? -17.395 -8.186  -4.170  1.00 40.83 ? 677 ALA B N   1 
ATOM   835  C CA  . ALA B 1 25 ? -18.313 -9.049  -3.478  1.00 41.47 ? 677 ALA B CA  1 
ATOM   836  C C   . ALA B 1 25 ? -17.522 -10.167 -2.780  1.00 41.46 ? 677 ALA B C   1 
ATOM   837  O O   . ALA B 1 25 ? -17.755 -10.458 -1.593  1.00 43.58 ? 677 ALA B O   1 
ATOM   838  C CB  . ALA B 1 25 ? -19.322 -9.579  -4.425  1.00 41.63 ? 677 ALA B CB  1 
ATOM   839  N N   . GLU B 1 26 ? -16.606 -10.799 -3.491  1.00 40.71 ? 678 GLU B N   1 
ATOM   840  C CA  . GLU B 1 26 ? -15.707 -11.775 -2.880  1.00 39.61 ? 678 GLU B CA  1 
ATOM   841  C C   . GLU B 1 26 ? -14.952 -11.216 -1.621  1.00 38.45 ? 678 GLU B C   1 
ATOM   842  O O   . GLU B 1 26 ? -14.855 -11.869 -0.543  1.00 38.31 ? 678 GLU B O   1 
ATOM   843  C CB  . GLU B 1 26 ? -14.686 -12.229 -3.919  1.00 40.06 ? 678 GLU B CB  1 
ATOM   844  C CG  . GLU B 1 26 ? -13.687 -13.147 -3.264  1.00 44.77 ? 678 GLU B CG  1 
ATOM   845  C CD  . GLU B 1 26 ? -12.403 -13.484 -4.030  1.00 52.22 ? 678 GLU B CD  1 
ATOM   846  O OE1 . GLU B 1 26 ? -11.761 -12.595 -4.671  1.00 55.47 ? 678 GLU B OE1 1 
ATOM   847  O OE2 . GLU B 1 26 ? -11.971 -14.663 -3.878  1.00 53.60 ? 678 GLU B OE2 1 
ATOM   848  N N   . PHE B 1 27 ? -14.387 -10.020 -1.771  1.00 37.03 ? 679 PHE B N   1 
ATOM   849  C CA  . PHE B 1 27 ? -13.613 -9.383  -0.722  1.00 34.92 ? 679 PHE B CA  1 
ATOM   850  C C   . PHE B 1 27 ? -14.529 -9.155  0.498   1.00 36.88 ? 679 PHE B C   1 
ATOM   851  O O   . PHE B 1 27 ? -14.165 -9.481  1.667   1.00 37.57 ? 679 PHE B O   1 
ATOM   852  C CB  . PHE B 1 27 ? -13.073 -8.052  -1.256  1.00 34.15 ? 679 PHE B CB  1 
ATOM   853  C CG  . PHE B 1 27 ? -12.384 -7.210  -0.214  1.00 33.71 ? 679 PHE B CG  1 
ATOM   854  C CD1 . PHE B 1 27 ? -11.025 -7.346  0.020   1.00 35.64 ? 679 PHE B CD1 1 
ATOM   855  C CD2 . PHE B 1 27 ? -13.088 -6.211  0.463   1.00 35.92 ? 679 PHE B CD2 1 
ATOM   856  C CE1 . PHE B 1 27 ? -10.390 -6.509  1.018   1.00 32.29 ? 679 PHE B CE1 1 
ATOM   857  C CE2 . PHE B 1 27 ? -12.459 -5.396  1.395   1.00 30.88 ? 679 PHE B CE2 1 
ATOM   858  C CZ  . PHE B 1 27 ? -11.121 -5.576  1.678   1.00 32.83 ? 679 PHE B CZ  1 
ATOM   859  N N   . LEU B 1 28 ? -15.717 -8.615  0.262   1.00 36.22 ? 680 LEU B N   1 
ATOM   860  C CA  . LEU B 1 28 ? -16.590 -8.319  1.355   1.00 37.87 ? 680 LEU B CA  1 
ATOM   861  C C   . LEU B 1 28 ? -17.057 -9.582  2.102   1.00 37.35 ? 680 LEU B C   1 
ATOM   862  O O   . LEU B 1 28 ? -17.314 -9.543  3.303   1.00 38.53 ? 680 LEU B O   1 
ATOM   863  C CB  . LEU B 1 28 ? -17.802 -7.450  0.915   1.00 38.05 ? 680 LEU B CB  1 
ATOM   864  C CG  . LEU B 1 28 ? -17.489 -6.049  0.496   1.00 37.43 ? 680 LEU B CG  1 
ATOM   865  C CD1 . LEU B 1 28 ? -18.688 -5.418  -0.364  1.00 38.03 ? 680 LEU B CD1 1 
ATOM   866  C CD2 . LEU B 1 28 ? -17.079 -5.082  1.628   1.00 33.68 ? 680 LEU B CD2 1 
ATOM   867  N N   . SER B 1 29 ? -17.147 -10.717 1.458   1.00 38.61 ? 681 SER B N   1 
ATOM   868  C CA  . SER B 1 29 ? -17.430 -11.965 2.227   1.00 39.88 ? 681 SER B CA  1 
ATOM   869  C C   . SER B 1 29 ? -16.319 -12.307 3.292   1.00 39.73 ? 681 SER B C   1 
ATOM   870  O O   . SER B 1 29 ? -16.597 -13.000 4.282   1.00 38.61 ? 681 SER B O   1 
ATOM   871  C CB  . SER B 1 29 ? -17.668 -13.172 1.270   1.00 40.35 ? 681 SER B CB  1 
ATOM   872  O OG  . SER B 1 29 ? -16.456 -13.563 0.621   1.00 43.81 ? 681 SER B OG  1 
ATOM   873  N N   . TYR B 1 30 ? -15.083 -11.809 3.083   1.00 37.59 ? 682 TYR B N   1 
ATOM   874  C CA  . TYR B 1 30 ? -13.973 -11.999 4.017   1.00 36.81 ? 682 TYR B CA  1 
ATOM   875  C C   . TYR B 1 30 ? -13.834 -10.842 5.012   1.00 38.27 ? 682 TYR B C   1 
ATOM   876  O O   . TYR B 1 30 ? -13.521 -11.076 6.194   1.00 38.27 ? 682 TYR B O   1 
ATOM   877  C CB  . TYR B 1 30 ? -12.620 -12.213 3.260   1.00 37.39 ? 682 TYR B CB  1 
ATOM   878  C CG  . TYR B 1 30 ? -12.561 -13.565 2.577   1.00 39.29 ? 682 TYR B CG  1 
ATOM   879  C CD1 . TYR B 1 30 ? -12.349 -14.727 3.308   1.00 38.74 ? 682 TYR B CD1 1 
ATOM   880  C CD2 . TYR B 1 30 ? -12.750 -13.684 1.195   1.00 38.64 ? 682 TYR B CD2 1 
ATOM   881  C CE1 . TYR B 1 30 ? -12.330 -16.008 2.684   1.00 37.41 ? 682 TYR B CE1 1 
ATOM   882  C CE2 . TYR B 1 30 ? -12.766 -14.902 0.577   1.00 37.20 ? 682 TYR B CE2 1 
ATOM   883  C CZ  . TYR B 1 30 ? -12.553 -16.072 1.327   1.00 44.15 ? 682 TYR B CZ  1 
ATOM   884  O OH  . TYR B 1 30 ? -12.522 -17.275 0.671   1.00 42.40 ? 682 TYR B OH  1 
ATOM   885  N N   . PHE B 1 31 ? -14.023 -9.605  4.519   1.00 36.06 ? 683 PHE B N   1 
ATOM   886  C CA  . PHE B 1 31 ? -13.738 -8.374  5.227   1.00 37.76 ? 683 PHE B CA  1 
ATOM   887  C C   . PHE B 1 31 ? -14.943 -7.468  5.034   1.00 37.71 ? 683 PHE B C   1 
ATOM   888  O O   . PHE B 1 31 ? -14.923 -6.474  4.266   1.00 38.05 ? 683 PHE B O   1 
ATOM   889  C CB  . PHE B 1 31 ? -12.416 -7.732  4.743   1.00 37.98 ? 683 PHE B CB  1 
ATOM   890  C CG  . PHE B 1 31 ? -11.268 -8.743  4.627   1.00 40.79 ? 683 PHE B CG  1 
ATOM   891  C CD1 . PHE B 1 31 ? -10.627 -9.261  5.787   1.00 39.55 ? 683 PHE B CD1 1 
ATOM   892  C CD2 . PHE B 1 31 ? -10.849 -9.190  3.382   1.00 39.67 ? 683 PHE B CD2 1 
ATOM   893  C CE1 . PHE B 1 31 ? -9.604  -10.227 5.677   1.00 36.92 ? 683 PHE B CE1 1 
ATOM   894  C CE2 . PHE B 1 31 ? -9.796  -10.117 3.260   1.00 37.39 ? 683 PHE B CE2 1 
ATOM   895  C CZ  . PHE B 1 31 ? -9.191  -10.651 4.430   1.00 38.25 ? 683 PHE B CZ  1 
ATOM   896  N N   . PRO B 1 32 ? -16.055 -7.829  5.731   1.00 39.42 ? 684 PRO B N   1 
ATOM   897  C CA  . PRO B 1 32 ? -17.341 -7.132  5.480   1.00 40.12 ? 684 PRO B CA  1 
ATOM   898  C C   . PRO B 1 32 ? -17.309 -5.635  5.865   1.00 40.06 ? 684 PRO B C   1 
ATOM   899  O O   . PRO B 1 32 ? -18.099 -4.858  5.313   1.00 41.56 ? 684 PRO B O   1 
ATOM   900  C CB  . PRO B 1 32 ? -18.364 -7.907  6.352   1.00 40.56 ? 684 PRO B CB  1 
ATOM   901  C CG  . PRO B 1 32 ? -17.551 -8.600  7.395   1.00 38.63 ? 684 PRO B CG  1 
ATOM   902  C CD  . PRO B 1 32 ? -16.179 -8.906  6.737   1.00 38.10 ? 684 PRO B CD  1 
ATOM   903  N N   . THR B 1 33 ? -16.391 -5.256  6.753   1.00 40.10 ? 685 THR B N   1 
ATOM   904  C CA  . THR B 1 33 ? -16.239 -3.877  7.206   1.00 41.06 ? 685 THR B CA  1 
ATOM   905  C C   . THR B 1 33 ? -14.773 -3.491  7.408   1.00 40.46 ? 685 THR B C   1 
ATOM   906  O O   . THR B 1 33 ? -13.910 -4.330  7.538   1.00 38.66 ? 685 THR B O   1 
ATOM   907  C CB  . THR B 1 33 ? -16.902 -3.694  8.616   1.00 41.76 ? 685 THR B CB  1 
ATOM   908  O OG1 . THR B 1 33 ? -16.143 -4.385  9.635   1.00 41.61 ? 685 THR B OG1 1 
ATOM   909  C CG2 . THR B 1 33 ? -18.367 -4.258  8.603   1.00 44.24 ? 685 THR B CG2 1 
ATOM   910  N N   . VAL B 1 34 ? -14.508 -2.198  7.491   1.00 41.22 ? 686 VAL B N   1 
ATOM   911  C CA  . VAL B 1 34 ? -13.164 -1.684  7.826   1.00 42.73 ? 686 VAL B CA  1 
ATOM   912  C C   . VAL B 1 34 ? -12.748 -2.146  9.200   1.00 44.73 ? 686 VAL B C   1 
ATOM   913  O O   . VAL B 1 34 ? -11.595 -2.561  9.395   1.00 44.31 ? 686 VAL B O   1 
ATOM   914  C CB  . VAL B 1 34 ? -13.079 -0.156  7.636   1.00 44.27 ? 686 VAL B CB  1 
ATOM   915  C CG1 . VAL B 1 34 ? -11.647 0.426   8.002   1.00 42.58 ? 686 VAL B CG1 1 
ATOM   916  C CG2 . VAL B 1 34 ? -13.499 0.196   6.149   1.00 43.94 ? 686 VAL B CG2 1 
ATOM   917  N N   . LYS B 1 35 ? -13.705 -2.172  10.140  1.00 46.48 ? 687 LYS B N   1 
ATOM   918  C CA  . LYS B 1 35 ? -13.435 -2.645  11.482  1.00 48.23 ? 687 LYS B CA  1 
ATOM   919  C C   . LYS B 1 35 ? -12.975 -4.073  11.400  1.00 48.96 ? 687 LYS B C   1 
ATOM   920  O O   . LYS B 1 35 ? -12.058 -4.465  12.135  1.00 49.80 ? 687 LYS B O   1 
ATOM   921  C CB  . LYS B 1 35 ? -14.705 -2.536  12.411  1.00 48.99 ? 687 LYS B CB  1 
ATOM   922  C CG  . LYS B 1 35 ? -15.382 -1.137  12.343  1.00 53.05 ? 687 LYS B CG  1 
ATOM   923  C CD  . LYS B 1 35 ? -16.540 -0.978  13.411  1.00 55.30 ? 687 LYS B CD  1 
ATOM   924  C CE  . LYS B 1 35 ? -16.046 -0.974  14.854  1.00 55.76 ? 687 LYS B CE  1 
ATOM   925  N NZ  . LYS B 1 35 ? -17.217 -0.971  15.864  1.00 58.51 ? 687 LYS B NZ  1 
ATOM   926  N N   . SER B 1 36 ? -13.587 -4.877  10.525  1.00 47.86 ? 688 SER B N   1 
ATOM   927  C CA  . SER B 1 36 ? -13.166 -6.288  10.517  1.00 46.86 ? 688 SER B CA  1 
ATOM   928  C C   . SER B 1 36 ? -11.738 -6.430  10.072  1.00 47.48 ? 688 SER B C   1 
ATOM   929  O O   . SER B 1 36 ? -11.079 -7.380  10.424  1.00 48.28 ? 688 SER B O   1 
ATOM   930  C CB  . SER B 1 36 ? -14.089 -7.193  9.697   1.00 47.17 ? 688 SER B CB  1 
ATOM   931  O OG  . SER B 1 36 ? -13.997 -6.872  8.332   1.00 45.87 ? 688 SER B OG  1 
ATOM   932  N N   . VAL B 1 37 ? -11.205 -5.461  9.353   1.00 47.45 ? 689 VAL B N   1 
ATOM   933  C CA  . VAL B 1 37 ? -9.825  -5.568  8.955   1.00 48.02 ? 689 VAL B CA  1 
ATOM   934  C C   . VAL B 1 37 ? -8.954  -5.078  10.078  1.00 49.89 ? 689 VAL B C   1 
ATOM   935  O O   . VAL B 1 37 ? -7.885  -5.631  10.317  1.00 52.17 ? 689 VAL B O   1 
ATOM   936  C CB  . VAL B 1 37 ? -9.488  -4.781  7.681   1.00 46.48 ? 689 VAL B CB  1 
ATOM   937  C CG1 . VAL B 1 37 ? -8.052  -4.799  7.532   1.00 46.55 ? 689 VAL B CG1 1 
ATOM   938  C CG2 . VAL B 1 37 ? -10.089 -5.459  6.468   1.00 45.17 ? 689 VAL B CG2 1 
ATOM   939  N N   . GLY B 1 38 ? -9.422  -4.068  10.799  1.00 51.64 ? 690 GLY B N   1 
ATOM   940  C CA  . GLY B 1 38 ? -8.743  -3.640  12.030  1.00 54.39 ? 690 GLY B CA  1 
ATOM   941  C C   . GLY B 1 38 ? -8.629  -4.779  13.041  1.00 55.09 ? 690 GLY B C   1 
ATOM   942  O O   . GLY B 1 38 ? -7.625  -4.895  13.732  1.00 56.32 ? 690 GLY B O   1 
ATOM   943  N N   . ASN B 1 39 ? -9.663  -5.621  13.111  1.00 56.77 ? 691 ASN B N   1 
ATOM   944  C CA  . ASN B 1 39 ? -9.764  -6.664  14.112  1.00 57.03 ? 691 ASN B CA  1 
ATOM   945  C C   . ASN B 1 39 ? -9.036  -7.933  13.744  1.00 57.70 ? 691 ASN B C   1 
ATOM   946  O O   . ASN B 1 39 ? -9.256  -8.969  14.399  1.00 58.67 ? 691 ASN B O   1 
ATOM   947  C CB  . ASN B 1 39 ? -11.229 -7.060  14.321  1.00 58.30 ? 691 ASN B CB  1 
ATOM   948  C CG  . ASN B 1 39 ? -12.014 -6.037  15.148  1.00 61.08 ? 691 ASN B CG  1 
ATOM   949  O OD1 . ASN B 1 39 ? -11.429 -5.290  15.963  1.00 63.04 ? 691 ASN B OD1 1 
ATOM   950  N ND2 . ASN B 1 39 ? -13.342 -6.025  14.974  1.00 59.39 ? 691 ASN B ND2 1 
ATOM   951  N N   . LEU B 1 40 ? -8.196  -7.895  12.699  1.00 57.40 ? 692 LEU B N   1 
ATOM   952  C CA  . LEU B 1 40 ? -7.626  -9.155  12.151  1.00 55.79 ? 692 LEU B CA  1 
ATOM   953  C C   . LEU B 1 40 ? -6.649  -9.861  13.081  1.00 54.90 ? 692 LEU B C   1 
ATOM   954  O O   . LEU B 1 40 ? -5.637  -9.314  13.470  1.00 55.86 ? 692 LEU B O   1 
ATOM   955  C CB  . LEU B 1 40 ? -6.989  -8.984  10.769  1.00 54.33 ? 692 LEU B CB  1 
ATOM   956  C CG  . LEU B 1 40 ? -7.992  -8.712  9.658   1.00 50.83 ? 692 LEU B CG  1 
ATOM   957  C CD1 . LEU B 1 40 ? -7.258  -8.750  8.355   1.00 44.73 ? 692 LEU B CD1 1 
ATOM   958  C CD2 . LEU B 1 40 ? -9.182  -9.715  9.689   1.00 49.61 ? 692 LEU B CD2 1 
ATOM   959  N N   . GLU B 1 41 ? -6.968  -11.101 13.376  1.00 53.24 ? 693 GLU B N   1 
ATOM   960  C CA  . GLU B 1 41 ? -6.172  -11.942 14.251  1.00 53.07 ? 693 GLU B CA  1 
ATOM   961  C C   . GLU B 1 41 ? -4.950  -12.593 13.574  1.00 50.65 ? 693 GLU B C   1 
ATOM   962  O O   . GLU B 1 41 ? -3.768  -12.362 13.949  1.00 49.55 ? 693 GLU B O   1 
ATOM   963  C CB  . GLU B 1 41 ? -7.093  -13.080 14.685  1.00 55.46 ? 693 GLU B CB  1 
ATOM   964  C CG  . GLU B 1 41 ? -8.322  -12.609 15.504  1.00 60.77 ? 693 GLU B CG  1 
ATOM   965  C CD  . GLU B 1 41 ? -7.987  -12.542 16.975  1.00 65.55 ? 693 GLU B CD  1 
ATOM   966  O OE1 . GLU B 1 41 ? -7.143  -13.371 17.372  1.00 68.49 ? 693 GLU B OE1 1 
ATOM   967  O OE2 . GLU B 1 41 ? -8.553  -11.687 17.714  1.00 66.26 ? 693 GLU B OE2 1 
ATOM   968  N N   . SER B 1 42 ? -5.245  -13.418 12.571  1.00 45.39 ? 694 SER B N   1 
ATOM   969  C CA  . SER B 1 42 ? -4.266  -14.326 12.116  1.00 41.46 ? 694 SER B CA  1 
ATOM   970  C C   . SER B 1 42 ? -3.441  -13.735 10.982  1.00 40.36 ? 694 SER B C   1 
ATOM   971  O O   . SER B 1 42 ? -3.900  -12.885 10.221  1.00 39.20 ? 694 SER B O   1 
ATOM   972  C CB  . SER B 1 42 ? -4.984  -15.581 11.649  1.00 41.44 ? 694 SER B CB  1 
ATOM   973  O OG  . SER B 1 42 ? -5.603  -15.408 10.370  1.00 38.82 ? 694 SER B OG  1 
ATOM   974  N N   . GLU B 1 43 ? -2.239  -14.267 10.826  1.00 39.66 ? 695 GLU B N   1 
ATOM   975  C CA  . GLU B 1 43 ? -1.376  -13.994 9.690   1.00 39.39 ? 695 GLU B CA  1 
ATOM   976  C C   . GLU B 1 43 ? -2.025  -14.385 8.357   1.00 38.51 ? 695 GLU B C   1 
ATOM   977  O O   . GLU B 1 43 ? -1.936  -13.660 7.355   1.00 36.12 ? 695 GLU B O   1 
ATOM   978  C CB  . GLU B 1 43 ? -0.055  -14.779 9.858   1.00 39.78 ? 695 GLU B CB  1 
ATOM   979  C CG  . GLU B 1 43 ? 0.781   -14.240 10.996  1.00 42.85 ? 695 GLU B CG  1 
ATOM   980  C CD  . GLU B 1 43 ? 1.258   -12.817 10.695  1.00 47.53 ? 695 GLU B CD  1 
ATOM   981  O OE1 . GLU B 1 43 ? 1.534   -12.519 9.493   1.00 44.75 ? 695 GLU B OE1 1 
ATOM   982  O OE2 . GLU B 1 43 ? 1.362   -12.017 11.660  1.00 46.32 ? 695 GLU B OE2 1 
ATOM   983  N N   . LEU B 1 44 ? -2.612  -15.565 8.335   1.00 38.96 ? 696 LEU B N   1 
ATOM   984  C CA  . LEU B 1 44 ? -3.345  -16.009 7.147   1.00 39.35 ? 696 LEU B CA  1 
ATOM   985  C C   . LEU B 1 44 ? -4.330  -14.888 6.680   1.00 39.74 ? 696 LEU B C   1 
ATOM   986  O O   . LEU B 1 44 ? -4.434  -14.569 5.465   1.00 39.01 ? 696 LEU B O   1 
ATOM   987  C CB  . LEU B 1 44 ? -4.152  -17.263 7.477   1.00 39.93 ? 696 LEU B CB  1 
ATOM   988  C CG  . LEU B 1 44 ? -4.977  -17.793 6.267   1.00 43.11 ? 696 LEU B CG  1 
ATOM   989  C CD1 . LEU B 1 44 ? -4.090  -18.707 5.450   1.00 47.05 ? 696 LEU B CD1 1 
ATOM   990  C CD2 . LEU B 1 44 ? -6.089  -18.585 6.776   1.00 46.05 ? 696 LEU B CD2 1 
ATOM   991  N N   . ASP B 1 45 ? -5.073  -14.324 7.627   1.00 37.15 ? 697 ASP B N   1 
ATOM   992  C CA  . ASP B 1 45 ? -6.117  -13.385 7.228   1.00 38.12 ? 697 ASP B CA  1 
ATOM   993  C C   . ASP B 1 45 ? -5.464  -12.107 6.736   1.00 39.30 ? 697 ASP B C   1 
ATOM   994  O O   . ASP B 1 45 ? -5.993  -11.431 5.842   1.00 41.29 ? 697 ASP B O   1 
ATOM   995  C CB  . ASP B 1 45 ? -6.983  -13.027 8.421   1.00 38.63 ? 697 ASP B CB  1 
ATOM   996  C CG  . ASP B 1 45 ? -8.021  -14.066 8.728   1.00 41.75 ? 697 ASP B CG  1 
ATOM   997  O OD1 . ASP B 1 45 ? -8.038  -15.119 8.110   1.00 46.66 ? 697 ASP B OD1 1 
ATOM   998  O OD2 . ASP B 1 45 ? -8.789  -13.866 9.679   1.00 49.57 ? 697 ASP B OD2 1 
ATOM   999  N N   . LYS B 1 46 ? -4.391  -11.699 7.407   1.00 38.04 ? 698 LYS B N   1 
ATOM   1000 C CA  . LYS B 1 46 ? -3.623  -10.532 6.984   1.00 38.62 ? 698 LYS B CA  1 
ATOM   1001 C C   . LYS B 1 46 ? -3.063  -10.679 5.570   1.00 37.99 ? 698 LYS B C   1 
ATOM   1002 O O   . LYS B 1 46 ? -3.181  -9.741  4.745   1.00 39.10 ? 698 LYS B O   1 
ATOM   1003 C CB  . LYS B 1 46 ? -2.497  -10.220 7.987   1.00 38.13 ? 698 LYS B CB  1 
ATOM   1004 C CG  . LYS B 1 46 ? -3.054  -9.914  9.359   1.00 39.40 ? 698 LYS B CG  1 
ATOM   1005 C CD  . LYS B 1 46 ? -1.927  -9.555  10.348  1.00 49.50 ? 698 LYS B CD  1 
ATOM   1006 C CE  . LYS B 1 46 ? -2.497  -9.356  11.743  1.00 51.55 ? 698 LYS B CE  1 
ATOM   1007 N NZ  . LYS B 1 46 ? -1.392  -9.166  12.745  1.00 58.03 ? 698 LYS B NZ  1 
ATOM   1008 N N   . ARG B 1 47 ? -2.444  -11.813 5.275   1.00 36.86 ? 699 ARG B N   1 
ATOM   1009 C CA  . ARG B 1 47 ? -1.944  -12.027 3.927   1.00 37.03 ? 699 ARG B CA  1 
ATOM   1010 C C   . ARG B 1 47 ? -3.124  -11.887 2.947   1.00 37.04 ? 699 ARG B C   1 
ATOM   1011 O O   . ARG B 1 47 ? -2.976  -11.233 1.919   1.00 36.59 ? 699 ARG B O   1 
ATOM   1012 C CB  . ARG B 1 47 ? -1.341  -13.417 3.763   1.00 37.65 ? 699 ARG B CB  1 
ATOM   1013 C CG  . ARG B 1 47 ? -0.030  -13.640 4.602   1.00 41.47 ? 699 ARG B CG  1 
ATOM   1014 C CD  . ARG B 1 47 ? 0.736   -14.905 4.068   1.00 41.42 ? 699 ARG B CD  1 
ATOM   1015 N NE  . ARG B 1 47 ? 0.028   -16.174 4.304   1.00 41.08 ? 699 ARG B NE  1 
ATOM   1016 C CZ  . ARG B 1 47 ? 0.185   -16.907 5.411   1.00 40.61 ? 699 ARG B CZ  1 
ATOM   1017 N NH1 . ARG B 1 47 ? 0.995   -16.459 6.365   1.00 39.19 ? 699 ARG B NH1 1 
ATOM   1018 N NH2 . ARG B 1 47 ? -0.452  -18.071 5.571   1.00 40.64 ? 699 ARG B NH2 1 
ATOM   1019 N N   . ARG B 1 48 ? -4.283  -12.477 3.279   1.00 36.02 ? 700 ARG B N   1 
ATOM   1020 C CA  . ARG B 1 48 ? -5.445  -12.443 2.362   1.00 37.23 ? 700 ARG B CA  1 
ATOM   1021 C C   . ARG B 1 48 ? -5.876  -10.977 2.113   1.00 37.29 ? 700 ARG B C   1 
ATOM   1022 O O   . ARG B 1 48 ? -6.173  -10.591 0.996   1.00 37.02 ? 700 ARG B O   1 
ATOM   1023 C CB  . ARG B 1 48 ? -6.641  -13.213 2.943   1.00 38.76 ? 700 ARG B CB  1 
ATOM   1024 C CG  . ARG B 1 48 ? -7.872  -13.344 1.973   1.00 38.20 ? 700 ARG B CG  1 
ATOM   1025 C CD  . ARG B 1 48 ? -8.931  -14.213 2.595   1.00 40.41 ? 700 ARG B CD  1 
ATOM   1026 N NE  . ARG B 1 48 ? -8.592  -15.670 2.591   1.00 41.51 ? 700 ARG B NE  1 
ATOM   1027 C CZ  . ARG B 1 48 ? -8.721  -16.469 3.664   1.00 44.19 ? 700 ARG B CZ  1 
ATOM   1028 N NH1 . ARG B 1 48 ? -9.182  -15.989 4.807   1.00 45.06 ? 700 ARG B NH1 1 
ATOM   1029 N NH2 . ARG B 1 48 ? -8.415  -17.747 3.577   1.00 46.61 ? 700 ARG B NH2 1 
ATOM   1030 N N   . PHE B 1 49 ? -5.948  -10.180 3.183   1.00 35.80 ? 701 PHE B N   1 
ATOM   1031 C CA  . PHE B 1 49 ? -6.406  -8.808  3.067   1.00 36.58 ? 701 PHE B CA  1 
ATOM   1032 C C   . PHE B 1 49 ? -5.444  -8.101  2.090   1.00 36.41 ? 701 PHE B C   1 
ATOM   1033 O O   . PHE B 1 49 ? -5.898  -7.465  1.161   1.00 36.82 ? 701 PHE B O   1 
ATOM   1034 C CB  . PHE B 1 49 ? -6.347  -8.101  4.420   1.00 35.13 ? 701 PHE B CB  1 
ATOM   1035 C CG  . PHE B 1 49 ? -6.550  -6.598  4.311   1.00 37.45 ? 701 PHE B CG  1 
ATOM   1036 C CD1 . PHE B 1 49 ? -7.726  -6.102  3.771   1.00 36.92 ? 701 PHE B CD1 1 
ATOM   1037 C CD2 . PHE B 1 49 ? -5.560  -5.696  4.730   1.00 36.06 ? 701 PHE B CD2 1 
ATOM   1038 C CE1 . PHE B 1 49 ? -7.934  -4.672  3.636   1.00 36.51 ? 701 PHE B CE1 1 
ATOM   1039 C CE2 . PHE B 1 49 ? -5.764  -4.320  4.607   1.00 36.21 ? 701 PHE B CE2 1 
ATOM   1040 C CZ  . PHE B 1 49 ? -6.935  -3.824  4.050   1.00 33.88 ? 701 PHE B CZ  1 
ATOM   1041 N N   . VAL B 1 50 ? -4.128  -8.293  2.273   1.00 36.60 ? 702 VAL B N   1 
ATOM   1042 C CA  . VAL B 1 50 ? -3.120  -7.635  1.407   1.00 37.35 ? 702 VAL B CA  1 
ATOM   1043 C C   . VAL B 1 50 ? -3.301  -8.017  -0.024  1.00 36.91 ? 702 VAL B C   1 
ATOM   1044 O O   . VAL B 1 50 ? -3.387  -7.156  -0.879  1.00 38.06 ? 702 VAL B O   1 
ATOM   1045 C CB  . VAL B 1 50 ? -1.668  -7.965  1.870   1.00 37.77 ? 702 VAL B CB  1 
ATOM   1046 C CG1 . VAL B 1 50 ? -0.615  -7.796  0.729   1.00 41.16 ? 702 VAL B CG1 1 
ATOM   1047 C CG2 . VAL B 1 50 ? -1.321  -7.103  3.126   1.00 41.03 ? 702 VAL B CG2 1 
ATOM   1048 N N   . ILE B 1 51 ? -3.478  -9.309  -0.287  1.00 36.08 ? 703 ILE B N   1 
ATOM   1049 C CA  . ILE B 1 51 ? -3.522  -9.789  -1.640  1.00 37.77 ? 703 ILE B CA  1 
ATOM   1050 C C   . ILE B 1 51 ? -4.812  -9.409  -2.356  1.00 38.48 ? 703 ILE B C   1 
ATOM   1051 O O   . ILE B 1 51 ? -4.785  -8.842  -3.473  1.00 38.47 ? 703 ILE B O   1 
ATOM   1052 C CB  . ILE B 1 51 ? -3.466  -11.324 -1.642  1.00 38.86 ? 703 ILE B CB  1 
ATOM   1053 C CG1 . ILE B 1 51 ? -2.083  -11.773 -1.156  1.00 42.70 ? 703 ILE B CG1 1 
ATOM   1054 C CG2 . ILE B 1 51 ? -3.760  -11.857 -3.019  1.00 40.01 ? 703 ILE B CG2 1 
ATOM   1055 C CD1 . ILE B 1 51 ? -1.951  -13.321 -1.125  1.00 48.86 ? 703 ILE B CD1 1 
ATOM   1056 N N   . LEU B 1 52 ? -5.945  -9.747  -1.735  1.00 36.93 ? 704 LEU B N   1 
ATOM   1057 C CA  . LEU B 1 52 ? -7.205  -9.314  -2.266  1.00 36.67 ? 704 LEU B CA  1 
ATOM   1058 C C   . LEU B 1 52 ? -7.315  -7.776  -2.437  1.00 36.73 ? 704 LEU B C   1 
ATOM   1059 O O   . LEU B 1 52 ? -7.801  -7.285  -3.485  1.00 36.68 ? 704 LEU B O   1 
ATOM   1060 C CB  . LEU B 1 52 ? -8.357  -9.847  -1.406  1.00 36.90 ? 704 LEU B CB  1 
ATOM   1061 C CG  . LEU B 1 52 ? -8.574  -11.382 -1.426  1.00 36.79 ? 704 LEU B CG  1 
ATOM   1062 C CD1 . LEU B 1 52 ? -9.886  -11.664 -0.696  1.00 35.97 ? 704 LEU B CD1 1 
ATOM   1063 C CD2 . LEU B 1 52 ? -8.540  -11.963 -2.849  1.00 33.81 ? 704 LEU B CD2 1 
ATOM   1064 N N   . PHE B 1 53 ? -6.891  -7.018  -1.434  1.00 36.79 ? 705 PHE B N   1 
ATOM   1065 C CA  . PHE B 1 53 ? -7.119  -5.566  -1.516  1.00 35.48 ? 705 PHE B CA  1 
ATOM   1066 C C   . PHE B 1 53 ? -6.176  -4.952  -2.591  1.00 36.83 ? 705 PHE B C   1 
ATOM   1067 O O   . PHE B 1 53 ? -6.596  -4.000  -3.316  1.00 35.33 ? 705 PHE B O   1 
ATOM   1068 C CB  . PHE B 1 53 ? -6.925  -4.838  -0.175  1.00 36.06 ? 705 PHE B CB  1 
ATOM   1069 C CG  . PHE B 1 53 ? -7.367  -3.400  -0.227  1.00 34.59 ? 705 PHE B CG  1 
ATOM   1070 C CD1 . PHE B 1 53 ? -8.709  -3.086  -0.094  1.00 33.25 ? 705 PHE B CD1 1 
ATOM   1071 C CD2 . PHE B 1 53 ? -6.459  -2.400  -0.573  1.00 32.76 ? 705 PHE B CD2 1 
ATOM   1072 C CE1 . PHE B 1 53 ? -9.169  -1.760  -0.252  1.00 34.61 ? 705 PHE B CE1 1 
ATOM   1073 C CE2 . PHE B 1 53 ? -6.878  -1.055  -0.703  1.00 36.24 ? 705 PHE B CE2 1 
ATOM   1074 C CZ  . PHE B 1 53 ? -8.215  -0.732  -0.539  1.00 35.32 ? 705 PHE B CZ  1 
ATOM   1075 N N   . ARG B 1 54 ? -4.932  -5.463  -2.664  1.00 34.98 ? 706 ARG B N   1 
ATOM   1076 C CA  . ARG B 1 54 ? -3.980  -4.956  -3.660  1.00 37.80 ? 706 ARG B CA  1 
ATOM   1077 C C   . ARG B 1 54 ? -4.542  -5.163  -5.093  1.00 37.00 ? 706 ARG B C   1 
ATOM   1078 O O   . ARG B 1 54 ? -4.520  -4.247  -5.871  1.00 35.38 ? 706 ARG B O   1 
ATOM   1079 C CB  . ARG B 1 54 ? -2.602  -5.587  -3.498  1.00 36.16 ? 706 ARG B CB  1 
ATOM   1080 C CG  . ARG B 1 54 ? -1.561  -4.977  -4.501  1.00 40.60 ? 706 ARG B CG  1 
ATOM   1081 C CD  . ARG B 1 54 ? -0.221  -5.549  -4.127  1.00 39.09 ? 706 ARG B CD  1 
ATOM   1082 N NE  . ARG B 1 54 ? 0.223   -4.822  -2.927  1.00 41.50 ? 706 ARG B NE  1 
ATOM   1083 C CZ  . ARG B 1 54 ? 1.151   -5.244  -2.083  1.00 46.96 ? 706 ARG B CZ  1 
ATOM   1084 N NH1 . ARG B 1 54 ? 1.770   -6.404  -2.318  1.00 48.13 ? 706 ARG B NH1 1 
ATOM   1085 N NH2 . ARG B 1 54 ? 1.483   -4.491  -1.014  1.00 41.38 ? 706 ARG B NH2 1 
ATOM   1086 N N   . ALA B 1 55 ? -5.046  -6.359  -5.417  1.00 37.02 ? 707 ALA B N   1 
ATOM   1087 C CA  . ALA B 1 55 ? -5.735  -6.619  -6.712  1.00 37.65 ? 707 ALA B CA  1 
ATOM   1088 C C   . ALA B 1 55 ? -6.915  -5.608  -7.047  1.00 38.55 ? 707 ALA B C   1 
ATOM   1089 O O   . ALA B 1 55 ? -7.069  -5.096  -8.206  1.00 37.43 ? 707 ALA B O   1 
ATOM   1090 C CB  . ALA B 1 55 ? -6.205  -8.076  -6.776  1.00 37.55 ? 707 ALA B CB  1 
ATOM   1091 N N   . MET B 1 56 ? -7.721  -5.280  -6.036  1.00 37.30 ? 708 MET B N   1 
ATOM   1092 C CA  . MET B 1 56 ? -8.766  -4.249  -6.203  1.00 36.71 ? 708 MET B CA  1 
ATOM   1093 C C   . MET B 1 56 ? -8.228  -2.887  -6.438  1.00 36.24 ? 708 MET B C   1 
ATOM   1094 O O   . MET B 1 56 ? -8.754  -2.164  -7.261  1.00 34.05 ? 708 MET B O   1 
ATOM   1095 C CB  . MET B 1 56 ? -9.712  -4.151  -4.939  1.00 35.78 ? 708 MET B CB  1 
ATOM   1096 C CG  . MET B 1 56 ? -10.769 -5.329  -4.906  1.00 36.03 ? 708 MET B CG  1 
ATOM   1097 S SD  . MET B 1 56 ? -12.120 -5.080  -3.694  1.00 30.33 ? 708 MET B SD  1 
ATOM   1098 C CE  . MET B 1 56 ? -11.189 -4.506  -2.367  1.00 37.12 ? 708 MET B CE  1 
ATOM   1099 N N   . LEU B 1 57 ? -7.196  -2.513  -5.675  1.00 35.49 ? 709 LEU B N   1 
ATOM   1100 C CA  . LEU B 1 57 ? -6.689  -1.160  -5.750  1.00 35.25 ? 709 LEU B CA  1 
ATOM   1101 C C   . LEU B 1 57 ? -6.056  -0.964  -7.120  1.00 34.68 ? 709 LEU B C   1 
ATOM   1102 O O   . LEU B 1 57 ? -6.229  0.086   -7.708  1.00 34.44 ? 709 LEU B O   1 
ATOM   1103 C CB  . LEU B 1 57 ? -5.655  -0.962  -4.616  1.00 35.23 ? 709 LEU B CB  1 
ATOM   1104 C CG  . LEU B 1 57 ? -4.741  0.267   -4.635  1.00 35.65 ? 709 LEU B CG  1 
ATOM   1105 C CD1 . LEU B 1 57 ? -5.624  1.505   -4.433  1.00 38.91 ? 709 LEU B CD1 1 
ATOM   1106 C CD2 . LEU B 1 57 ? -3.646  0.083   -3.484  1.00 31.59 ? 709 LEU B CD2 1 
ATOM   1107 N N   . ARG B 1 58 ? -5.386  -1.978  -7.658  1.00 32.30 ? 710 ARG B N   1 
ATOM   1108 C CA  . ARG B 1 58 ? -4.780  -1.830  -9.029  1.00 33.12 ? 710 ARG B CA  1 
ATOM   1109 C C   . ARG B 1 58 ? -5.927  -1.615  -10.051 1.00 35.51 ? 710 ARG B C   1 
ATOM   1110 O O   . ARG B 1 58 ? -5.809  -0.874  -11.041 1.00 33.85 ? 710 ARG B O   1 
ATOM   1111 C CB  . ARG B 1 58 ? -4.025  -3.098  -9.405  1.00 34.87 ? 710 ARG B CB  1 
ATOM   1112 C CG  . ARG B 1 58 ? -2.653  -3.225  -8.696  1.00 31.11 ? 710 ARG B CG  1 
ATOM   1113 C CD  . ARG B 1 58 ? -1.798  -4.459  -9.057  1.00 34.18 ? 710 ARG B CD  1 
ATOM   1114 N NE  . ARG B 1 58 ? -0.505  -4.352  -8.327  1.00 36.59 ? 710 ARG B NE  1 
ATOM   1115 C CZ  . ARG B 1 58 ? 0.640   -4.933  -8.702  1.00 40.48 ? 710 ARG B CZ  1 
ATOM   1116 N NH1 . ARG B 1 58 ? 0.696   -5.705  -9.787  1.00 42.35 ? 710 ARG B NH1 1 
ATOM   1117 N NH2 . ARG B 1 58 ? 1.722   -4.779  -7.967  1.00 38.51 ? 710 ARG B NH2 1 
ATOM   1118 N N   . LEU B 1 59 ? -7.077  -2.246  -9.802  1.00 37.17 ? 711 LEU B N   1 
ATOM   1119 C CA  . LEU B 1 59 ? -8.215  -2.059  -10.694 1.00 38.01 ? 711 LEU B CA  1 
ATOM   1120 C C   . LEU B 1 59 ? -8.818  -0.710  -10.519 1.00 39.23 ? 711 LEU B C   1 
ATOM   1121 O O   . LEU B 1 59 ? -9.102  -0.046  -11.519 1.00 38.65 ? 711 LEU B O   1 
ATOM   1122 C CB  . LEU B 1 59 ? -9.299  -3.095  -10.471 1.00 39.60 ? 711 LEU B CB  1 
ATOM   1123 C CG  . LEU B 1 59 ? -9.128  -4.380  -11.199 1.00 44.37 ? 711 LEU B CG  1 
ATOM   1124 C CD1 . LEU B 1 59 ? -10.363 -5.260  -10.864 1.00 49.30 ? 711 LEU B CD1 1 
ATOM   1125 C CD2 . LEU B 1 59 ? -9.081  -4.103  -12.731 1.00 47.84 ? 711 LEU B CD2 1 
ATOM   1126 N N   . ARG B 1 60 ? -8.952  -0.267  -9.247  1.00 38.17 ? 712 ARG B N   1 
ATOM   1127 C CA  . ARG B 1 60 ? -9.576  1.016   -9.012  1.00 39.22 ? 712 ARG B CA  1 
ATOM   1128 C C   . ARG B 1 60 ? -8.698  2.101   -9.653  1.00 38.56 ? 712 ARG B C   1 
ATOM   1129 O O   . ARG B 1 60 ? -9.189  3.110   -10.229 1.00 37.85 ? 712 ARG B O   1 
ATOM   1130 C CB  . ARG B 1 60 ? -9.798  1.247   -7.523  1.00 37.27 ? 712 ARG B CB  1 
ATOM   1131 C CG  . ARG B 1 60 ? -10.568 2.552   -7.214  1.00 41.98 ? 712 ARG B CG  1 
ATOM   1132 C CD  . ARG B 1 60 ? -11.563 2.338   -5.994  1.00 51.09 ? 712 ARG B CD  1 
ATOM   1133 N NE  . ARG B 1 60 ? -12.373 3.530   -5.635  1.00 54.42 ? 712 ARG B NE  1 
ATOM   1134 C CZ  . ARG B 1 60 ? -13.636 3.486   -5.162  1.00 56.67 ? 712 ARG B CZ  1 
ATOM   1135 N NH1 . ARG B 1 60 ? -14.283 2.321   -4.986  1.00 56.27 ? 712 ARG B NH1 1 
ATOM   1136 N NH2 . ARG B 1 60 ? -14.283 4.609   -4.907  1.00 53.84 ? 712 ARG B NH2 1 
ATOM   1137 N N   . ASN B 1 61 ? -7.383  1.910   -9.523  1.00 38.00 ? 713 ASN B N   1 
ATOM   1138 C CA  . ASN B 1 61 ? -6.444  2.893   -10.069 1.00 38.11 ? 713 ASN B CA  1 
ATOM   1139 C C   . ASN B 1 61 ? -6.544  2.887   -11.590 1.00 38.48 ? 713 ASN B C   1 
ATOM   1140 O O   . ASN B 1 61 ? -6.481  3.935   -12.221 1.00 39.10 ? 713 ASN B O   1 
ATOM   1141 C CB  . ASN B 1 61 ? -5.002  2.627   -9.585  1.00 37.40 ? 713 ASN B CB  1 
ATOM   1142 C CG  . ASN B 1 61 ? -4.762  3.132   -8.174  1.00 37.40 ? 713 ASN B CG  1 
ATOM   1143 O OD1 . ASN B 1 61 ? -5.346  4.128   -7.743  1.00 38.94 ? 713 ASN B OD1 1 
ATOM   1144 N ND2 . ASN B 1 61 ? -3.923  2.441   -7.440  1.00 38.37 ? 713 ASN B ND2 1 
ATOM   1145 N N   . GLU B 1 62 ? -6.762  1.727   -12.193 1.00 39.31 ? 714 GLU B N   1 
ATOM   1146 C CA  . GLU B 1 62 ? -6.944  1.680   -13.647 1.00 40.45 ? 714 GLU B CA  1 
ATOM   1147 C C   . GLU B 1 62 ? -8.224  2.418   -14.070 1.00 41.82 ? 714 GLU B C   1 
ATOM   1148 O O   . GLU B 1 62 ? -8.185  3.307   -14.954 1.00 42.25 ? 714 GLU B O   1 
ATOM   1149 C CB  . GLU B 1 62 ? -6.975  0.253   -14.154 1.00 42.42 ? 714 GLU B CB  1 
ATOM   1150 C CG  . GLU B 1 62 ? -6.769  0.101   -15.659 1.00 43.41 ? 714 GLU B CG  1 
ATOM   1151 C CD  . GLU B 1 62 ? -6.756  -1.364  -16.098 1.00 43.33 ? 714 GLU B CD  1 
ATOM   1152 O OE1 . GLU B 1 62 ? -6.541  -2.298  -15.268 1.00 44.48 ? 714 GLU B OE1 1 
ATOM   1153 O OE2 . GLU B 1 62 ? -6.954  -1.596  -17.306 1.00 47.96 ? 714 GLU B OE2 1 
ATOM   1154 N N   . VAL B 1 63 ? -9.361  2.073   -13.473 1.00 41.56 ? 715 VAL B N   1 
ATOM   1155 C CA  . VAL B 1 63 ? -10.607 2.736   -13.886 1.00 41.06 ? 715 VAL B CA  1 
ATOM   1156 C C   . VAL B 1 63 ? -10.669 4.221   -13.619 1.00 41.88 ? 715 VAL B C   1 
ATOM   1157 O O   . VAL B 1 63 ? -11.384 4.925   -14.296 1.00 39.54 ? 715 VAL B O   1 
ATOM   1158 C CB  . VAL B 1 63 ? -11.888 2.076   -13.336 1.00 41.33 ? 715 VAL B CB  1 
ATOM   1159 C CG1 . VAL B 1 63 ? -11.917 0.724   -13.765 1.00 41.15 ? 715 VAL B CG1 1 
ATOM   1160 C CG2 . VAL B 1 63 ? -11.989 2.177   -11.898 1.00 37.54 ? 715 VAL B CG2 1 
ATOM   1161 N N   . LYS B 1 64 ? -9.980  4.684   -12.587 1.00 42.68 ? 716 LYS B N   1 
ATOM   1162 C CA  . LYS B 1 64 ? -9.974  6.077   -12.256 1.00 44.20 ? 716 LYS B CA  1 
ATOM   1163 C C   . LYS B 1 64 ? -9.286  6.927   -13.334 1.00 46.50 ? 716 LYS B C   1 
ATOM   1164 O O   . LYS B 1 64 ? -9.475  8.141   -13.366 1.00 48.81 ? 716 LYS B O   1 
ATOM   1165 C CB  . LYS B 1 64 ? -9.308  6.323   -10.879 1.00 43.49 ? 716 LYS B CB  1 
ATOM   1166 N N   . GLY B 1 65 ? -8.496  6.336   -14.200 1.00 48.03 ? 717 GLY B N   1 
ATOM   1167 C CA  . GLY B 1 65 ? -7.954  7.106   -15.311 1.00 50.66 ? 717 GLY B CA  1 
ATOM   1168 C C   . GLY B 1 65 ? -8.899  7.274   -16.507 1.00 52.68 ? 717 GLY B C   1 
ATOM   1169 O O   . GLY B 1 65 ? -8.452  7.676   -17.592 1.00 54.05 ? 717 GLY B O   1 
ATOM   1170 N N   . TYR B 1 66 ? -10.183 6.914   -16.348 1.00 52.29 ? 718 TYR B N   1 
ATOM   1171 C CA  . TYR B 1 66 ? -11.133 6.899   -17.484 1.00 51.27 ? 718 TYR B CA  1 
ATOM   1172 C C   . TYR B 1 66 ? -11.978 8.111   -17.284 1.00 51.97 ? 718 TYR B C   1 
ATOM   1173 O O   . TYR B 1 66 ? -12.365 8.432   -16.157 1.00 51.18 ? 718 TYR B O   1 
ATOM   1174 C CB  . TYR B 1 66 ? -12.012 5.615   -17.520 1.00 50.48 ? 718 TYR B CB  1 
ATOM   1175 C CG  . TYR B 1 66 ? -11.401 4.455   -18.246 1.00 46.72 ? 718 TYR B CG  1 
ATOM   1176 C CD1 . TYR B 1 66 ? -11.781 4.109   -19.545 1.00 46.83 ? 718 TYR B CD1 1 
ATOM   1177 C CD2 . TYR B 1 66 ? -10.436 3.687   -17.638 1.00 44.93 ? 718 TYR B CD2 1 
ATOM   1178 C CE1 . TYR B 1 66 ? -11.173 3.010   -20.220 1.00 43.07 ? 718 TYR B CE1 1 
ATOM   1179 C CE2 . TYR B 1 66 ? -9.874  2.613   -18.241 1.00 42.41 ? 718 TYR B CE2 1 
ATOM   1180 C CZ  . TYR B 1 66 ? -10.206 2.265   -19.547 1.00 44.78 ? 718 TYR B CZ  1 
ATOM   1181 O OH  . TYR B 1 66 ? -9.546  1.126   -20.075 1.00 43.09 ? 718 TYR B OH  1 
ATOM   1182 N N   . ASN B 1 67 ? -12.220 8.860   -18.357 1.00 53.51 ? 719 ASN B N   1 
ATOM   1183 C CA  . ASN B 1 67 ? -12.989 10.062  -18.209 1.00 54.45 ? 719 ASN B CA  1 
ATOM   1184 C C   . ASN B 1 67 ? -14.371 9.765   -17.693 1.00 53.76 ? 719 ASN B C   1 
ATOM   1185 O O   . ASN B 1 67 ? -14.969 10.565  -17.000 1.00 54.41 ? 719 ASN B O   1 
ATOM   1186 C CB  . ASN B 1 67 ? -13.060 10.783  -19.545 1.00 56.16 ? 719 ASN B CB  1 
ATOM   1187 C CG  . ASN B 1 67 ? -11.687 11.241  -20.004 1.00 60.65 ? 719 ASN B CG  1 
ATOM   1188 O OD1 . ASN B 1 67 ? -11.289 12.373  -19.712 1.00 63.83 ? 719 ASN B OD1 1 
ATOM   1189 N ND2 . ASN B 1 67 ? -10.913 10.334  -20.659 1.00 62.87 ? 719 ASN B ND2 1 
ATOM   1190 N N   . GLU B 1 68 ? -14.886 8.595   -18.007 1.00 53.46 ? 720 GLU B N   1 
ATOM   1191 C CA  . GLU B 1 68 ? -16.248 8.292   -17.590 1.00 53.78 ? 720 GLU B CA  1 
ATOM   1192 C C   . GLU B 1 68 ? -16.332 7.820   -16.116 1.00 52.72 ? 720 GLU B C   1 
ATOM   1193 O O   . GLU B 1 68 ? -17.414 7.521   -15.635 1.00 51.45 ? 720 GLU B O   1 
ATOM   1194 C CB  . GLU B 1 68 ? -16.758 7.226   -18.511 1.00 53.58 ? 720 GLU B CB  1 
ATOM   1195 C CG  . GLU B 1 68 ? -15.579 6.557   -19.135 1.00 58.73 ? 720 GLU B CG  1 
ATOM   1196 C CD  . GLU B 1 68 ? -15.992 5.427   -19.995 1.00 59.40 ? 720 GLU B CD  1 
ATOM   1197 O OE1 . GLU B 1 68 ? -17.152 5.012   -19.866 1.00 61.39 ? 720 GLU B OE1 1 
ATOM   1198 O OE2 . GLU B 1 68 ? -15.170 4.956   -20.796 1.00 62.87 ? 720 GLU B OE2 1 
ATOM   1199 N N   . PHE B 1 69 ? -15.203 7.776   -15.404 1.00 51.12 ? 721 PHE B N   1 
ATOM   1200 C CA  . PHE B 1 69 ? -15.190 7.192   -14.053 1.00 50.21 ? 721 PHE B CA  1 
ATOM   1201 C C   . PHE B 1 69 ? -16.254 7.811   -13.164 1.00 49.70 ? 721 PHE B C   1 
ATOM   1202 O O   . PHE B 1 69 ? -16.317 9.026   -13.024 1.00 49.28 ? 721 PHE B O   1 
ATOM   1203 C CB  . PHE B 1 69 ? -13.806 7.289   -13.368 1.00 49.04 ? 721 PHE B CB  1 
ATOM   1204 C CG  . PHE B 1 69 ? -13.846 6.868   -11.936 1.00 49.74 ? 721 PHE B CG  1 
ATOM   1205 C CD1 . PHE B 1 69 ? -13.956 5.530   -11.614 1.00 48.67 ? 721 PHE B CD1 1 
ATOM   1206 C CD2 . PHE B 1 69 ? -13.873 7.806   -10.905 1.00 47.24 ? 721 PHE B CD2 1 
ATOM   1207 C CE1 . PHE B 1 69 ? -14.039 5.126   -10.292 1.00 49.53 ? 721 PHE B CE1 1 
ATOM   1208 C CE2 . PHE B 1 69 ? -13.954 7.399   -9.581  1.00 46.03 ? 721 PHE B CE2 1 
ATOM   1209 C CZ  . PHE B 1 69 ? -14.017 6.061   -9.276  1.00 48.77 ? 721 PHE B CZ  1 
ATOM   1210 N N   . ASP B 1 70 ? -17.064 6.964   -12.526 1.00 49.88 ? 722 ASP B N   1 
ATOM   1211 C CA  . ASP B 1 70 ? -18.068 7.367   -11.548 1.00 49.22 ? 722 ASP B CA  1 
ATOM   1212 C C   . ASP B 1 70 ? -17.996 6.420   -10.306 1.00 48.68 ? 722 ASP B C   1 
ATOM   1213 O O   . ASP B 1 70 ? -18.183 5.224   -10.442 1.00 48.50 ? 722 ASP B O   1 
ATOM   1214 C CB  . ASP B 1 70 ? -19.457 7.256   -12.204 1.00 49.95 ? 722 ASP B CB  1 
ATOM   1215 C CG  . ASP B 1 70 ? -20.533 8.019   -11.424 1.00 54.32 ? 722 ASP B CG  1 
ATOM   1216 O OD1 . ASP B 1 70 ? -20.421 8.166   -10.180 1.00 57.42 ? 722 ASP B OD1 1 
ATOM   1217 O OD2 . ASP B 1 70 ? -21.515 8.486   -12.063 1.00 60.38 ? 722 ASP B OD2 1 
ATOM   1218 N N   . ALA B 1 71 ? -17.738 6.937   -9.101  1.00 48.41 ? 723 ALA B N   1 
ATOM   1219 C CA  . ALA B 1 71 ? -17.653 6.046   -7.904  1.00 48.41 ? 723 ALA B CA  1 
ATOM   1220 C C   . ALA B 1 71 ? -18.906 5.190   -7.651  1.00 47.56 ? 723 ALA B C   1 
ATOM   1221 O O   . ALA B 1 71 ? -18.858 4.128   -6.987  1.00 46.47 ? 723 ALA B O   1 
ATOM   1222 C CB  . ALA B 1 71 ? -17.287 6.842   -6.651  1.00 48.89 ? 723 ALA B CB  1 
ATOM   1223 N N   . GLU B 1 72 ? -20.029 5.656   -8.173  1.00 47.19 ? 724 GLU B N   1 
ATOM   1224 C CA  . GLU B 1 72 ? -21.281 4.965   -7.977  1.00 46.38 ? 724 GLU B CA  1 
ATOM   1225 C C   . GLU B 1 72 ? -21.289 3.726   -8.785  1.00 43.96 ? 724 GLU B C   1 
ATOM   1226 O O   . GLU B 1 72 ? -22.122 2.855   -8.537  1.00 42.66 ? 724 GLU B O   1 
ATOM   1227 C CB  . GLU B 1 72 ? -22.485 5.827   -8.402  1.00 48.56 ? 724 GLU B CB  1 
ATOM   1228 C CG  . GLU B 1 72 ? -22.752 7.004   -7.480  1.00 54.51 ? 724 GLU B CG  1 
ATOM   1229 C CD  . GLU B 1 72 ? -23.122 6.540   -6.074  1.00 66.70 ? 724 GLU B CD  1 
ATOM   1230 O OE1 . GLU B 1 72 ? -24.062 5.666   -5.928  1.00 68.73 ? 724 GLU B OE1 1 
ATOM   1231 O OE2 . GLU B 1 72 ? -22.454 7.041   -5.116  1.00 71.15 ? 724 GLU B OE2 1 
ATOM   1232 N N   . ASP B 1 73 ? -20.412 3.636   -9.799  1.00 42.74 ? 725 ASP B N   1 
ATOM   1233 C CA  . ASP B 1 73 ? -20.345 2.370   -10.558 1.00 41.32 ? 725 ASP B CA  1 
ATOM   1234 C C   . ASP B 1 73 ? -19.715 1.226   -9.759  1.00 39.25 ? 725 ASP B C   1 
ATOM   1235 O O   . ASP B 1 73 ? -19.711 0.043   -10.217 1.00 37.45 ? 725 ASP B O   1 
ATOM   1236 C CB  . ASP B 1 73 ? -19.611 2.583   -11.901 1.00 41.39 ? 725 ASP B CB  1 
ATOM   1237 C CG  . ASP B 1 73 ? -20.252 3.688   -12.727 1.00 46.21 ? 725 ASP B CG  1 
ATOM   1238 O OD1 . ASP B 1 73 ? -21.421 4.017   -12.402 1.00 48.05 ? 725 ASP B OD1 1 
ATOM   1239 O OD2 . ASP B 1 73 ? -19.583 4.246   -13.645 1.00 43.06 ? 725 ASP B OD2 1 
ATOM   1240 N N   . LEU B 1 74 ? -19.118 1.586   -8.619  1.00 36.83 ? 726 LEU B N   1 
ATOM   1241 C CA  . LEU B 1 74 ? -18.332 0.629   -7.817  1.00 38.35 ? 726 LEU B CA  1 
ATOM   1242 C C   . LEU B 1 74 ? -19.086 0.181   -6.546  1.00 36.87 ? 726 LEU B C   1 
ATOM   1243 O O   . LEU B 1 74 ? -19.658 0.979   -5.872  1.00 36.79 ? 726 LEU B O   1 
ATOM   1244 C CB  . LEU B 1 74 ? -16.938 1.190   -7.413  1.00 37.17 ? 726 LEU B CB  1 
ATOM   1245 C CG  . LEU B 1 74 ? -15.996 1.647   -8.560  1.00 38.23 ? 726 LEU B CG  1 
ATOM   1246 C CD1 . LEU B 1 74 ? -14.571 1.925   -8.086  1.00 38.59 ? 726 LEU B CD1 1 
ATOM   1247 C CD2 . LEU B 1 74 ? -15.923 0.600   -9.589  1.00 33.40 ? 726 LEU B CD2 1 
ATOM   1248 N N   . THR B 1 75 ? -19.027 -1.114  -6.249  1.00 37.60 ? 727 THR B N   1 
ATOM   1249 C CA  . THR B 1 75 ? -19.763 -1.714  -5.141  1.00 37.84 ? 727 THR B CA  1 
ATOM   1250 C C   . THR B 1 75 ? -19.308 -1.195  -3.800  1.00 40.26 ? 727 THR B C   1 
ATOM   1251 O O   . THR B 1 75 ? -20.154 -1.046  -2.862  1.00 41.81 ? 727 THR B O   1 
ATOM   1252 C CB  . THR B 1 75 ? -19.592 -3.222  -5.180  1.00 36.68 ? 727 THR B CB  1 
ATOM   1253 O OG1 . THR B 1 75 ? -20.376 -3.723  -6.273  1.00 40.36 ? 727 THR B OG1 1 
ATOM   1254 C CG2 . THR B 1 75 ? -20.123 -3.884  -3.910  1.00 37.31 ? 727 THR B CG2 1 
ATOM   1255 N N   . ILE B 1 76 ? -18.001 -0.940  -3.655  1.00 39.39 ? 728 ILE B N   1 
ATOM   1256 C CA  . ILE B 1 76 ? -17.487 -0.363  -2.402  1.00 39.57 ? 728 ILE B CA  1 
ATOM   1257 C C   . ILE B 1 76 ? -17.458 1.146   -2.555  1.00 39.76 ? 728 ILE B C   1 
ATOM   1258 O O   . ILE B 1 76 ? -16.942 1.708   -3.514  1.00 40.17 ? 728 ILE B O   1 
ATOM   1259 C CB  . ILE B 1 76 ? -16.080 -0.956  -2.048  1.00 40.20 ? 728 ILE B CB  1 
ATOM   1260 C CG1 . ILE B 1 76 ? -16.184 -2.464  -1.679  1.00 38.15 ? 728 ILE B CG1 1 
ATOM   1261 C CG2 . ILE B 1 76 ? -15.494 -0.240  -0.861  1.00 41.70 ? 728 ILE B CG2 1 
ATOM   1262 C CD1 . ILE B 1 76 ? -14.760 -3.211  -1.496  1.00 40.41 ? 728 ILE B CD1 1 
ATOM   1263 N N   . GLU B 1 77 ? -18.055 1.831   -1.610  1.00 38.95 ? 729 GLU B N   1 
ATOM   1264 C CA  . GLU B 1 77 ? -18.217 3.249   -1.707  1.00 38.10 ? 729 GLU B CA  1 
ATOM   1265 C C   . GLU B 1 77 ? -16.858 3.931   -1.523  1.00 39.49 ? 729 GLU B C   1 
ATOM   1266 O O   . GLU B 1 77 ? -15.909 3.315   -1.039  1.00 37.97 ? 729 GLU B O   1 
ATOM   1267 C CB  . GLU B 1 77 ? -19.180 3.692   -0.618  1.00 37.82 ? 729 GLU B CB  1 
ATOM   1268 C CG  . GLU B 1 77 ? -20.492 2.967   -0.610  1.00 37.76 ? 729 GLU B CG  1 
ATOM   1269 C CD  . GLU B 1 77 ? -20.461 1.575   0.215   1.00 40.68 ? 729 GLU B CD  1 
ATOM   1270 O OE1 . GLU B 1 77 ? -19.379 0.954   0.508   1.00 39.79 ? 729 GLU B OE1 1 
ATOM   1271 O OE2 . GLU B 1 77 ? -21.553 1.132   0.629   1.00 40.27 ? 729 GLU B OE2 1 
ATOM   1272 N N   . GLU B 1 78 ? -16.772 5.215   -1.869  1.00 40.56 ? 730 GLU B N   1 
ATOM   1273 C CA  . GLU B 1 78 ? -15.507 5.946   -1.869  1.00 41.64 ? 730 GLU B CA  1 
ATOM   1274 C C   . GLU B 1 78 ? -14.851 6.028   -0.483  1.00 40.29 ? 730 GLU B C   1 
ATOM   1275 O O   . GLU B 1 78 ? -13.657 5.801   -0.345  1.00 39.16 ? 730 GLU B O   1 
ATOM   1276 C CB  . GLU B 1 78 ? -15.838 7.366   -2.360  1.00 43.63 ? 730 GLU B CB  1 
ATOM   1277 C CG  . GLU B 1 78 ? -14.688 8.384   -2.574  1.00 49.42 ? 730 GLU B CG  1 
ATOM   1278 C CD  . GLU B 1 78 ? -15.189 9.647   -3.426  1.00 58.83 ? 730 GLU B CD  1 
ATOM   1279 O OE1 . GLU B 1 78 ? -16.263 9.577   -4.100  1.00 62.46 ? 730 GLU B OE1 1 
ATOM   1280 O OE2 . GLU B 1 78 ? -14.520 10.709  -3.411  1.00 63.09 ? 730 GLU B OE2 1 
ATOM   1281 N N   . GLN B 1 79 ? -15.600 6.464   0.530   1.00 40.21 ? 731 GLN B N   1 
ATOM   1282 C CA  . GLN B 1 79 ? -15.044 6.650   1.836   1.00 40.14 ? 731 GLN B CA  1 
ATOM   1283 C C   . GLN B 1 79 ? -14.570 5.287   2.452   1.00 39.30 ? 731 GLN B C   1 
ATOM   1284 O O   . GLN B 1 79 ? -13.462 5.167   3.002   1.00 39.39 ? 731 GLN B O   1 
ATOM   1285 C CB  . GLN B 1 79 ? -16.054 7.332   2.776   1.00 38.85 ? 731 GLN B CB  1 
ATOM   1286 C CG  . GLN B 1 79 ? -15.424 7.717   4.127   1.00 46.55 ? 731 GLN B CG  1 
ATOM   1287 C CD  . GLN B 1 79 ? -14.073 8.483   3.999   1.00 50.82 ? 731 GLN B CD  1 
ATOM   1288 O OE1 . GLN B 1 79 ? -13.951 9.447   3.245   1.00 54.94 ? 731 GLN B OE1 1 
ATOM   1289 N NE2 . GLN B 1 79 ? -13.075 8.044   4.732   1.00 51.31 ? 731 GLN B NE2 1 
ATOM   1290 N N   . ARG B 1 80 ? -15.441 4.297   2.398   1.00 39.03 ? 732 ARG B N   1 
ATOM   1291 C CA  . ARG B 1 80 ? -15.087 2.921   2.824   1.00 39.21 ? 732 ARG B CA  1 
ATOM   1292 C C   . ARG B 1 80 ? -13.819 2.499   2.142   1.00 37.88 ? 732 ARG B C   1 
ATOM   1293 O O   . ARG B 1 80 ? -12.952 1.900   2.772   1.00 38.65 ? 732 ARG B O   1 
ATOM   1294 C CB  . ARG B 1 80 ? -16.092 1.897   2.356   1.00 40.20 ? 732 ARG B CB  1 
ATOM   1295 C CG  . ARG B 1 80 ? -17.268 1.641   3.206   1.00 46.50 ? 732 ARG B CG  1 
ATOM   1296 C CD  . ARG B 1 80 ? -16.972 1.066   4.591   1.00 46.51 ? 732 ARG B CD  1 
ATOM   1297 N NE  . ARG B 1 80 ? -18.056 1.573   5.455   1.00 46.25 ? 732 ARG B NE  1 
ATOM   1298 C CZ  . ARG B 1 80 ? -19.025 0.808   5.938   1.00 45.89 ? 732 ARG B CZ  1 
ATOM   1299 N NH1 . ARG B 1 80 ? -19.046 -0.489  5.646   1.00 40.13 ? 732 ARG B NH1 1 
ATOM   1300 N NH2 . ARG B 1 80 ? -19.958 1.323   6.703   1.00 46.78 ? 732 ARG B NH2 1 
ATOM   1301 N N   . PHE B 1 81 ? -13.757 2.655   0.824   1.00 37.83 ? 733 PHE B N   1 
ATOM   1302 C CA  . PHE B 1 81 ? -12.579 2.210   0.090   1.00 37.74 ? 733 PHE B CA  1 
ATOM   1303 C C   . PHE B 1 81 ? -11.322 2.936   0.589   1.00 38.11 ? 733 PHE B C   1 
ATOM   1304 O O   . PHE B 1 81 ? -10.296 2.302   0.844   1.00 38.49 ? 733 PHE B O   1 
ATOM   1305 C CB  . PHE B 1 81 ? -12.737 2.420   -1.428  1.00 37.83 ? 733 PHE B CB  1 
ATOM   1306 C CG  . PHE B 1 81 ? -11.742 1.655   -2.216  1.00 39.50 ? 733 PHE B CG  1 
ATOM   1307 C CD1 . PHE B 1 81 ? -11.968 0.314   -2.515  1.00 35.29 ? 733 PHE B CD1 1 
ATOM   1308 C CD2 . PHE B 1 81 ? -10.491 2.231   -2.530  1.00 40.10 ? 733 PHE B CD2 1 
ATOM   1309 C CE1 . PHE B 1 81 ? -11.037 -0.423  -3.205  1.00 35.34 ? 733 PHE B CE1 1 
ATOM   1310 C CE2 . PHE B 1 81 ? -9.506  1.437   -3.217  1.00 35.34 ? 733 PHE B CE2 1 
ATOM   1311 C CZ  . PHE B 1 81 ? -9.817  0.150   -3.563  1.00 39.18 ? 733 PHE B CZ  1 
ATOM   1312 N N   . ALA B 1 82 ? -11.438 4.250   0.784   1.00 39.56 ? 734 ALA B N   1 
ATOM   1313 C CA  . ALA B 1 82 ? -10.332 5.063   1.314   1.00 39.55 ? 734 ALA B CA  1 
ATOM   1314 C C   . ALA B 1 82 ? -9.865  4.520   2.684   1.00 40.15 ? 734 ALA B C   1 
ATOM   1315 O O   . ALA B 1 82 ? -8.644  4.446   2.971   1.00 38.62 ? 734 ALA B O   1 
ATOM   1316 C CB  . ALA B 1 82 ? -10.768 6.476   1.426   1.00 40.14 ? 734 ALA B CB  1 
ATOM   1317 N N   . ASP B 1 83 ? -10.823 4.119   3.528   1.00 40.13 ? 735 ASP B N   1 
ATOM   1318 C CA  . ASP B 1 83 ? -10.512 3.642   4.885   1.00 39.28 ? 735 ASP B CA  1 
ATOM   1319 C C   . ASP B 1 83 ? -9.892  2.232   4.879   1.00 38.72 ? 735 ASP B C   1 
ATOM   1320 O O   . ASP B 1 83 ? -8.979  1.915   5.656   1.00 36.76 ? 735 ASP B O   1 
ATOM   1321 C CB  . ASP B 1 83 ? -11.765 3.680   5.789   1.00 40.08 ? 735 ASP B CB  1 
ATOM   1322 C CG  . ASP B 1 83 ? -12.230 5.110   6.060   1.00 44.01 ? 735 ASP B CG  1 
ATOM   1323 O OD1 . ASP B 1 83 ? -11.383 6.019   6.028   1.00 44.87 ? 735 ASP B OD1 1 
ATOM   1324 O OD2 . ASP B 1 83 ? -13.426 5.337   6.280   1.00 47.54 ? 735 ASP B OD2 1 
ATOM   1325 N N   . TYR B 1 84 ? -10.411 1.360   4.027   1.00 37.44 ? 736 TYR B N   1 
ATOM   1326 C CA  . TYR B 1 84 ? -9.764  0.089   3.789   1.00 35.23 ? 736 TYR B CA  1 
ATOM   1327 C C   . TYR B 1 84 ? -8.366  0.341   3.267   1.00 35.40 ? 736 TYR B C   1 
ATOM   1328 O O   . TYR B 1 84 ? -7.479  -0.359  3.646   1.00 36.26 ? 736 TYR B O   1 
ATOM   1329 C CB  . TYR B 1 84 ? -10.493 -0.696  2.666   1.00 34.97 ? 736 TYR B CB  1 
ATOM   1330 C CG  . TYR B 1 84 ? -11.658 -1.570  3.125   1.00 35.50 ? 736 TYR B CG  1 
ATOM   1331 C CD1 . TYR B 1 84 ? -11.482 -2.597  4.037   1.00 37.84 ? 736 TYR B CD1 1 
ATOM   1332 C CD2 . TYR B 1 84 ? -12.926 -1.343  2.639   1.00 37.09 ? 736 TYR B CD2 1 
ATOM   1333 C CE1 . TYR B 1 84 ? -12.596 -3.415  4.442   1.00 37.40 ? 736 TYR B CE1 1 
ATOM   1334 C CE2 . TYR B 1 84 ? -14.026 -2.051  3.062   1.00 34.76 ? 736 TYR B CE2 1 
ATOM   1335 C CZ  . TYR B 1 84 ? -13.879 -3.108  3.918   1.00 36.94 ? 736 TYR B CZ  1 
ATOM   1336 O OH  . TYR B 1 84 ? -15.051 -3.824  4.217   1.00 34.17 ? 736 TYR B OH  1 
ATOM   1337 N N   . GLN B 1 85 ? -8.203  1.287   2.317   1.00 36.08 ? 737 GLN B N   1 
ATOM   1338 C CA  . GLN B 1 85 ? -6.893  1.539   1.664   1.00 37.25 ? 737 GLN B CA  1 
ATOM   1339 C C   . GLN B 1 85 ? -5.868  1.999   2.710   1.00 37.32 ? 737 GLN B C   1 
ATOM   1340 O O   . GLN B 1 85 ? -4.713  1.593   2.691   1.00 37.89 ? 737 GLN B O   1 
ATOM   1341 C CB  . GLN B 1 85 ? -7.063  2.667   0.681   1.00 39.76 ? 737 GLN B CB  1 
ATOM   1342 C CG  . GLN B 1 85 ? -5.788  3.021   -0.134  1.00 43.65 ? 737 GLN B CG  1 
ATOM   1343 C CD  . GLN B 1 85 ? -6.091  4.094   -1.170  1.00 49.12 ? 737 GLN B CD  1 
ATOM   1344 O OE1 . GLN B 1 85 ? -6.021  3.853   -2.335  1.00 51.98 ? 737 GLN B OE1 1 
ATOM   1345 N NE2 . GLN B 1 85 ? -6.478  5.283   -0.714  1.00 52.56 ? 737 GLN B NE2 1 
ATOM   1346 N N   . SER B 1 86 ? -6.310  2.830   3.641   1.00 35.75 ? 738 SER B N   1 
ATOM   1347 C CA  . SER B 1 86 ? -5.413  3.289   4.672   1.00 38.55 ? 738 SER B CA  1 
ATOM   1348 C C   . SER B 1 86 ? -4.862  2.167   5.531   1.00 37.95 ? 738 SER B C   1 
ATOM   1349 O O   . SER B 1 86 ? -3.674  2.207   5.871   1.00 39.22 ? 738 SER B O   1 
ATOM   1350 C CB  . SER B 1 86 ? -6.099  4.330   5.576   1.00 38.60 ? 738 SER B CB  1 
ATOM   1351 O OG  . SER B 1 86 ? -5.128  4.708   6.548   1.00 42.02 ? 738 SER B OG  1 
ATOM   1352 N N   . LYS B 1 87 ? -5.695  1.181   5.878   1.00 38.19 ? 739 LYS B N   1 
ATOM   1353 C CA  . LYS B 1 87 ? -5.239  -0.026  6.597   1.00 37.04 ? 739 LYS B CA  1 
ATOM   1354 C C   . LYS B 1 87 ? -4.251  -0.866  5.763   1.00 37.17 ? 739 LYS B C   1 
ATOM   1355 O O   . LYS B 1 87 ? -3.224  -1.380  6.282   1.00 34.62 ? 739 LYS B O   1 
ATOM   1356 C CB  . LYS B 1 87 ? -6.438  -0.870  6.948   1.00 38.27 ? 739 LYS B CB  1 
ATOM   1357 C CG  . LYS B 1 87 ? -7.424  -0.203  7.916   1.00 42.45 ? 739 LYS B CG  1 
ATOM   1358 C CD  . LYS B 1 87 ? -7.386  -0.847  9.306   1.00 45.88 ? 739 LYS B CD  1 
ATOM   1359 C CE  . LYS B 1 87 ? -8.291  -0.135  10.374  1.00 47.79 ? 739 LYS B CE  1 
ATOM   1360 N NZ  . LYS B 1 87 ? -7.389  0.768   11.230  1.00 48.80 ? 739 LYS B NZ  1 
ATOM   1361 N N   . TYR B 1 88 ? -4.566  -1.025  4.469   1.00 36.22 ? 740 TYR B N   1 
ATOM   1362 C CA  . TYR B 1 88 ? -3.707  -1.696  3.536   1.00 35.39 ? 740 TYR B CA  1 
ATOM   1363 C C   . TYR B 1 88 ? -2.328  -0.998  3.498   1.00 35.92 ? 740 TYR B C   1 
ATOM   1364 O O   . TYR B 1 88 ? -1.281  -1.656  3.595   1.00 34.53 ? 740 TYR B O   1 
ATOM   1365 C CB  . TYR B 1 88 ? -4.361  -1.644  2.152   1.00 36.29 ? 740 TYR B CB  1 
ATOM   1366 C CG  . TYR B 1 88 ? -3.360  -1.811  1.055   1.00 36.68 ? 740 TYR B CG  1 
ATOM   1367 C CD1 . TYR B 1 88 ? -2.835  -3.074  0.765   1.00 34.71 ? 740 TYR B CD1 1 
ATOM   1368 C CD2 . TYR B 1 88 ? -2.961  -0.738  0.294   1.00 31.82 ? 740 TYR B CD2 1 
ATOM   1369 C CE1 . TYR B 1 88 ? -1.860  -3.241  -0.216  1.00 39.03 ? 740 TYR B CE1 1 
ATOM   1370 C CE2 . TYR B 1 88 ? -2.000  -0.872  -0.656  1.00 36.40 ? 740 TYR B CE2 1 
ATOM   1371 C CZ  . TYR B 1 88 ? -1.454  -2.131  -0.924  1.00 38.27 ? 740 TYR B CZ  1 
ATOM   1372 O OH  . TYR B 1 88 ? -0.525  -2.293  -1.875  1.00 41.23 ? 740 TYR B OH  1 
ATOM   1373 N N   . LEU B 1 89 ? -2.319  0.339   3.431   1.00 35.65 ? 741 LEU B N   1 
ATOM   1374 C CA  . LEU B 1 89 ? -1.051  1.071   3.311   1.00 35.20 ? 741 LEU B CA  1 
ATOM   1375 C C   . LEU B 1 89 ? -0.170  0.790   4.515   1.00 36.94 ? 741 LEU B C   1 
ATOM   1376 O O   . LEU B 1 89 ? 1.078   0.781   4.404   1.00 37.73 ? 741 LEU B O   1 
ATOM   1377 C CB  . LEU B 1 89 ? -1.306  2.579   3.088   1.00 33.71 ? 741 LEU B CB  1 
ATOM   1378 C CG  . LEU B 1 89 ? -1.973  3.095   1.755   1.00 36.15 ? 741 LEU B CG  1 
ATOM   1379 C CD1 . LEU B 1 89 ? -2.045  4.616   1.754   1.00 38.37 ? 741 LEU B CD1 1 
ATOM   1380 C CD2 . LEU B 1 89 ? -1.204  2.616   0.477   1.00 33.72 ? 741 LEU B CD2 1 
ATOM   1381 N N   . ASP B 1 90 ? -0.780  0.555   5.673   1.00 37.71 ? 742 ASP B N   1 
ATOM   1382 C CA  . ASP B 1 90 ? 0.033   0.308   6.846   1.00 42.16 ? 742 ASP B CA  1 
ATOM   1383 C C   . ASP B 1 90 ? 0.575   -1.116  6.995   1.00 43.77 ? 742 ASP B C   1 
ATOM   1384 O O   . ASP B 1 90 ? 1.360   -1.344  7.880   1.00 44.51 ? 742 ASP B O   1 
ATOM   1385 C CB  . ASP B 1 90 ? -0.765  0.600   8.096   1.00 42.91 ? 742 ASP B CB  1 
ATOM   1386 C CG  . ASP B 1 90 ? -0.773  2.067   8.416   1.00 44.86 ? 742 ASP B CG  1 
ATOM   1387 O OD1 . ASP B 1 90 ? 0.226   2.729   8.087   1.00 47.50 ? 742 ASP B OD1 1 
ATOM   1388 O OD2 . ASP B 1 90 ? -1.777  2.541   8.961   1.00 48.15 ? 742 ASP B OD2 1 
ATOM   1389 N N   . MET B 1 91 ? 0.112   -2.061  6.177   1.00 46.44 ? 743 MET B N   1 
ATOM   1390 C CA  . MET B 1 91 ? 0.438   -3.458  6.343   1.00 49.51 ? 743 MET B CA  1 
ATOM   1391 C C   . MET B 1 91 ? 1.868   -3.793  5.926   1.00 51.79 ? 743 MET B C   1 
ATOM   1392 O O   . MET B 1 91 ? 2.298   -3.510  4.803   1.00 52.13 ? 743 MET B O   1 
ATOM   1393 C CB  . MET B 1 91 ? -0.463  -4.294  5.482   1.00 50.17 ? 743 MET B CB  1 
ATOM   1394 C CG  . MET B 1 91 ? -1.922  -4.153  5.770   1.00 51.59 ? 743 MET B CG  1 
ATOM   1395 S SD  . MET B 1 91 ? -2.464  -5.024  7.284   1.00 51.90 ? 743 MET B SD  1 
ATOM   1396 C CE  . MET B 1 91 ? -2.749  -6.604  6.672   1.00 50.34 ? 743 MET B CE  1 
ATOM   1397 N N   . SER B 1 92 ? 2.590   -4.438  6.829   1.00 54.25 ? 744 SER B N   1 
ATOM   1398 C CA  . SER B 1 92 ? 3.936   -4.944  6.545   1.00 57.06 ? 744 SER B CA  1 
ATOM   1399 C C   . SER B 1 92 ? 4.113   -5.875  5.303   1.00 57.69 ? 744 SER B C   1 
ATOM   1400 O O   . SER B 1 92 ? 3.213   -6.630  4.905   1.00 59.55 ? 744 SER B O   1 
ATOM   1401 C CB  . SER B 1 92 ? 4.481   -5.621  7.793   1.00 57.45 ? 744 SER B CB  1 
ATOM   1402 O OG  . SER B 1 92 ? 3.617   -6.690  8.112   1.00 61.36 ? 744 SER B OG  1 
HETATM 1403 O O   . HOH C 2 .  ? 16.784  -0.562  -10.240 1.00 41.07 ? 3   HOH A O   1 
HETATM 1404 O O   . HOH C 2 .  ? -2.338  3.081   -4.943  1.00 39.76 ? 4   HOH A O   1 
HETATM 1405 O O   . HOH C 2 .  ? 18.129  -7.263  -0.373  1.00 45.73 ? 9   HOH A O   1 
HETATM 1406 O O   . HOH C 2 .  ? 18.264  -5.777  -7.091  1.00 44.24 ? 12  HOH A O   1 
HETATM 1407 O O   . HOH C 2 .  ? -0.170  5.564   -12.974 1.00 43.54 ? 13  HOH A O   1 
HETATM 1408 O O   . HOH C 2 .  ? 13.664  -5.603  -5.046  1.00 39.14 ? 19  HOH A O   1 
HETATM 1409 O O   . HOH C 2 .  ? 20.101  0.713   20.674  1.00 67.81 ? 20  HOH A O   1 
HETATM 1410 O O   . HOH C 2 .  ? 21.232  -8.126  -3.051  1.00 41.13 ? 22  HOH A O   1 
HETATM 1411 O O   . HOH C 2 .  ? 19.049  0.587   -3.297  1.00 43.84 ? 24  HOH A O   1 
HETATM 1412 O O   . HOH C 2 .  ? 14.826  -8.063  -2.879  1.00 46.54 ? 25  HOH A O   1 
HETATM 1413 O O   . HOH C 2 .  ? -2.730  2.012   -13.656 1.00 42.61 ? 26  HOH A O   1 
HETATM 1414 O O   . HOH C 2 .  ? 13.350  12.691  4.822   1.00 59.37 ? 28  HOH A O   1 
HETATM 1415 O O   . HOH C 2 .  ? 13.267  -2.506  -4.957  1.00 50.20 ? 30  HOH A O   1 
HETATM 1416 O O   . HOH C 2 .  ? 13.293  8.395   -9.184  1.00 46.98 ? 32  HOH A O   1 
HETATM 1417 O O   . HOH C 2 .  ? 19.214  1.188   -5.972  1.00 38.80 ? 34  HOH A O   1 
HETATM 1418 O O   . HOH C 2 .  ? 20.734  -4.364  14.735  1.00 54.60 ? 35  HOH A O   1 
HETATM 1419 O O   . HOH C 2 .  ? 5.567   -2.694  0.826   1.00 45.59 ? 37  HOH A O   1 
HETATM 1420 O O   . HOH C 2 .  ? 25.661  2.636   13.856  1.00 42.20 ? 38  HOH A O   1 
HETATM 1421 O O   . HOH C 2 .  ? 0.738   10.517  -8.251  1.00 59.89 ? 40  HOH A O   1 
HETATM 1422 O O   . HOH C 2 .  ? 8.736   -6.170  -9.204  1.00 45.92 ? 41  HOH A O   1 
HETATM 1423 O O   . HOH C 2 .  ? 3.651   7.939   2.587   1.00 47.32 ? 48  HOH A O   1 
HETATM 1424 O O   . HOH C 2 .  ? 19.226  -4.489  -9.611  1.00 54.42 ? 50  HOH A O   1 
HETATM 1425 O O   . HOH C 2 .  ? 19.281  -7.218  3.797   1.00 48.57 ? 51  HOH A O   1 
HETATM 1426 O O   . HOH C 2 .  ? -2.850  7.065   9.167   1.00 62.08 ? 53  HOH A O   1 
HETATM 1427 O O   . HOH C 2 .  ? -3.131  -0.249  -16.236 1.00 58.18 ? 55  HOH A O   1 
HETATM 1428 O O   . HOH C 2 .  ? 9.790   -7.784  7.871   1.00 53.86 ? 59  HOH A O   1 
HETATM 1429 O O   . HOH C 2 .  ? 11.321  11.621  11.048  1.00 58.17 ? 61  HOH A O   1 
HETATM 1430 O O   . HOH C 2 .  ? 21.042  -10.481 -3.798  1.00 54.99 ? 64  HOH A O   1 
HETATM 1431 O O   . HOH C 2 .  ? -4.336  6.984   -9.203  1.00 59.04 ? 65  HOH A O   1 
HETATM 1432 O O   . HOH C 2 .  ? 12.276  15.342  0.498   1.00 61.85 ? 70  HOH A O   1 
HETATM 1433 O O   . HOH C 2 .  ? 2.547   8.974   5.131   1.00 53.78 ? 75  HOH A O   1 
HETATM 1434 O O   . HOH C 2 .  ? 10.592  13.519  4.519   1.00 57.35 ? 81  HOH A O   1 
HETATM 1435 O O   . HOH C 2 .  ? 6.871   2.651   21.366  1.00 68.56 ? 83  HOH A O   1 
HETATM 1436 O O   . HOH C 2 .  ? -0.560  0.450   -16.449 1.00 57.34 ? 89  HOH A O   1 
HETATM 1437 O O   . HOH C 2 .  ? 19.036  -9.682  0.189   1.00 59.67 ? 90  HOH A O   1 
HETATM 1438 O O   . HOH C 2 .  ? 18.919  12.056  19.932  1.00 53.65 ? 94  HOH A O   1 
HETATM 1439 O O   . HOH C 2 .  ? 0.016   9.495   4.895   1.00 66.38 ? 95  HOH A O   1 
HETATM 1440 O O   . HOH C 2 .  ? 5.001   -7.539  -1.906  1.00 61.78 ? 97  HOH A O   1 
HETATM 1441 O O   . HOH C 2 .  ? 12.956  9.754   4.165   1.00 65.68 ? 100 HOH A O   1 
HETATM 1442 O O   . HOH C 2 .  ? 17.666  -3.696  -12.832 1.00 59.83 ? 106 HOH A O   1 
HETATM 1443 O O   . HOH C 2 .  ? 2.891   8.018   7.352   1.00 50.22 ? 109 HOH A O   1 
HETATM 1444 O O   . HOH C 2 .  ? -4.459  7.154   3.088   1.00 62.20 ? 138 HOH A O   1 
HETATM 1445 O O   . HOH C 2 .  ? 10.265  8.968   4.875   1.00 50.84 ? 154 HOH A O   1 
HETATM 1446 O O   . HOH C 2 .  ? 0.993   -2.110  -16.839 1.00 57.08 ? 155 HOH A O   1 
HETATM 1447 O O   . HOH C 2 .  ? -3.230  7.660   0.760   1.00 54.79 ? 156 HOH A O   1 
HETATM 1448 O O   . HOH C 2 .  ? -1.299  10.007  -3.378  1.00 59.01 ? 160 HOH A O   1 
HETATM 1449 O O   . HOH C 2 .  ? -5.472  -4.921  -12.347 1.00 41.52 ? 172 HOH A O   1 
HETATM 1450 O O   . HOH C 2 .  ? 20.153  -0.229  3.078   1.00 42.91 ? 179 HOH A O   1 
HETATM 1451 O O   . HOH C 2 .  ? 19.461  0.093   0.132   1.00 42.69 ? 180 HOH A O   1 
HETATM 1452 O O   . HOH C 2 .  ? -2.523  5.722   -5.404  1.00 48.79 ? 181 HOH A O   1 
HETATM 1453 O O   . HOH C 2 .  ? 4.992   8.727   9.496   1.00 44.71 ? 184 HOH A O   1 
HETATM 1454 O O   . HOH D 2 .  ? -1.587  -19.120 3.266   1.00 43.49 ? 1   HOH B O   1 
HETATM 1455 O O   . HOH D 2 .  ? -1.567  -16.174 13.164  1.00 43.62 ? 2   HOH B O   1 
HETATM 1456 O O   . HOH D 2 .  ? -3.453  0.967   9.985   1.00 51.54 ? 5   HOH B O   1 
HETATM 1457 O O   . HOH D 2 .  ? -2.313  -17.768 10.132  1.00 36.23 ? 6   HOH B O   1 
HETATM 1458 O O   . HOH D 2 .  ? -2.701  -8.955  -5.035  1.00 32.45 ? 7   HOH B O   1 
HETATM 1459 O O   . HOH D 2 .  ? -11.969 -13.315 7.229   1.00 52.72 ? 8   HOH B O   1 
HETATM 1460 O O   . HOH D 2 .  ? -8.147  -13.549 12.107  1.00 57.86 ? 10  HOH B O   1 
HETATM 1461 O O   . HOH D 2 .  ? -17.047 3.923   -5.035  1.00 47.79 ? 14  HOH B O   1 
HETATM 1462 O O   . HOH D 2 .  ? -1.660  -6.614  -11.666 1.00 53.27 ? 15  HOH B O   1 
HETATM 1463 O O   . HOH D 2 .  ? -3.444  0.298   -11.795 1.00 36.92 ? 16  HOH B O   1 
HETATM 1464 O O   . HOH D 2 .  ? -11.708 5.917   -2.402  1.00 46.08 ? 17  HOH B O   1 
HETATM 1465 O O   . HOH D 2 .  ? 2.878   -6.571  -10.875 1.00 68.08 ? 18  HOH B O   1 
HETATM 1466 O O   . HOH D 2 .  ? -25.228 3.115   -9.207  1.00 40.13 ? 21  HOH B O   1 
HETATM 1467 O O   . HOH D 2 .  ? -6.156  3.988   -16.623 1.00 44.88 ? 23  HOH B O   1 
HETATM 1468 O O   . HOH D 2 .  ? -14.245 2.419   -22.062 1.00 41.67 ? 27  HOH B O   1 
HETATM 1469 O O   . HOH D 2 .  ? 0.209   -4.028  2.248   1.00 62.47 ? 29  HOH B O   1 
HETATM 1470 O O   . HOH D 2 .  ? -8.880  3.247   8.017   1.00 43.97 ? 31  HOH B O   1 
HETATM 1471 O O   . HOH D 2 .  ? -1.927  -7.377  -7.093  1.00 43.40 ? 33  HOH B O   1 
HETATM 1472 O O   . HOH D 2 .  ? -6.439  -4.800  -15.032 1.00 53.66 ? 36  HOH B O   1 
HETATM 1473 O O   . HOH D 2 .  ? -17.006 9.893   -8.645  1.00 48.32 ? 39  HOH B O   1 
HETATM 1474 O O   . HOH D 2 .  ? -24.503 2.491   -6.755  1.00 41.84 ? 42  HOH B O   1 
HETATM 1475 O O   . HOH D 2 .  ? -9.024  5.586   -2.130  1.00 56.58 ? 43  HOH B O   1 
HETATM 1476 O O   . HOH D 2 .  ? -21.285 -0.448  -12.429 1.00 42.15 ? 45  HOH B O   1 
HETATM 1477 O O   . HOH D 2 .  ? -23.711 0.742   -12.221 1.00 51.03 ? 46  HOH B O   1 
HETATM 1478 O O   . HOH D 2 .  ? -6.797  6.112   1.942   1.00 50.19 ? 47  HOH B O   1 
HETATM 1479 O O   . HOH D 2 .  ? -19.040 6.644   -3.182  1.00 60.65 ? 52  HOH B O   1 
HETATM 1480 O O   . HOH D 2 .  ? -5.896  -5.574  16.110  1.00 71.55 ? 57  HOH B O   1 
HETATM 1481 O O   . HOH D 2 .  ? -14.441 11.153  -13.847 1.00 63.23 ? 58  HOH B O   1 
HETATM 1482 O O   . HOH D 2 .  ? -3.984  -16.150 3.111   1.00 53.62 ? 60  HOH B O   1 
HETATM 1483 O O   . HOH D 2 .  ? -7.913  7.737   -0.213  1.00 59.44 ? 66  HOH B O   1 
HETATM 1484 O O   . HOH D 2 .  ? -19.807 6.036   -15.653 1.00 61.92 ? 71  HOH B O   1 
HETATM 1485 O O   . HOH D 2 .  ? -8.966  1.315   -22.738 1.00 57.91 ? 73  HOH B O   1 
HETATM 1486 O O   . HOH D 2 .  ? -4.861  6.092   -11.712 1.00 58.18 ? 74  HOH B O   1 
HETATM 1487 O O   . HOH D 2 .  ? -15.659 -7.964  -16.839 1.00 54.24 ? 82  HOH B O   1 
HETATM 1488 O O   . HOH D 2 .  ? -5.858  8.446   -13.201 1.00 49.92 ? 91  HOH B O   1 
HETATM 1489 O O   . HOH D 2 .  ? -23.734 3.603   -11.324 1.00 57.86 ? 92  HOH B O   1 
HETATM 1490 O O   . HOH D 2 .  ? -16.521 8.720   -23.080 1.00 71.65 ? 101 HOH B O   1 
HETATM 1491 O O   . HOH D 2 .  ? -10.430 -13.520 18.841  1.00 62.67 ? 103 HOH B O   1 
HETATM 1492 O O   . HOH D 2 .  ? -4.785  -12.806 17.903  1.00 57.41 ? 112 HOH B O   1 
HETATM 1493 O O   . HOH D 2 .  ? 2.123   -7.526  -4.998  1.00 58.96 ? 119 HOH B O   1 
HETATM 1494 O O   . HOH D 2 .  ? -19.863 4.977   -17.939 1.00 55.04 ? 139 HOH B O   1 
HETATM 1495 O O   . HOH D 2 .  ? -10.460 10.137  -11.900 1.00 62.81 ? 140 HOH B O   1 
HETATM 1496 O O   . HOH D 2 .  ? -3.964  -15.095 17.319  1.00 64.66 ? 157 HOH B O   1 
HETATM 1497 O O   . HOH D 2 .  ? -17.956 10.763  -23.590 1.00 61.02 ? 163 HOH B O   1 
HETATM 1498 O O   . HOH D 2 .  ? -11.504 -10.074 -3.932  1.00 36.76 ? 168 HOH B O   1 
HETATM 1499 O O   . HOH D 2 .  ? -9.500  -8.831  -5.011  1.00 40.39 ? 169 HOH B O   1 
HETATM 1500 O O   . HOH D 2 .  ? -8.073  -10.830 -6.487  1.00 40.87 ? 170 HOH B O   1 
HETATM 1501 O O   . HOH D 2 .  ? -5.964  -6.336  -10.160 1.00 39.63 ? 171 HOH B O   1 
HETATM 1502 O O   . HOH D 2 .  ? -3.844  -7.690  -9.476  1.00 40.87 ? 173 HOH B O   1 
HETATM 1503 O O   . HOH D 2 .  ? -20.036 -7.155  -11.751 1.00 38.94 ? 174 HOH B O   1 
HETATM 1504 O O   . HOH D 2 .  ? -20.049 -9.019  -13.696 1.00 45.03 ? 175 HOH B O   1 
HETATM 1505 O O   . HOH D 2 .  ? -21.112 -4.569  -11.627 1.00 35.64 ? 176 HOH B O   1 
HETATM 1506 O O   . HOH D 2 .  ? -21.032 -8.852  -9.588  1.00 41.86 ? 177 HOH B O   1 
HETATM 1507 O O   . HOH D 2 .  ? -21.213 -8.089  -7.166  1.00 51.05 ? 178 HOH B O   1 
HETATM 1508 O O   . HOH D 2 .  ? 2.262   -13.703 7.362   1.00 46.00 ? 182 HOH B O   1 
HETATM 1509 O O   . HOH D 2 .  ? -1.538  -16.741 1.969   1.00 44.99 ? 183 HOH B O   1 
HETATM 1510 O O   . HOH D 2 .  ? -0.764  -14.269 14.894  1.00 50.04 ? 185 HOH B O   1 
HETATM 1511 O O   . HOH D 2 .  ? -11.341 8.153   -21.015 1.00 57.96 ? 186 HOH B O   1 
# 
